data_4MIG
#
_entry.id   4MIG
#
_cell.length_a   89.544
_cell.length_b   166.448
_cell.length_c   91.844
_cell.angle_alpha   90.00
_cell.angle_beta   106.41
_cell.angle_gamma   90.00
#
_symmetry.space_group_name_H-M   'P 1 21 1'
#
loop_
_entity.id
_entity.type
_entity.pdbx_description
1 polymer 'Pyranose 2-oxidase'
2 non-polymer 'DIHYDROFLAVINE-ADENINE DINUCLEOTIDE'
3 non-polymer 3-deoxy-3-fluoro-beta-D-glucopyranose
4 non-polymer 'MANGANESE (II) ION'
5 water water
#
_entity_poly.entity_id   1
_entity_poly.type   'polypeptide(L)'
_entity_poly.pdbx_seq_one_letter_code
;MASMTGGQQMGRGSMFLDTTPFRADEPYDVFIAGSGPIGATFAKLCVDANLRVCMVEIGAADSFTSKPMKGDPNAPRSVQ
FGPGQVPIPGYHKKNEIEYQKDIDRFVNVIKGALSTCSIPTSNNHIATLDPSVVSNSLDKPFISLGKNPAQNPFVNLGAE
AVTRGVGGMSTHWTCATPEFFAPADFNAPHRERPKLSTDAAEDARIWKDLYAQAKEIIGTSTTEFDHSIRHNLVLRKYND
IFQKENVIREFSPLPLACHRLTDPDYVEWHATDRILEELFTDPVKRGRFTLLTNHRCTKLVFKHYRPGEENEVDYALVED
LLPHMQNPGNPASVKKIYARSYVVACGAVATAQVLANSHIPPDDVVIPFPGGEKGSGGGERDATIPTPLMPMLGKYITEQ
PMTFCQVVLDSSLMEVVRNPPWPGLDWWKEKVARHVEAFPNDPIPIPFRDPEPQVTIKFTEEHPWHVQIHRDAFSYGAVA
ENMDTRVIVDYRFFGYTEPQEANELVFQQHYRDAYDMPQPTFKFTMSQDDRARARRMMDDMCNIALKIGGYLPGSEPQFM
TPGLALHLAGTTRCGLDTQKTVGNTHCKVHNFNNLYVGGNGVIETGFAANPTLTSICYAIRASNDIIAKFGRHRGKLAAA
LEHHHHHH
;
_entity_poly.pdbx_strand_id   A,B,C,D
#
loop_
_chem_comp.id
_chem_comp.type
_chem_comp.name
_chem_comp.formula
FDA non-polymer 'DIHYDROFLAVINE-ADENINE DINUCLEOTIDE' 'C27 H35 N9 O15 P2'
G3F D-saccharide, beta linking 3-deoxy-3-fluoro-beta-D-glucopyranose 'C6 H11 F O5'
MN non-polymer 'MANGANESE (II) ION' 'Mn 2'
#
# COMPACT_ATOMS: atom_id res chain seq x y z
N PRO A 27 48.77 -17.39 29.39
CA PRO A 27 47.37 -16.90 29.29
C PRO A 27 47.32 -15.37 29.35
N TYR A 28 46.42 -14.81 28.56
CA TYR A 28 45.96 -13.46 28.75
C TYR A 28 45.44 -13.27 30.18
N ASP A 29 45.44 -12.04 30.62
CA ASP A 29 44.77 -11.69 31.87
C ASP A 29 43.24 -11.75 31.77
N VAL A 30 42.67 -11.23 30.66
CA VAL A 30 41.25 -11.11 30.51
C VAL A 30 40.94 -11.50 29.05
N PHE A 31 39.95 -12.34 28.85
CA PHE A 31 39.36 -12.62 27.57
C PHE A 31 37.99 -12.01 27.62
N ILE A 32 37.63 -11.25 26.56
CA ILE A 32 36.38 -10.59 26.46
C ILE A 32 35.73 -11.00 25.09
N ALA A 33 34.52 -11.53 25.12
CA ALA A 33 33.74 -11.82 23.94
C ALA A 33 32.81 -10.60 23.79
N GLY A 34 32.99 -9.93 22.68
CA GLY A 34 32.11 -8.86 22.20
C GLY A 34 32.82 -7.53 22.23
N SER A 35 32.65 -6.69 21.20
CA SER A 35 33.33 -5.39 21.09
C SER A 35 32.39 -4.23 21.00
N GLY A 36 31.19 -4.38 21.59
CA GLY A 36 30.34 -3.25 21.83
C GLY A 36 30.90 -2.29 22.91
N PRO A 37 30.11 -1.29 23.28
CA PRO A 37 30.63 -0.33 24.20
C PRO A 37 30.89 -0.98 25.59
N ILE A 38 30.16 -2.07 25.91
CA ILE A 38 30.37 -2.73 27.23
C ILE A 38 31.69 -3.49 27.18
N GLY A 39 31.86 -4.38 26.21
CA GLY A 39 33.16 -5.01 26.02
C GLY A 39 34.31 -4.03 25.98
N ALA A 40 34.13 -2.91 25.26
CA ALA A 40 35.16 -1.92 25.14
C ALA A 40 35.55 -1.31 26.49
N THR A 41 34.54 -1.04 27.27
CA THR A 41 34.73 -0.52 28.60
C THR A 41 35.62 -1.46 29.47
N PHE A 42 35.32 -2.76 29.49
CA PHE A 42 36.19 -3.74 30.19
C PHE A 42 37.65 -3.65 29.63
N ALA A 43 37.77 -3.65 28.32
CA ALA A 43 39.09 -3.65 27.68
C ALA A 43 39.89 -2.40 28.08
N LYS A 44 39.24 -1.25 28.06
CA LYS A 44 39.92 0.00 28.36
C LYS A 44 40.38 -0.01 29.86
N LEU A 45 39.48 -0.34 30.75
CA LEU A 45 39.82 -0.27 32.20
C LEU A 45 40.87 -1.32 32.57
N CYS A 46 40.77 -2.51 31.95
CA CYS A 46 41.65 -3.62 32.26
C CYS A 46 43.07 -3.37 31.71
N VAL A 47 43.13 -2.90 30.46
CA VAL A 47 44.39 -2.46 29.86
C VAL A 47 45.04 -1.28 30.59
N ASP A 48 44.25 -0.29 31.00
CA ASP A 48 44.76 0.77 31.91
C ASP A 48 45.37 0.29 33.20
N ALA A 49 44.87 -0.80 33.78
CA ALA A 49 45.44 -1.44 34.95
C ALA A 49 46.53 -2.43 34.59
N ASN A 50 47.02 -2.38 33.38
CA ASN A 50 48.18 -3.15 33.00
CA ASN A 50 48.20 -3.13 32.99
C ASN A 50 47.99 -4.61 32.79
N LEU A 51 46.75 -4.99 32.53
CA LEU A 51 46.36 -6.36 32.23
C LEU A 51 46.41 -6.56 30.75
N ARG A 52 46.71 -7.81 30.34
CA ARG A 52 46.76 -8.17 28.91
C ARG A 52 45.43 -8.76 28.52
N VAL A 53 44.83 -8.15 27.49
CA VAL A 53 43.43 -8.37 27.13
C VAL A 53 43.33 -8.93 25.73
N CYS A 54 42.59 -10.02 25.58
CA CYS A 54 42.22 -10.46 24.24
C CYS A 54 40.72 -10.35 24.03
N MET A 55 40.27 -9.68 22.96
CA MET A 55 38.88 -9.47 22.71
C MET A 55 38.55 -10.11 21.36
N VAL A 56 37.44 -10.86 21.29
CA VAL A 56 36.99 -11.45 20.04
C VAL A 56 35.65 -10.80 19.70
N GLU A 57 35.47 -10.41 18.43
CA GLU A 57 34.23 -9.91 17.94
C GLU A 57 33.80 -10.75 16.72
N ILE A 58 32.53 -11.14 16.67
CA ILE A 58 32.04 -12.06 15.71
C ILE A 58 31.91 -11.44 14.35
N GLY A 59 31.65 -10.12 14.33
CA GLY A 59 31.49 -9.41 13.10
C GLY A 59 32.75 -8.73 12.69
N ALA A 60 32.63 -7.87 11.67
CA ALA A 60 33.75 -7.15 11.09
C ALA A 60 34.00 -5.73 11.64
N ALA A 61 35.27 -5.25 11.49
CA ALA A 61 35.59 -3.89 11.79
C ALA A 61 35.11 -3.18 10.57
N ASP A 62 33.98 -2.50 10.65
CA ASP A 62 33.43 -1.86 9.41
C ASP A 62 33.14 -0.37 9.50
N SER A 63 33.57 0.33 10.54
CA SER A 63 33.48 1.80 10.58
CA SER A 63 33.52 1.79 10.54
C SER A 63 34.67 2.33 11.36
N PHE A 64 35.36 3.30 10.78
CA PHE A 64 36.65 3.73 11.29
C PHE A 64 36.71 5.25 11.29
N THR A 65 37.42 5.77 12.26
CA THR A 65 38.00 7.05 12.20
C THR A 65 39.56 6.88 12.29
N SER A 66 40.23 8.01 12.33
CA SER A 66 41.66 8.10 12.36
C SER A 66 42.04 9.09 13.42
N LYS A 67 42.95 8.72 14.33
CA LYS A 67 43.56 9.71 15.28
C LYS A 67 45.11 9.67 15.26
N PRO A 68 45.76 10.76 15.71
CA PRO A 68 47.24 10.73 15.72
C PRO A 68 47.73 9.76 16.80
N MET A 69 48.85 9.09 16.56
CA MET A 69 49.55 8.25 17.55
C MET A 69 50.06 9.11 18.72
N LYS A 70 50.11 8.60 19.94
CA LYS A 70 50.47 9.46 21.06
C LYS A 70 51.90 9.99 20.87
N GLN A 80 44.28 12.63 7.83
CA GLN A 80 43.28 11.56 7.98
C GLN A 80 43.73 10.40 7.13
N PHE A 81 43.92 9.28 7.81
CA PHE A 81 44.53 8.11 7.20
C PHE A 81 45.84 8.42 6.42
N GLY A 82 46.57 9.48 6.82
CA GLY A 82 47.94 9.76 6.33
C GLY A 82 48.98 9.24 7.32
N PRO A 83 50.10 9.96 7.53
CA PRO A 83 51.03 9.58 8.61
C PRO A 83 50.89 10.58 9.77
N GLY A 84 51.33 10.26 10.98
CA GLY A 84 51.34 8.92 11.55
C GLY A 84 50.02 8.88 12.30
N GLN A 85 48.97 8.69 11.53
CA GLN A 85 47.62 8.56 12.05
C GLN A 85 47.31 7.07 12.21
N VAL A 86 46.51 6.71 13.22
CA VAL A 86 46.14 5.30 13.51
C VAL A 86 44.61 5.09 13.23
N PRO A 87 44.21 4.03 12.50
CA PRO A 87 42.78 3.77 12.21
C PRO A 87 42.08 3.26 13.46
N ILE A 88 40.89 3.75 13.82
CA ILE A 88 40.24 3.29 15.07
C ILE A 88 38.84 2.82 14.66
N PRO A 89 38.50 1.54 14.90
CA PRO A 89 37.25 1.00 14.52
C PRO A 89 36.17 1.34 15.55
N GLY A 90 34.95 0.99 15.21
CA GLY A 90 33.81 1.22 16.08
C GLY A 90 33.31 2.65 16.15
N TYR A 91 33.50 3.39 15.05
CA TYR A 91 33.14 4.77 14.90
C TYR A 91 31.69 4.90 14.45
N HIS A 92 31.05 5.93 14.92
CA HIS A 92 29.64 6.04 14.71
C HIS A 92 29.36 6.31 13.21
N LYS A 93 28.51 5.49 12.59
CA LYS A 93 28.31 5.59 11.17
C LYS A 93 27.61 6.92 10.77
N LYS A 94 26.89 7.53 11.71
CA LYS A 94 26.21 8.78 11.45
C LYS A 94 27.15 9.97 11.31
N ASN A 95 28.42 9.75 11.66
CA ASN A 95 29.36 10.82 11.59
C ASN A 95 29.77 11.17 10.18
N GLU A 96 29.47 10.35 9.18
CA GLU A 96 29.87 10.62 7.82
C GLU A 96 29.07 11.83 7.32
N ILE A 97 29.73 12.77 6.68
CA ILE A 97 29.11 14.01 6.25
C ILE A 97 27.83 13.77 5.47
N GLU A 98 27.81 12.74 4.64
CA GLU A 98 26.60 12.40 3.83
C GLU A 98 25.38 12.29 4.72
N TYR A 99 25.52 11.68 5.90
CA TYR A 99 24.36 11.57 6.85
C TYR A 99 24.11 12.82 7.71
N GLN A 100 25.12 13.62 7.92
CA GLN A 100 24.92 14.92 8.56
C GLN A 100 24.09 15.84 7.56
N LYS A 101 24.33 15.71 6.27
CA LYS A 101 23.60 16.50 5.24
C LYS A 101 22.21 15.98 4.90
N ASP A 102 22.02 14.65 4.95
CA ASP A 102 20.75 14.02 4.57
C ASP A 102 20.48 12.84 5.56
N ILE A 103 20.11 13.22 6.79
CA ILE A 103 19.89 12.32 7.89
C ILE A 103 18.77 11.33 7.57
N ASP A 104 17.81 11.67 6.71
CA ASP A 104 16.76 10.68 6.35
C ASP A 104 17.38 9.45 5.67
N ARG A 105 18.56 9.57 5.08
CA ARG A 105 19.18 8.39 4.50
C ARG A 105 19.67 7.38 5.54
N PHE A 106 19.91 7.81 6.76
CA PHE A 106 20.50 6.92 7.79
C PHE A 106 19.62 5.76 8.24
N VAL A 107 18.32 5.88 8.09
CA VAL A 107 17.41 4.76 8.33
C VAL A 107 17.84 3.51 7.59
N ASN A 108 18.34 3.65 6.35
CA ASN A 108 18.87 2.50 5.59
C ASN A 108 20.08 1.86 6.23
N VAL A 109 20.98 2.66 6.82
CA VAL A 109 22.09 2.11 7.60
C VAL A 109 21.64 1.25 8.78
N ILE A 110 20.64 1.74 9.49
CA ILE A 110 20.12 1.04 10.64
C ILE A 110 19.44 -0.23 10.18
N LYS A 111 18.59 -0.14 9.15
CA LYS A 111 17.89 -1.37 8.65
C LYS A 111 18.93 -2.42 8.15
N GLY A 112 19.97 -1.96 7.51
CA GLY A 112 21.11 -2.84 7.15
C GLY A 112 21.86 -3.52 8.34
N ALA A 113 21.81 -2.93 9.54
CA ALA A 113 22.67 -3.32 10.60
C ALA A 113 21.95 -4.30 11.53
N LEU A 114 20.65 -4.41 11.43
CA LEU A 114 19.83 -5.12 12.37
C LEU A 114 19.44 -6.51 11.83
N SER A 115 19.69 -7.53 12.62
CA SER A 115 19.41 -8.91 12.27
C SER A 115 18.39 -9.42 13.30
N THR A 116 17.17 -9.78 12.88
CA THR A 116 16.08 -10.11 13.76
C THR A 116 16.35 -11.42 14.41
N CYS A 117 16.14 -11.47 15.71
CA CYS A 117 16.49 -12.68 16.52
C CYS A 117 15.65 -13.90 16.21
N SER A 118 14.34 -13.76 16.28
CA SER A 118 13.44 -14.93 16.17
C SER A 118 12.24 -14.62 15.22
N ILE A 119 12.25 -15.28 14.09
CA ILE A 119 11.20 -15.13 13.02
C ILE A 119 10.39 -16.42 12.94
N PRO A 120 9.13 -16.37 13.34
CA PRO A 120 8.31 -17.53 13.26
C PRO A 120 8.15 -18.07 11.83
N THR A 121 7.96 -19.37 11.72
CA THR A 121 7.57 -20.04 10.45
C THR A 121 6.12 -19.68 10.08
N SER A 122 5.81 -19.70 8.78
CA SER A 122 4.49 -19.45 8.34
C SER A 122 4.25 -20.33 7.11
N ASN A 123 2.99 -20.57 6.74
CA ASN A 123 2.71 -21.34 5.54
C ASN A 123 1.54 -20.72 4.79
N ASN A 124 1.71 -19.48 4.36
CA ASN A 124 0.63 -18.71 3.77
C ASN A 124 0.40 -19.12 2.33
N HIS A 125 -0.86 -19.36 1.97
CA HIS A 125 -1.19 -19.60 0.55
C HIS A 125 -1.10 -18.37 -0.31
N ILE A 126 -0.43 -18.49 -1.46
CA ILE A 126 -0.35 -17.39 -2.43
C ILE A 126 -1.26 -17.73 -3.59
N ALA A 127 -2.41 -17.10 -3.61
CA ALA A 127 -3.45 -17.53 -4.56
C ALA A 127 -3.17 -17.20 -6.03
N THR A 128 -2.34 -16.19 -6.33
CA THR A 128 -2.15 -15.79 -7.66
C THR A 128 -0.75 -16.22 -8.30
N LEU A 129 -0.06 -17.21 -7.73
CA LEU A 129 1.02 -17.85 -8.46
C LEU A 129 0.59 -18.42 -9.80
N ASP A 130 1.48 -18.40 -10.81
CA ASP A 130 1.33 -19.15 -12.03
C ASP A 130 1.20 -20.65 -11.56
N PRO A 131 0.17 -21.36 -12.01
CA PRO A 131 -0.10 -22.69 -11.50
C PRO A 131 0.96 -23.74 -11.88
N SER A 132 1.90 -23.39 -12.73
CA SER A 132 3.00 -24.28 -13.07
C SER A 132 4.26 -24.17 -12.21
N VAL A 133 4.35 -23.20 -11.30
CA VAL A 133 5.52 -22.94 -10.53
C VAL A 133 5.53 -23.67 -9.23
N VAL A 134 6.72 -23.74 -8.63
CA VAL A 134 6.93 -24.31 -7.31
C VAL A 134 6.01 -23.59 -6.29
N SER A 135 5.31 -24.40 -5.49
CA SER A 135 4.41 -23.85 -4.49
C SER A 135 4.52 -24.69 -3.18
N ASN A 136 4.28 -24.03 -2.06
CA ASN A 136 3.94 -24.69 -0.79
C ASN A 136 2.56 -25.28 -0.86
N SER A 137 2.28 -26.21 0.04
CA SER A 137 0.96 -26.82 0.12
C SER A 137 0.68 -27.01 1.60
N LEU A 138 -0.53 -27.48 1.93
CA LEU A 138 -0.84 -27.72 3.34
C LEU A 138 0.09 -28.80 3.98
N ASP A 139 0.30 -29.92 3.33
CA ASP A 139 1.12 -30.91 3.97
C ASP A 139 2.59 -30.72 3.52
N LYS A 140 2.93 -29.81 2.59
CA LYS A 140 4.36 -29.63 2.29
C LYS A 140 4.72 -28.16 2.31
N PRO A 141 4.83 -27.59 3.50
CA PRO A 141 5.34 -26.18 3.56
C PRO A 141 6.79 -26.04 3.11
N PHE A 142 7.16 -24.84 2.75
CA PHE A 142 8.57 -24.54 2.53
C PHE A 142 9.37 -24.69 3.83
N ILE A 143 10.67 -25.00 3.71
CA ILE A 143 11.57 -24.97 4.84
C ILE A 143 12.49 -23.80 4.52
N SER A 144 12.34 -22.78 5.35
CA SER A 144 12.89 -21.47 5.06
C SER A 144 14.05 -21.27 6.04
N LEU A 145 15.22 -21.10 5.46
CA LEU A 145 16.42 -20.92 6.24
C LEU A 145 16.21 -19.62 7.08
N GLY A 146 16.54 -19.75 8.34
CA GLY A 146 16.60 -18.61 9.24
C GLY A 146 15.35 -18.56 10.12
N LYS A 147 14.26 -19.18 9.69
CA LYS A 147 13.05 -19.11 10.51
C LYS A 147 13.18 -20.04 11.69
N ASN A 148 12.45 -19.76 12.77
CA ASN A 148 12.49 -20.50 13.99
C ASN A 148 11.19 -21.20 14.16
N PRO A 149 11.13 -22.51 13.85
CA PRO A 149 9.93 -23.29 14.00
C PRO A 149 9.43 -23.41 15.41
N ALA A 150 10.29 -23.23 16.41
CA ALA A 150 9.81 -23.29 17.80
C ALA A 150 9.13 -22.06 18.28
N GLN A 151 9.24 -20.92 17.58
CA GLN A 151 8.68 -19.69 18.13
C GLN A 151 7.17 -19.53 17.99
N ASN A 152 6.47 -19.39 19.12
CA ASN A 152 5.05 -18.97 19.13
C ASN A 152 5.01 -17.49 18.86
N PRO A 153 4.37 -17.11 17.75
CA PRO A 153 4.33 -15.67 17.37
C PRO A 153 3.62 -14.79 18.41
N PHE A 154 2.79 -15.39 19.26
CA PHE A 154 1.96 -14.61 20.20
C PHE A 154 2.71 -14.21 21.46
N VAL A 155 3.88 -14.77 21.66
CA VAL A 155 4.72 -14.54 22.88
C VAL A 155 6.12 -14.13 22.50
N ASN A 156 6.26 -13.58 21.28
CA ASN A 156 7.58 -13.29 20.71
C ASN A 156 7.92 -11.86 21.07
N LEU A 157 9.19 -11.54 20.95
CA LEU A 157 9.60 -10.17 20.80
C LEU A 157 10.05 -10.05 19.35
N GLY A 158 9.07 -9.81 18.44
CA GLY A 158 9.35 -9.98 17.01
C GLY A 158 10.26 -8.99 16.35
N ALA A 159 10.48 -7.83 16.97
CA ALA A 159 11.39 -6.85 16.45
C ALA A 159 12.72 -6.82 17.23
N GLU A 160 12.89 -7.71 18.24
CA GLU A 160 14.20 -7.80 18.84
C GLU A 160 15.26 -8.19 17.79
N ALA A 161 16.43 -7.59 17.83
CA ALA A 161 17.43 -7.75 16.79
C ALA A 161 18.82 -7.47 17.36
N VAL A 162 19.83 -7.94 16.64
CA VAL A 162 21.23 -7.73 17.04
C VAL A 162 21.97 -7.07 15.90
N THR A 163 23.14 -6.48 16.21
CA THR A 163 24.04 -5.96 15.20
C THR A 163 25.41 -6.59 15.48
N ARG A 164 26.05 -7.20 14.48
CA ARG A 164 27.35 -7.82 14.67
C ARG A 164 28.38 -7.00 13.95
N GLY A 165 29.37 -6.50 14.66
CA GLY A 165 30.42 -5.66 14.03
C GLY A 165 31.19 -5.04 15.18
N VAL A 166 32.39 -4.57 14.93
CA VAL A 166 33.11 -3.82 15.92
C VAL A 166 32.32 -2.58 16.34
N GLY A 167 32.08 -2.52 17.63
CA GLY A 167 31.26 -1.49 18.24
C GLY A 167 29.84 -1.85 18.46
N GLY A 168 29.46 -3.05 18.03
CA GLY A 168 28.09 -3.59 18.29
C GLY A 168 27.05 -2.61 17.77
N MET A 169 26.03 -2.37 18.58
CA MET A 169 25.01 -1.39 18.23
C MET A 169 25.45 0.05 18.31
N SER A 170 26.60 0.31 18.91
CA SER A 170 27.02 1.70 19.13
C SER A 170 27.40 2.40 17.83
N THR A 171 27.57 1.65 16.73
CA THR A 171 27.83 2.30 15.49
C THR A 171 26.64 2.97 14.77
N HIS A 172 25.43 2.79 15.28
CA HIS A 172 24.22 3.42 14.75
C HIS A 172 23.30 3.99 15.83
N TRP A 173 23.52 3.74 17.15
CA TRP A 173 22.59 4.16 18.18
C TRP A 173 22.26 5.65 18.29
N THR A 174 21.16 5.95 18.95
CA THR A 174 20.71 7.31 19.07
CA THR A 174 20.74 7.33 19.02
C THR A 174 21.46 8.16 20.09
N CYS A 175 22.25 7.50 20.91
CA CYS A 175 23.23 8.12 21.90
C CYS A 175 22.51 8.70 23.11
N ALA A 176 21.26 8.32 23.36
CA ALA A 176 20.60 8.80 24.59
C ALA A 176 21.11 8.10 25.84
N THR A 177 21.50 8.90 26.83
CA THR A 177 22.15 8.32 28.02
C THR A 177 21.61 8.95 29.32
N PRO A 178 20.34 8.74 29.60
CA PRO A 178 19.77 9.22 30.87
C PRO A 178 20.18 8.27 32.00
N GLU A 179 20.06 8.75 33.24
CA GLU A 179 20.23 7.89 34.46
C GLU A 179 18.91 7.23 34.72
N PHE A 180 18.94 6.14 35.48
CA PHE A 180 17.74 5.49 35.96
C PHE A 180 17.23 6.13 37.25
N PHE A 181 15.92 6.18 37.37
CA PHE A 181 15.21 6.74 38.50
C PHE A 181 15.43 5.90 39.78
N ALA A 182 15.74 6.53 40.92
CA ALA A 182 15.86 5.87 42.20
C ALA A 182 14.83 6.60 43.13
N PRO A 183 13.85 5.91 43.63
CA PRO A 183 12.93 6.67 44.52
C PRO A 183 13.61 7.16 45.86
N ALA A 184 13.03 8.21 46.48
CA ALA A 184 13.38 8.70 47.85
C ALA A 184 13.38 7.56 48.86
N ASP A 185 12.38 6.71 48.83
CA ASP A 185 12.29 5.59 49.77
C ASP A 185 13.00 4.38 49.17
N PHE A 186 14.03 3.91 49.87
CA PHE A 186 14.83 2.76 49.40
C PHE A 186 13.99 1.46 49.35
N ASN A 187 12.85 1.43 50.05
CA ASN A 187 11.98 0.28 50.03
C ASN A 187 10.72 0.46 49.20
N ALA A 188 10.65 1.53 48.44
CA ALA A 188 9.57 1.68 47.51
C ALA A 188 9.36 0.42 46.66
N PRO A 189 8.10 0.09 46.33
CA PRO A 189 7.77 -1.10 45.56
C PRO A 189 8.34 -1.15 44.10
N HIS A 190 8.72 -0.01 43.49
CA HIS A 190 9.38 -0.02 42.22
C HIS A 190 10.51 0.96 42.16
N ARG A 191 11.56 0.60 41.41
CA ARG A 191 12.72 1.46 41.17
C ARG A 191 13.30 1.07 39.77
N GLU A 192 13.78 2.05 38.99
CA GLU A 192 14.52 1.73 37.76
C GLU A 192 15.98 1.34 38.13
N ARG A 193 16.62 2.13 39.01
CA ARG A 193 18.02 1.86 39.36
C ARG A 193 18.19 0.70 40.26
N PRO A 194 18.93 -0.37 39.82
CA PRO A 194 19.04 -1.54 40.76
C PRO A 194 19.78 -1.23 42.02
N LYS A 195 19.53 -2.05 43.04
CA LYS A 195 20.34 -1.95 44.24
C LYS A 195 21.71 -2.63 44.13
N LEU A 196 22.77 -1.88 44.52
CA LEU A 196 24.12 -2.44 44.66
C LEU A 196 24.50 -2.85 46.05
N SER A 197 23.72 -2.39 47.03
CA SER A 197 23.99 -2.71 48.44
C SER A 197 22.69 -2.74 49.17
N THR A 198 22.59 -3.39 50.37
CA THR A 198 21.46 -3.10 51.26
C THR A 198 21.59 -1.78 52.04
N ASP A 199 22.74 -1.11 51.93
CA ASP A 199 22.96 0.13 52.63
C ASP A 199 22.57 1.28 51.67
N ALA A 200 21.42 1.89 51.92
CA ALA A 200 20.88 2.96 50.97
C ALA A 200 21.84 4.03 50.73
N ALA A 201 22.46 4.52 51.82
CA ALA A 201 23.38 5.68 51.67
C ALA A 201 24.62 5.31 50.83
N GLU A 202 25.12 4.12 50.99
CA GLU A 202 26.29 3.69 50.24
C GLU A 202 25.85 3.47 48.79
N ASP A 203 24.70 2.85 48.59
CA ASP A 203 24.19 2.55 47.27
C ASP A 203 24.15 3.87 46.46
N ALA A 204 23.63 4.96 47.06
CA ALA A 204 23.47 6.28 46.39
C ALA A 204 24.79 6.88 46.05
N ARG A 205 25.78 6.73 46.96
CA ARG A 205 27.01 7.40 46.69
C ARG A 205 27.79 6.66 45.63
N ILE A 206 27.72 5.32 45.68
CA ILE A 206 28.40 4.47 44.68
C ILE A 206 27.79 4.83 43.31
N TRP A 207 26.48 4.80 43.19
CA TRP A 207 25.86 5.09 41.89
C TRP A 207 26.18 6.47 41.38
N LYS A 208 26.25 7.43 42.29
CA LYS A 208 26.53 8.75 41.90
C LYS A 208 27.86 8.90 41.14
N ASP A 209 28.89 8.31 41.70
CA ASP A 209 30.20 8.37 41.08
C ASP A 209 30.32 7.41 39.85
N LEU A 210 29.67 6.27 39.83
CA LEU A 210 29.64 5.41 38.65
C LEU A 210 29.01 6.14 37.48
N TYR A 211 27.87 6.75 37.67
CA TYR A 211 27.27 7.51 36.59
C TYR A 211 28.17 8.63 36.11
N ALA A 212 28.88 9.30 37.02
CA ALA A 212 29.77 10.37 36.60
C ALA A 212 30.94 9.79 35.79
N GLN A 213 31.42 8.66 36.16
CA GLN A 213 32.53 8.04 35.42
C GLN A 213 32.00 7.48 34.08
N ALA A 214 30.84 6.81 34.07
CA ALA A 214 30.21 6.30 32.82
C ALA A 214 29.95 7.45 31.85
N LYS A 215 29.46 8.57 32.35
CA LYS A 215 29.25 9.74 31.49
C LYS A 215 30.54 10.24 30.84
N GLU A 216 31.64 10.21 31.57
CA GLU A 216 32.93 10.65 31.00
C GLU A 216 33.43 9.65 29.93
N ILE A 217 33.26 8.36 30.19
CA ILE A 217 33.70 7.30 29.24
C ILE A 217 32.92 7.41 27.96
N ILE A 218 31.57 7.62 28.01
CA ILE A 218 30.77 7.74 26.77
C ILE A 218 30.63 9.17 26.27
N GLY A 219 30.91 10.16 27.10
CA GLY A 219 30.94 11.62 26.63
C GLY A 219 29.52 12.18 26.61
N THR A 220 28.75 11.89 27.66
CA THR A 220 27.39 12.49 27.87
C THR A 220 27.40 14.02 27.98
N SER A 221 26.49 14.70 27.28
CA SER A 221 26.32 16.18 27.39
C SER A 221 24.80 16.54 27.25
N THR A 222 24.37 17.59 27.95
CA THR A 222 23.01 18.09 27.80
C THR A 222 22.95 19.39 27.05
N THR A 223 24.08 19.88 26.60
CA THR A 223 24.09 21.24 26.03
C THR A 223 24.41 21.30 24.57
N GLU A 224 24.43 20.18 23.87
CA GLU A 224 24.85 20.22 22.47
C GLU A 224 23.79 20.77 21.49
N PHE A 225 22.56 20.98 21.95
CA PHE A 225 21.52 21.54 21.11
C PHE A 225 21.05 22.87 21.66
N ASP A 226 21.83 23.47 22.55
CA ASP A 226 21.35 24.68 23.23
C ASP A 226 21.28 25.90 22.35
N HIS A 227 21.78 25.82 21.13
CA HIS A 227 21.61 26.89 20.11
C HIS A 227 20.81 26.50 18.88
N SER A 228 19.98 25.49 19.03
CA SER A 228 18.99 25.10 18.02
C SER A 228 17.67 25.80 18.32
N ILE A 229 17.09 26.46 17.32
CA ILE A 229 15.78 27.12 17.48
C ILE A 229 14.74 26.05 17.77
N ARG A 230 14.73 24.93 17.04
CA ARG A 230 13.70 23.91 17.26
C ARG A 230 13.71 23.30 18.63
N HIS A 231 14.91 23.05 19.13
CA HIS A 231 15.08 22.46 20.45
C HIS A 231 14.54 23.37 21.52
N ASN A 232 14.96 24.63 21.44
CA ASN A 232 14.60 25.62 22.45
C ASN A 232 13.10 25.95 22.37
N LEU A 233 12.59 26.12 21.15
CA LEU A 233 11.15 26.27 20.94
C LEU A 233 10.31 25.17 21.62
N VAL A 234 10.66 23.94 21.35
CA VAL A 234 9.93 22.79 21.91
C VAL A 234 10.12 22.75 23.43
N LEU A 235 11.36 22.85 23.91
CA LEU A 235 11.63 22.80 25.34
C LEU A 235 10.91 23.89 26.13
N ARG A 236 11.10 25.13 25.71
CA ARG A 236 10.59 26.29 26.44
C ARG A 236 9.09 26.44 26.32
N LYS A 237 8.55 26.16 25.14
CA LYS A 237 7.12 26.15 25.02
C LYS A 237 6.45 25.06 25.90
N TYR A 238 6.99 23.84 25.91
CA TYR A 238 6.36 22.78 26.73
C TYR A 238 6.43 23.16 28.21
N ASN A 239 7.58 23.69 28.62
CA ASN A 239 7.70 24.08 30.03
C ASN A 239 6.68 25.15 30.43
N ASP A 240 6.51 26.12 29.57
CA ASP A 240 5.51 27.21 29.78
C ASP A 240 4.10 26.65 29.87
N ILE A 241 3.79 25.75 28.92
CA ILE A 241 2.47 25.14 28.92
C ILE A 241 2.24 24.30 30.20
N PHE A 242 3.21 23.50 30.59
CA PHE A 242 2.86 22.57 31.68
C PHE A 242 2.99 23.19 33.07
N GLN A 243 3.67 24.35 33.13
CA GLN A 243 3.65 25.20 34.34
C GLN A 243 2.25 25.67 34.68
N LYS A 244 1.36 25.81 33.69
CA LYS A 244 -0.05 26.19 33.88
C LYS A 244 -1.08 25.02 33.95
N GLU A 245 -0.68 23.75 33.92
CA GLU A 245 -1.67 22.64 33.99
C GLU A 245 -1.87 22.27 35.47
N ASN A 246 -2.98 21.62 35.79
CA ASN A 246 -3.18 21.12 37.16
C ASN A 246 -2.05 20.16 37.55
N VAL A 247 -1.58 19.36 36.59
CA VAL A 247 -0.46 18.45 36.84
C VAL A 247 0.77 18.97 36.09
N ILE A 248 1.75 19.46 36.84
CA ILE A 248 3.01 19.99 36.31
C ILE A 248 3.94 18.84 35.81
N ARG A 249 4.57 19.05 34.68
CA ARG A 249 5.49 18.09 34.11
C ARG A 249 6.70 18.94 33.69
N GLU A 250 7.88 18.40 33.93
CA GLU A 250 9.11 19.14 33.70
C GLU A 250 9.77 18.57 32.48
N PHE A 251 10.10 19.44 31.53
CA PHE A 251 10.81 19.03 30.34
C PHE A 251 12.26 19.48 30.42
N SER A 252 13.15 18.63 29.97
CA SER A 252 14.58 18.89 30.05
C SER A 252 15.30 18.42 28.78
N PRO A 253 16.54 18.87 28.55
CA PRO A 253 17.35 18.31 27.46
C PRO A 253 17.69 16.83 27.68
N LEU A 254 17.50 16.09 26.62
CA LEU A 254 17.79 14.69 26.58
C LEU A 254 19.34 14.56 26.66
N PRO A 255 19.85 13.87 27.65
CA PRO A 255 21.28 13.71 27.65
C PRO A 255 21.78 12.75 26.55
N LEU A 256 22.80 13.22 25.80
CA LEU A 256 23.27 12.56 24.62
C LEU A 256 24.79 12.43 24.59
N ALA A 257 25.26 11.30 24.08
CA ALA A 257 26.67 11.02 23.94
C ALA A 257 27.13 11.51 22.61
N CYS A 258 27.40 12.79 22.57
CA CYS A 258 27.86 13.50 21.38
C CYS A 258 28.52 14.79 21.74
N HIS A 259 29.14 15.43 20.73
CA HIS A 259 29.57 16.81 20.87
C HIS A 259 29.49 17.50 19.53
N ARG A 260 29.00 18.71 19.58
CA ARG A 260 28.87 19.55 18.39
C ARG A 260 30.22 20.06 17.97
N LEU A 261 30.48 20.10 16.65
CA LEU A 261 31.79 20.45 16.12
C LEU A 261 32.01 21.94 15.95
N THR A 262 33.25 22.34 15.75
CA THR A 262 33.59 23.76 15.48
C THR A 262 32.82 24.36 14.30
N ASP A 263 32.39 23.54 13.33
CA ASP A 263 31.35 23.95 12.36
C ASP A 263 30.08 23.35 12.93
N PRO A 264 29.24 24.18 13.57
CA PRO A 264 28.00 23.76 14.27
C PRO A 264 26.97 22.99 13.43
N ASP A 265 27.16 22.87 12.11
CA ASP A 265 26.35 22.04 11.22
C ASP A 265 26.60 20.55 11.53
N TYR A 266 27.68 20.21 12.25
CA TYR A 266 28.14 18.85 12.37
C TYR A 266 28.22 18.44 13.85
N VAL A 267 27.86 17.19 14.15
CA VAL A 267 27.90 16.63 15.52
C VAL A 267 28.77 15.42 15.39
N GLU A 268 29.64 15.16 16.34
CA GLU A 268 30.23 13.87 16.39
C GLU A 268 29.45 13.06 17.43
N TRP A 269 28.75 12.04 16.93
CA TRP A 269 28.07 11.10 17.75
C TRP A 269 29.08 10.11 18.33
N HIS A 270 28.93 9.74 19.57
CA HIS A 270 30.00 8.95 20.28
C HIS A 270 29.64 7.50 20.16
N ALA A 271 30.66 6.67 20.15
CA ALA A 271 30.50 5.27 19.94
C ALA A 271 31.72 4.57 20.63
N THR A 272 31.90 3.32 20.35
CA THR A 272 32.98 2.48 20.96
C THR A 272 34.39 3.01 20.62
N ASP A 273 34.57 3.65 19.46
CA ASP A 273 35.90 4.21 19.10
C ASP A 273 36.45 5.17 20.17
N ARG A 274 35.57 5.93 20.83
CA ARG A 274 35.98 6.84 21.86
C ARG A 274 36.48 6.05 23.08
N ILE A 275 35.94 4.88 23.30
CA ILE A 275 36.32 4.05 24.44
C ILE A 275 37.60 3.31 24.12
N LEU A 276 37.74 2.76 22.94
CA LEU A 276 38.96 2.04 22.56
C LEU A 276 40.11 2.90 22.11
N GLU A 277 39.87 4.18 21.92
CA GLU A 277 40.82 5.01 21.20
C GLU A 277 42.32 4.84 21.66
N GLU A 278 42.58 4.95 22.94
CA GLU A 278 43.99 4.91 23.44
C GLU A 278 44.57 3.53 23.35
N LEU A 279 43.74 2.53 23.21
CA LEU A 279 44.19 1.15 22.98
C LEU A 279 44.87 0.95 21.63
N PHE A 280 44.65 1.93 20.78
CA PHE A 280 45.19 2.02 19.45
C PHE A 280 46.26 3.12 19.35
N THR A 281 46.07 4.28 20.02
CA THR A 281 47.00 5.42 19.89
C THR A 281 48.20 5.35 20.86
N ASP A 282 48.08 4.63 21.96
CA ASP A 282 49.18 4.52 22.92
C ASP A 282 49.86 3.19 22.67
N PRO A 283 51.11 3.25 22.16
CA PRO A 283 51.77 2.01 21.83
C PRO A 283 51.98 1.08 23.02
N VAL A 284 52.12 1.58 24.23
CA VAL A 284 52.22 0.63 25.37
C VAL A 284 50.85 -0.09 25.60
N LYS A 285 49.78 0.67 25.54
CA LYS A 285 48.44 0.05 25.68
C LYS A 285 48.12 -0.89 24.50
N ARG A 286 48.47 -0.47 23.27
CA ARG A 286 48.29 -1.34 22.11
C ARG A 286 48.98 -2.65 22.27
N GLY A 287 50.15 -2.64 22.90
CA GLY A 287 50.89 -3.88 23.12
C GLY A 287 50.24 -4.88 24.04
N ARG A 288 49.23 -4.45 24.80
CA ARG A 288 48.54 -5.29 25.79
C ARG A 288 47.15 -5.69 25.32
N PHE A 289 46.77 -5.27 24.12
CA PHE A 289 45.38 -5.45 23.63
C PHE A 289 45.43 -6.20 22.26
N THR A 290 44.70 -7.29 22.15
CA THR A 290 44.53 -8.05 20.90
C THR A 290 43.00 -8.09 20.58
N LEU A 291 42.64 -7.65 19.39
CA LEU A 291 41.25 -7.67 18.93
C LEU A 291 41.22 -8.57 17.71
N LEU A 292 40.50 -9.65 17.84
CA LEU A 292 40.29 -10.58 16.77
C LEU A 292 38.89 -10.33 16.16
N THR A 293 38.82 -9.87 14.92
CA THR A 293 37.50 -9.72 14.34
C THR A 293 37.12 -10.99 13.55
N ASN A 294 35.85 -11.09 13.17
CA ASN A 294 35.29 -12.26 12.44
C ASN A 294 35.66 -13.55 13.18
N HIS A 295 35.67 -13.45 14.50
CA HIS A 295 35.93 -14.56 15.44
C HIS A 295 34.71 -14.75 16.33
N ARG A 296 34.15 -15.94 16.28
CA ARG A 296 32.99 -16.31 17.10
C ARG A 296 33.44 -16.95 18.41
N CYS A 297 33.00 -16.41 19.55
CA CYS A 297 33.11 -17.15 20.83
C CYS A 297 32.01 -18.19 20.83
N THR A 298 32.35 -19.46 20.62
CA THR A 298 31.32 -20.47 20.41
C THR A 298 30.71 -20.92 21.76
N LYS A 299 31.59 -21.07 22.71
CA LYS A 299 31.26 -21.44 24.09
C LYS A 299 32.49 -21.26 24.96
N LEU A 300 32.27 -21.38 26.26
CA LEU A 300 33.29 -21.49 27.24
C LEU A 300 33.31 -22.97 27.65
N VAL A 301 34.47 -23.46 27.99
CA VAL A 301 34.60 -24.82 28.56
C VAL A 301 34.95 -24.70 30.01
N PHE A 302 34.18 -25.38 30.84
CA PHE A 302 34.39 -25.33 32.29
C PHE A 302 35.25 -26.46 32.81
N LYS A 303 35.82 -26.28 34.01
CA LYS A 303 36.47 -27.40 34.71
C LYS A 303 35.59 -28.59 34.95
N HIS A 304 34.35 -28.37 35.32
CA HIS A 304 33.39 -29.44 35.41
C HIS A 304 32.02 -28.99 35.10
N TYR A 305 31.05 -29.93 35.09
CA TYR A 305 29.65 -29.66 34.72
C TYR A 305 28.64 -30.08 35.83
N ARG A 306 29.12 -30.02 37.09
CA ARG A 306 28.27 -30.29 38.25
C ARG A 306 27.58 -29.03 38.76
N PRO A 307 26.23 -28.99 38.72
CA PRO A 307 25.57 -27.79 39.23
C PRO A 307 25.72 -27.52 40.74
N GLY A 308 25.77 -26.24 41.11
CA GLY A 308 25.77 -25.77 42.48
C GLY A 308 27.06 -26.00 43.27
N GLU A 309 28.15 -26.25 42.54
CA GLU A 309 29.47 -26.45 43.10
C GLU A 309 30.41 -25.40 42.52
N GLU A 310 31.44 -25.05 43.29
CA GLU A 310 32.45 -24.07 42.86
C GLU A 310 33.06 -24.57 41.54
N ASN A 311 33.27 -23.66 40.59
CA ASN A 311 33.60 -24.04 39.19
C ASN A 311 34.48 -22.94 38.62
N GLU A 312 35.00 -23.15 37.43
CA GLU A 312 35.80 -22.11 36.77
C GLU A 312 35.77 -22.39 35.29
N VAL A 313 35.93 -21.33 34.51
CA VAL A 313 36.18 -21.46 33.09
C VAL A 313 37.62 -21.96 32.88
N ASP A 314 37.76 -23.00 32.04
CA ASP A 314 39.05 -23.58 31.69
C ASP A 314 39.67 -22.92 30.48
N TYR A 315 38.84 -22.64 29.48
CA TYR A 315 39.22 -21.90 28.29
C TYR A 315 37.98 -21.48 27.50
N ALA A 316 38.16 -20.55 26.55
CA ALA A 316 37.16 -20.19 25.52
C ALA A 316 37.44 -20.88 24.20
N LEU A 317 36.40 -21.44 23.58
CA LEU A 317 36.42 -22.06 22.22
C LEU A 317 35.99 -21.01 21.24
N VAL A 318 36.89 -20.65 20.33
CA VAL A 318 36.71 -19.54 19.40
C VAL A 318 36.95 -20.01 17.97
N GLU A 319 36.13 -19.54 17.03
CA GLU A 319 36.27 -19.95 15.63
C GLU A 319 36.53 -18.74 14.79
N ASP A 320 37.60 -18.81 13.99
CA ASP A 320 37.81 -17.77 12.97
C ASP A 320 36.85 -18.03 11.80
N LEU A 321 35.95 -17.11 11.57
CA LEU A 321 34.91 -17.28 10.56
C LEU A 321 35.42 -17.01 9.17
N LEU A 322 36.54 -16.31 9.04
CA LEU A 322 37.13 -16.07 7.72
C LEU A 322 37.74 -17.35 7.15
N PRO A 323 37.54 -17.60 5.84
CA PRO A 323 37.91 -18.86 5.14
C PRO A 323 39.19 -19.60 5.60
N SER A 333 41.73 -23.60 12.58
CA SER A 333 40.47 -22.81 12.56
C SER A 333 39.62 -22.62 13.87
N VAL A 334 39.45 -23.70 14.65
CA VAL A 334 38.96 -23.53 16.02
C VAL A 334 40.19 -23.49 16.94
N LYS A 335 40.16 -22.56 17.88
CA LYS A 335 41.26 -22.25 18.74
C LYS A 335 40.71 -22.22 20.16
N LYS A 336 41.52 -22.70 21.09
CA LYS A 336 41.24 -22.55 22.49
C LYS A 336 41.99 -21.32 22.96
N ILE A 337 41.31 -20.41 23.64
CA ILE A 337 41.93 -19.21 24.20
C ILE A 337 41.86 -19.27 25.73
N TYR A 338 43.05 -19.21 26.32
CA TYR A 338 43.22 -19.26 27.78
C TYR A 338 43.47 -17.84 28.34
N ALA A 339 42.75 -17.55 29.40
CA ALA A 339 42.91 -16.33 30.12
C ALA A 339 42.72 -16.63 31.60
N ARG A 340 43.10 -15.62 32.42
CA ARG A 340 42.86 -15.75 33.86
C ARG A 340 41.41 -15.44 34.24
N SER A 341 40.78 -14.65 33.46
CA SER A 341 39.41 -14.30 33.64
C SER A 341 38.68 -14.13 32.26
N TYR A 342 37.38 -14.37 32.29
CA TYR A 342 36.53 -14.36 31.07
C TYR A 342 35.34 -13.44 31.24
N VAL A 343 35.10 -12.62 30.23
CA VAL A 343 34.01 -11.70 30.25
C VAL A 343 33.18 -11.93 28.99
N VAL A 344 31.87 -12.15 29.14
CA VAL A 344 30.97 -12.32 28.03
C VAL A 344 30.11 -11.10 27.99
N ALA A 345 30.38 -10.27 26.97
CA ALA A 345 29.71 -8.99 26.70
C ALA A 345 29.25 -8.96 25.26
N CYS A 346 28.34 -9.89 24.99
CA CYS A 346 27.85 -10.07 23.64
C CYS A 346 26.44 -9.40 23.37
N GLY A 347 25.97 -8.56 24.23
CA GLY A 347 24.58 -8.08 24.17
C GLY A 347 23.61 -9.01 24.85
N ALA A 348 22.39 -8.55 25.06
CA ALA A 348 21.45 -9.24 25.92
C ALA A 348 21.08 -10.64 25.34
N VAL A 349 20.86 -10.78 24.04
CA VAL A 349 20.55 -12.10 23.53
C VAL A 349 21.79 -13.03 23.54
N ALA A 350 22.85 -12.49 22.94
CA ALA A 350 23.98 -13.31 22.53
C ALA A 350 24.84 -13.68 23.76
N THR A 351 24.79 -12.88 24.80
CA THR A 351 25.49 -13.30 26.06
C THR A 351 24.86 -14.56 26.59
N ALA A 352 23.53 -14.57 26.71
CA ALA A 352 22.82 -15.77 27.21
C ALA A 352 23.04 -16.93 26.26
N GLN A 353 23.12 -16.65 24.97
CA GLN A 353 23.34 -17.64 23.96
C GLN A 353 24.71 -18.39 24.13
N VAL A 354 25.76 -17.60 24.35
CA VAL A 354 27.10 -18.18 24.51
C VAL A 354 27.07 -19.07 25.76
N LEU A 355 26.47 -18.58 26.86
CA LEU A 355 26.45 -19.33 28.13
C LEU A 355 25.56 -20.54 28.03
N ALA A 356 24.44 -20.46 27.28
CA ALA A 356 23.61 -21.62 27.05
C ALA A 356 24.38 -22.66 26.23
N ASN A 357 25.12 -22.21 25.21
CA ASN A 357 25.85 -23.16 24.35
C ASN A 357 26.99 -23.84 25.18
N SER A 358 27.47 -23.16 26.18
CA SER A 358 28.54 -23.68 27.10
C SER A 358 28.05 -24.82 27.97
N HIS A 359 26.74 -25.00 28.04
CA HIS A 359 26.21 -26.09 28.80
C HIS A 359 26.37 -27.42 28.15
N ILE A 360 26.71 -27.43 26.87
CA ILE A 360 26.96 -28.66 26.18
C ILE A 360 28.47 -28.89 26.18
N PRO A 361 28.96 -29.87 26.99
CA PRO A 361 30.40 -30.16 27.04
C PRO A 361 31.02 -30.52 25.67
N PRO A 362 32.35 -30.32 25.47
CA PRO A 362 32.95 -30.56 24.12
C PRO A 362 33.35 -32.02 23.85
N GLU A 380 10.27 -33.16 21.27
CA GLU A 380 11.67 -33.49 21.05
C GLU A 380 12.33 -32.45 20.13
N ARG A 381 11.82 -32.28 18.92
CA ARG A 381 12.40 -31.34 17.95
C ARG A 381 12.54 -29.94 18.54
N ASP A 382 11.57 -29.55 19.34
CA ASP A 382 11.52 -28.24 19.90
C ASP A 382 12.23 -28.14 21.30
N ALA A 383 12.96 -29.17 21.72
CA ALA A 383 13.59 -29.16 23.06
C ALA A 383 14.55 -28.02 23.20
N THR A 384 14.64 -27.47 24.41
CA THR A 384 15.58 -26.36 24.64
C THR A 384 16.75 -26.82 25.50
N ILE A 385 17.82 -26.08 25.47
CA ILE A 385 19.01 -26.46 26.22
C ILE A 385 18.78 -26.17 27.73
N PRO A 386 18.83 -27.18 28.61
CA PRO A 386 18.68 -26.85 30.03
C PRO A 386 19.97 -26.19 30.56
N THR A 387 19.88 -25.23 31.50
CA THR A 387 21.05 -24.48 31.95
C THR A 387 21.24 -24.53 33.49
N PRO A 388 21.34 -25.74 34.03
CA PRO A 388 21.36 -25.89 35.48
C PRO A 388 22.65 -25.36 36.20
N LEU A 389 23.75 -25.24 35.48
CA LEU A 389 24.89 -24.54 36.05
C LEU A 389 24.64 -23.06 36.33
N MET A 390 23.76 -22.40 35.56
CA MET A 390 23.37 -20.98 35.65
C MET A 390 21.85 -20.97 35.55
N PRO A 391 21.18 -21.39 36.58
CA PRO A 391 19.79 -21.73 36.48
C PRO A 391 18.80 -20.59 36.20
N MET A 392 19.22 -19.34 36.46
CA MET A 392 18.37 -18.21 36.20
C MET A 392 18.68 -17.57 34.82
N LEU A 393 19.52 -18.18 34.01
CA LEU A 393 19.84 -17.64 32.72
C LEU A 393 18.59 -17.50 31.86
N GLY A 394 18.44 -16.32 31.32
CA GLY A 394 17.31 -16.07 30.42
C GLY A 394 15.97 -15.99 31.10
N LYS A 395 15.88 -15.98 32.44
CA LYS A 395 14.60 -15.83 33.12
C LYS A 395 14.44 -14.42 33.64
N TYR A 396 13.21 -13.99 33.91
CA TYR A 396 12.94 -12.59 34.31
C TYR A 396 13.33 -11.59 33.22
N ILE A 397 13.18 -11.93 31.93
CA ILE A 397 13.58 -10.97 30.93
C ILE A 397 12.56 -9.85 30.87
N THR A 398 12.99 -8.64 30.47
CA THR A 398 12.13 -7.53 30.46
C THR A 398 12.38 -6.79 29.14
N GLU A 399 11.36 -6.21 28.59
CA GLU A 399 11.53 -5.32 27.40
C GLU A 399 10.53 -4.21 27.53
N GLN A 400 10.74 -3.14 26.74
CA GLN A 400 9.98 -1.90 26.87
C GLN A 400 8.90 -1.75 25.78
N PRO A 401 7.61 -1.71 26.19
CA PRO A 401 6.59 -1.39 25.16
C PRO A 401 6.82 0.07 24.75
N MET A 402 6.50 0.41 23.50
CA MET A 402 6.81 1.68 23.02
C MET A 402 5.61 2.24 22.22
N THR A 403 5.26 3.53 22.43
CA THR A 403 4.32 4.21 21.61
C THR A 403 5.05 5.29 20.85
N PHE A 404 4.49 5.64 19.68
CA PHE A 404 5.14 6.54 18.77
C PHE A 404 4.13 7.37 18.00
N CYS A 405 4.51 8.61 17.76
CA CYS A 405 3.81 9.40 16.76
C CYS A 405 4.73 10.50 16.26
N GLN A 406 4.30 11.13 15.18
CA GLN A 406 4.94 12.41 14.76
C GLN A 406 3.90 13.47 14.60
N VAL A 407 4.29 14.71 14.86
CA VAL A 407 3.48 15.88 14.67
C VAL A 407 4.12 16.88 13.74
N VAL A 408 3.25 17.62 13.06
CA VAL A 408 3.61 18.87 12.44
C VAL A 408 3.35 20.06 13.41
N LEU A 409 4.31 20.97 13.56
CA LEU A 409 4.13 22.10 14.51
C LEU A 409 2.99 23.00 14.10
N ASP A 410 2.27 23.58 15.08
CA ASP A 410 1.22 24.53 14.84
C ASP A 410 1.77 25.76 14.11
N SER A 411 1.03 26.26 13.12
CA SER A 411 1.38 27.49 12.43
CA SER A 411 1.39 27.50 12.43
C SER A 411 1.63 28.68 13.36
N SER A 412 0.81 28.78 14.39
CA SER A 412 0.94 29.81 15.45
C SER A 412 2.36 29.82 16.06
N LEU A 413 2.99 28.66 16.15
CA LEU A 413 4.35 28.60 16.67
C LEU A 413 5.39 29.29 15.81
N MET A 414 5.10 29.48 14.52
CA MET A 414 6.04 30.20 13.66
C MET A 414 6.11 31.69 14.00
N GLU A 415 5.05 32.22 14.58
CA GLU A 415 5.09 33.54 15.17
C GLU A 415 5.92 33.60 16.42
N VAL A 416 5.90 32.53 17.22
CA VAL A 416 6.78 32.51 18.37
C VAL A 416 8.24 32.51 17.87
N VAL A 417 8.53 31.77 16.79
CA VAL A 417 9.83 31.83 16.14
C VAL A 417 10.24 33.25 15.71
N ARG A 418 9.31 33.96 15.13
CA ARG A 418 9.60 35.38 14.80
C ARG A 418 9.75 36.32 16.02
N ASN A 419 9.08 36.02 17.13
CA ASN A 419 9.03 36.96 18.24
C ASN A 419 8.96 36.19 19.57
N PRO A 420 10.06 35.54 19.89
CA PRO A 420 10.03 34.75 21.11
C PRO A 420 9.99 35.61 22.36
N PRO A 421 9.15 35.21 23.31
CA PRO A 421 9.05 35.98 24.56
C PRO A 421 10.32 35.88 25.42
N TRP A 422 11.04 34.77 25.40
CA TRP A 422 12.01 34.47 26.47
C TRP A 422 13.28 35.26 26.41
N PRO A 423 13.87 35.54 27.58
CA PRO A 423 15.10 36.33 27.53
C PRO A 423 16.32 35.49 27.17
N GLY A 424 17.33 36.18 26.65
CA GLY A 424 18.64 35.60 26.40
C GLY A 424 18.71 34.91 25.04
N LEU A 425 17.90 35.38 24.08
CA LEU A 425 17.74 34.72 22.75
C LEU A 425 18.19 35.61 21.57
N ASP A 426 19.16 36.48 21.78
CA ASP A 426 19.66 37.28 20.65
C ASP A 426 20.20 36.41 19.49
N TRP A 427 20.79 35.30 19.86
CA TRP A 427 21.37 34.40 18.89
C TRP A 427 20.28 33.83 17.99
N TRP A 428 19.14 33.58 18.57
CA TRP A 428 17.98 33.04 17.81
C TRP A 428 17.39 34.12 16.92
N LYS A 429 17.17 35.29 17.53
CA LYS A 429 16.64 36.41 16.78
C LYS A 429 17.50 36.77 15.57
N GLU A 430 18.83 36.66 15.69
CA GLU A 430 19.71 36.93 14.56
C GLU A 430 19.60 35.81 13.51
N LYS A 431 19.50 34.58 13.95
CA LYS A 431 19.35 33.46 12.98
C LYS A 431 18.09 33.61 12.13
N VAL A 432 16.98 33.95 12.81
CA VAL A 432 15.67 34.10 12.23
C VAL A 432 15.74 35.29 11.27
N ALA A 433 16.25 36.41 11.74
CA ALA A 433 16.35 37.59 10.90
C ALA A 433 17.16 37.27 9.63
N ARG A 434 18.26 36.49 9.71
CA ARG A 434 19.08 36.21 8.49
C ARG A 434 18.27 35.37 7.50
N HIS A 435 17.56 34.37 8.02
CA HIS A 435 16.74 33.56 7.16
C HIS A 435 15.55 34.29 6.57
N VAL A 436 14.87 35.14 7.37
CA VAL A 436 13.69 35.93 6.93
C VAL A 436 14.08 36.97 5.87
N GLU A 437 15.26 37.54 6.03
CA GLU A 437 15.84 38.45 5.06
C GLU A 437 16.15 37.65 3.77
N ALA A 438 16.71 36.45 3.89
CA ALA A 438 17.13 35.75 2.62
C ALA A 438 16.02 34.82 2.00
N PHE A 439 14.97 34.50 2.75
CA PHE A 439 13.88 33.67 2.24
C PHE A 439 12.58 34.20 2.82
N PRO A 440 12.15 35.39 2.32
CA PRO A 440 11.01 36.03 3.06
C PRO A 440 9.68 35.28 2.95
N ASN A 441 9.51 34.56 1.84
CA ASN A 441 8.30 33.76 1.64
C ASN A 441 8.36 32.28 2.12
N ASP A 442 9.40 31.91 2.88
CA ASP A 442 9.47 30.58 3.39
C ASP A 442 8.40 30.57 4.51
N PRO A 443 7.44 29.66 4.42
CA PRO A 443 6.44 29.73 5.45
C PRO A 443 7.10 29.43 6.77
N ILE A 444 8.31 28.90 6.71
CA ILE A 444 8.94 28.48 7.94
C ILE A 444 10.15 29.38 8.17
N PRO A 445 10.16 30.12 9.28
CA PRO A 445 11.27 31.02 9.45
C PRO A 445 12.46 30.43 10.20
N ILE A 446 12.53 29.09 10.29
CA ILE A 446 13.66 28.37 10.92
C ILE A 446 14.80 28.29 9.81
N PRO A 447 16.07 28.57 10.18
CA PRO A 447 17.16 28.37 9.18
C PRO A 447 17.17 26.94 8.69
N PHE A 448 17.56 26.75 7.44
CA PHE A 448 17.54 25.41 6.88
C PHE A 448 18.17 24.34 7.74
N ARG A 449 19.33 24.58 8.30
CA ARG A 449 20.03 23.48 8.91
C ARG A 449 19.87 23.50 10.42
N ASP A 450 18.82 24.14 10.91
CA ASP A 450 18.65 24.24 12.35
C ASP A 450 18.59 22.83 12.97
N PRO A 451 19.38 22.55 14.02
CA PRO A 451 19.24 21.19 14.53
C PRO A 451 17.90 20.79 15.10
N GLU A 452 17.65 19.47 15.22
CA GLU A 452 16.37 18.95 15.73
C GLU A 452 16.26 19.02 17.28
N PRO A 453 15.07 18.99 17.84
CA PRO A 453 14.89 19.10 19.27
C PRO A 453 15.37 17.80 19.90
N GLN A 454 15.86 17.86 21.11
CA GLN A 454 16.34 16.66 21.88
C GLN A 454 15.83 16.85 23.29
N VAL A 455 14.56 16.60 23.47
CA VAL A 455 13.86 16.92 24.71
C VAL A 455 13.39 15.62 25.39
N THR A 456 13.41 15.61 26.73
CA THR A 456 12.93 14.45 27.50
C THR A 456 12.03 14.97 28.68
N ILE A 457 11.26 14.05 29.27
CA ILE A 457 10.72 14.18 30.62
C ILE A 457 11.26 13.00 31.40
N LYS A 458 11.94 13.24 32.50
CA LYS A 458 12.46 12.14 33.30
C LYS A 458 11.37 11.28 33.92
N PHE A 459 11.58 9.96 33.89
CA PHE A 459 10.73 9.00 34.55
C PHE A 459 10.49 9.48 36.00
N THR A 460 9.24 9.47 36.41
CA THR A 460 8.77 9.65 37.80
C THR A 460 7.80 8.53 38.14
N GLU A 461 7.60 8.22 39.43
CA GLU A 461 6.66 7.13 39.72
C GLU A 461 5.24 7.54 39.37
N GLU A 462 4.94 8.83 39.42
CA GLU A 462 3.61 9.32 39.06
C GLU A 462 3.30 9.16 37.57
N HIS A 463 4.34 9.23 36.73
CA HIS A 463 4.26 9.06 35.23
C HIS A 463 5.37 8.10 34.72
N PRO A 464 5.20 6.82 35.00
CA PRO A 464 6.28 5.85 35.04
C PRO A 464 6.64 5.29 33.66
N TRP A 465 7.08 6.22 32.84
CA TRP A 465 7.60 5.92 31.48
C TRP A 465 8.67 6.93 31.13
N HIS A 466 9.40 6.63 30.03
CA HIS A 466 10.49 7.46 29.61
C HIS A 466 10.02 8.12 28.32
N VAL A 467 10.09 9.45 28.23
CA VAL A 467 9.63 10.24 27.12
C VAL A 467 10.78 10.84 26.32
N GLN A 468 10.75 10.74 24.98
CA GLN A 468 11.75 11.42 24.10
C GLN A 468 10.90 12.17 23.12
N ILE A 469 11.20 13.44 22.98
CA ILE A 469 10.48 14.34 22.05
C ILE A 469 11.62 14.91 21.25
N HIS A 470 11.75 14.43 20.01
CA HIS A 470 13.00 14.65 19.25
C HIS A 470 12.83 14.38 17.79
N ARG A 471 13.95 14.22 17.06
CA ARG A 471 13.91 13.57 15.78
C ARG A 471 14.96 12.48 15.81
N ASP A 472 14.61 11.31 15.28
CA ASP A 472 15.40 10.08 15.43
C ASP A 472 15.71 9.69 14.03
N ALA A 473 16.92 9.17 13.78
CA ALA A 473 17.19 8.66 12.47
C ALA A 473 16.44 7.35 12.14
N PHE A 474 16.02 6.56 13.13
CA PHE A 474 15.24 5.36 12.86
C PHE A 474 13.78 5.72 12.50
N SER A 475 13.48 6.02 11.25
CA SER A 475 12.09 6.30 10.96
C SER A 475 11.41 4.95 10.75
N TYR A 476 10.11 4.99 10.81
CA TYR A 476 9.36 3.73 10.81
C TYR A 476 8.42 3.58 9.62
N GLY A 477 8.46 4.52 8.68
CA GLY A 477 7.72 4.42 7.41
C GLY A 477 8.18 5.45 6.40
N ALA A 478 7.60 5.41 5.20
CA ALA A 478 8.01 6.32 4.09
C ALA A 478 8.07 7.78 4.58
N VAL A 479 9.21 8.43 4.39
CA VAL A 479 9.37 9.84 4.69
C VAL A 479 8.15 10.60 4.10
N ALA A 480 7.71 11.67 4.77
CA ALA A 480 6.65 12.54 4.22
C ALA A 480 7.32 13.29 3.12
N GLU A 481 6.99 12.92 1.90
CA GLU A 481 7.51 13.65 0.78
C GLU A 481 7.03 15.12 0.84
N ASN A 482 5.80 15.35 1.26
CA ASN A 482 5.23 16.62 1.08
C ASN A 482 5.46 17.65 2.18
N MET A 483 5.95 17.22 3.33
CA MET A 483 5.96 18.16 4.47
C MET A 483 7.42 18.59 4.69
N ASP A 484 7.65 19.84 5.06
CA ASP A 484 9.02 20.30 5.43
C ASP A 484 9.51 19.69 6.75
N THR A 485 10.70 19.16 6.72
CA THR A 485 11.21 18.41 7.84
C THR A 485 11.48 19.31 9.06
N ARG A 486 11.63 20.63 8.82
CA ARG A 486 11.88 21.52 9.97
C ARG A 486 10.73 21.57 11.00
N VAL A 487 9.53 21.20 10.59
CA VAL A 487 8.40 21.38 11.47
C VAL A 487 7.86 20.06 11.96
N ILE A 488 8.65 19.00 11.79
CA ILE A 488 8.27 17.69 12.24
C ILE A 488 8.93 17.38 13.58
N VAL A 489 8.18 16.79 14.51
CA VAL A 489 8.68 16.39 15.77
C VAL A 489 8.17 14.93 16.07
N ASP A 490 9.08 14.07 16.58
CA ASP A 490 8.78 12.70 16.93
C ASP A 490 8.55 12.56 18.44
N TYR A 491 7.72 11.59 18.83
CA TYR A 491 7.43 11.30 20.21
C TYR A 491 7.68 9.81 20.32
N ARG A 492 8.56 9.41 21.24
CA ARG A 492 8.68 7.99 21.50
C ARG A 492 8.55 7.90 23.01
N PHE A 493 7.60 7.08 23.48
CA PHE A 493 7.33 6.92 24.87
C PHE A 493 7.57 5.43 25.14
N PHE A 494 8.49 5.19 26.06
CA PHE A 494 8.96 3.81 26.49
C PHE A 494 8.40 3.50 27.84
N GLY A 495 7.74 2.34 27.93
CA GLY A 495 7.30 1.77 29.20
C GLY A 495 8.24 0.74 29.85
N TYR A 496 7.91 0.29 31.01
CA TYR A 496 8.69 -0.83 31.61
C TYR A 496 7.76 -2.04 31.73
N THR A 497 8.39 -3.20 31.85
CA THR A 497 7.74 -4.40 32.24
C THR A 497 8.39 -4.94 33.54
N GLU A 498 7.51 -5.50 34.35
CA GLU A 498 7.95 -6.11 35.60
C GLU A 498 8.76 -7.35 35.28
N PRO A 499 9.86 -7.59 36.03
CA PRO A 499 10.51 -8.88 35.91
C PRO A 499 9.68 -10.05 36.47
N GLN A 500 9.43 -11.07 35.66
CA GLN A 500 8.68 -12.25 36.08
C GLN A 500 9.40 -13.47 35.65
N GLU A 501 9.43 -14.50 36.50
CA GLU A 501 10.27 -15.65 36.23
C GLU A 501 9.87 -16.37 34.94
N ALA A 502 8.57 -16.48 34.70
CA ALA A 502 7.99 -17.10 33.50
C ALA A 502 8.31 -16.40 32.16
N ASN A 503 8.73 -15.16 32.20
CA ASN A 503 9.13 -14.43 30.99
C ASN A 503 10.60 -14.83 30.65
N GLU A 504 10.83 -15.46 29.48
CA GLU A 504 12.02 -16.31 29.26
C GLU A 504 12.61 -16.17 27.91
N LEU A 505 13.93 -16.18 27.87
CA LEU A 505 14.70 -16.35 26.61
C LEU A 505 15.29 -17.76 26.75
N VAL A 506 15.01 -18.68 25.81
CA VAL A 506 15.49 -20.04 25.88
C VAL A 506 16.15 -20.27 24.54
N PHE A 507 17.02 -21.27 24.52
CA PHE A 507 17.79 -21.64 23.34
C PHE A 507 17.49 -23.05 22.84
N GLN A 508 17.33 -23.19 21.51
CA GLN A 508 16.91 -24.42 20.93
C GLN A 508 18.08 -25.40 20.82
N GLN A 509 17.84 -26.66 21.23
CA GLN A 509 18.83 -27.73 20.97
C GLN A 509 19.01 -28.04 19.48
N HIS A 510 17.97 -27.96 18.69
CA HIS A 510 18.04 -28.53 17.35
C HIS A 510 17.90 -27.53 16.29
N TYR A 511 17.86 -26.25 16.58
CA TYR A 511 17.82 -25.26 15.50
C TYR A 511 18.92 -24.25 15.82
N ARG A 512 19.56 -23.72 14.80
CA ARG A 512 20.66 -22.80 14.98
C ARG A 512 20.44 -21.59 14.07
N ASP A 513 20.98 -20.47 14.48
CA ASP A 513 21.00 -19.25 13.69
C ASP A 513 22.07 -19.34 12.56
N ALA A 514 22.26 -18.25 11.82
CA ALA A 514 23.12 -18.25 10.62
C ALA A 514 24.62 -18.39 10.97
N TYR A 515 24.96 -18.12 12.23
CA TYR A 515 26.33 -18.27 12.76
C TYR A 515 26.52 -19.56 13.55
N ASP A 516 25.60 -20.48 13.39
CA ASP A 516 25.71 -21.77 13.95
C ASP A 516 25.60 -21.80 15.48
N MET A 517 24.98 -20.79 16.06
CA MET A 517 24.71 -20.76 17.45
C MET A 517 23.23 -21.11 17.72
N PRO A 518 22.95 -21.63 18.94
CA PRO A 518 21.63 -22.10 19.26
C PRO A 518 20.59 -21.03 19.07
N GLN A 519 19.52 -21.41 18.40
CA GLN A 519 18.44 -20.45 18.04
C GLN A 519 17.75 -19.90 19.27
N PRO A 520 17.68 -18.58 19.41
CA PRO A 520 16.93 -17.97 20.51
C PRO A 520 15.42 -18.08 20.31
N THR A 521 14.69 -18.35 21.37
CA THR A 521 13.22 -18.33 21.37
C THR A 521 12.74 -17.49 22.56
N PHE A 522 11.75 -16.61 22.32
CA PHE A 522 11.18 -15.80 23.34
C PHE A 522 9.85 -16.37 23.79
N LYS A 523 9.61 -16.24 25.09
CA LYS A 523 8.31 -16.55 25.69
C LYS A 523 8.02 -15.38 26.60
N PHE A 524 7.47 -14.30 26.01
CA PHE A 524 7.24 -13.10 26.73
C PHE A 524 5.76 -12.71 26.74
N THR A 525 5.21 -12.47 27.92
CA THR A 525 3.85 -11.98 28.14
C THR A 525 3.88 -10.92 29.24
N MET A 526 3.58 -9.68 28.88
CA MET A 526 3.57 -8.63 29.91
C MET A 526 2.39 -8.78 30.91
N SER A 527 2.55 -8.15 32.08
CA SER A 527 1.57 -8.35 33.17
C SER A 527 0.40 -7.40 33.02
N GLN A 528 -0.67 -7.68 33.78
CA GLN A 528 -1.84 -6.80 33.78
C GLN A 528 -1.40 -5.39 34.17
N ASP A 529 -0.55 -5.26 35.18
CA ASP A 529 -0.08 -3.93 35.57
C ASP A 529 0.76 -3.24 34.46
N ASP A 530 1.55 -4.04 33.72
CA ASP A 530 2.32 -3.48 32.61
C ASP A 530 1.32 -2.91 31.57
N ARG A 531 0.25 -3.64 31.32
CA ARG A 531 -0.72 -3.22 30.31
C ARG A 531 -1.47 -1.93 30.69
N ALA A 532 -1.81 -1.85 31.97
CA ALA A 532 -2.50 -0.67 32.50
C ALA A 532 -1.61 0.59 32.34
N ARG A 533 -0.31 0.43 32.67
CA ARG A 533 0.65 1.50 32.50
C ARG A 533 0.76 1.86 31.03
N ALA A 534 0.81 0.84 30.16
CA ALA A 534 0.95 1.14 28.70
C ALA A 534 -0.24 1.92 28.18
N ARG A 535 -1.45 1.63 28.68
CA ARG A 535 -2.60 2.47 28.26
C ARG A 535 -2.42 3.94 28.73
N ARG A 536 -2.00 4.13 29.97
CA ARG A 536 -1.83 5.47 30.46
C ARG A 536 -0.75 6.18 29.66
N MET A 537 0.26 5.45 29.30
CA MET A 537 1.37 5.99 28.49
C MET A 537 0.92 6.50 27.13
N MET A 538 0.07 5.68 26.48
CA MET A 538 -0.51 6.12 25.16
C MET A 538 -1.36 7.38 25.28
N ASP A 539 -2.21 7.41 26.32
CA ASP A 539 -3.04 8.61 26.61
C ASP A 539 -2.14 9.85 26.87
N ASP A 540 -1.08 9.66 27.61
CA ASP A 540 -0.12 10.74 27.87
C ASP A 540 0.51 11.25 26.60
N MET A 541 0.91 10.33 25.72
CA MET A 541 1.49 10.77 24.47
C MET A 541 0.54 11.60 23.63
N CYS A 542 -0.71 11.16 23.50
CA CYS A 542 -1.66 11.94 22.71
C CYS A 542 -1.85 13.35 23.31
N ASN A 543 -2.01 13.42 24.62
CA ASN A 543 -2.23 14.69 25.35
C ASN A 543 -1.02 15.59 25.12
N ILE A 544 0.21 15.05 25.30
CA ILE A 544 1.41 15.88 25.14
C ILE A 544 1.64 16.35 23.72
N ALA A 545 1.54 15.46 22.74
CA ALA A 545 1.84 15.79 21.37
C ALA A 545 0.98 16.87 20.85
N LEU A 546 -0.32 16.85 21.20
CA LEU A 546 -1.29 17.81 20.63
C LEU A 546 -1.24 19.20 21.25
N LYS A 547 -0.39 19.39 22.24
CA LYS A 547 -0.17 20.74 22.80
C LYS A 547 0.56 21.61 21.81
N ILE A 548 1.39 21.03 20.95
CA ILE A 548 2.21 21.84 20.06
C ILE A 548 2.06 21.55 18.58
N GLY A 549 1.30 20.52 18.23
CA GLY A 549 1.23 20.20 16.84
C GLY A 549 0.15 19.18 16.63
N GLY A 550 -0.07 18.81 15.37
CA GLY A 550 -1.05 17.83 15.02
C GLY A 550 -0.47 16.70 14.23
N TYR A 551 -1.10 15.53 14.38
CA TYR A 551 -0.46 14.32 13.91
C TYR A 551 -0.15 14.39 12.42
N LEU A 552 1.05 13.92 12.08
CA LEU A 552 1.50 13.76 10.71
C LEU A 552 0.80 12.53 10.12
N PRO A 553 0.09 12.64 8.99
CA PRO A 553 -0.48 11.47 8.26
C PRO A 553 0.49 10.34 8.04
N GLY A 554 0.11 9.13 8.44
CA GLY A 554 1.02 8.01 8.50
C GLY A 554 1.72 7.78 9.81
N SER A 555 1.83 8.78 10.73
CA SER A 555 2.57 8.64 12.00
C SER A 555 1.65 9.02 13.16
N GLU A 556 0.38 8.63 13.04
CA GLU A 556 -0.59 8.82 14.12
C GLU A 556 -0.23 7.92 15.30
N PRO A 557 -0.77 8.19 16.47
CA PRO A 557 -0.41 7.39 17.66
C PRO A 557 -0.61 5.91 17.55
N GLN A 558 0.42 5.16 17.89
CA GLN A 558 0.41 3.73 17.63
C GLN A 558 1.44 3.07 18.55
N PHE A 559 1.14 1.85 18.95
CA PHE A 559 2.13 0.98 19.53
C PHE A 559 3.06 0.35 18.47
N MET A 560 4.35 0.18 18.83
CA MET A 560 5.28 -0.50 17.92
C MET A 560 5.39 -1.96 18.20
N THR A 561 6.00 -2.71 17.27
CA THR A 561 6.19 -4.18 17.49
C THR A 561 7.06 -4.45 18.74
N PRO A 562 6.67 -5.40 19.62
CA PRO A 562 7.48 -5.76 20.80
C PRO A 562 8.95 -6.16 20.45
N GLY A 563 9.89 -5.56 21.19
CA GLY A 563 11.29 -5.71 20.93
C GLY A 563 11.93 -4.56 20.16
N LEU A 564 11.13 -3.73 19.47
CA LEU A 564 11.70 -2.67 18.63
C LEU A 564 12.59 -1.65 19.40
N ALA A 565 12.32 -1.47 20.69
CA ALA A 565 13.19 -0.60 21.55
C ALA A 565 14.63 -1.13 21.66
N LEU A 566 14.81 -2.44 21.45
CA LEU A 566 16.09 -3.19 21.59
C LEU A 566 16.65 -3.03 22.99
N HIS A 567 15.79 -2.77 23.99
CA HIS A 567 16.23 -2.64 25.38
C HIS A 567 15.98 -3.84 26.22
N LEU A 568 15.90 -5.00 25.60
CA LEU A 568 15.85 -6.31 26.33
C LEU A 568 16.88 -6.33 27.46
N ALA A 569 16.45 -6.74 28.64
CA ALA A 569 17.27 -6.73 29.78
C ALA A 569 16.97 -7.97 30.60
N GLY A 570 17.81 -8.22 31.58
CA GLY A 570 17.53 -9.30 32.47
C GLY A 570 17.75 -10.72 32.02
N THR A 571 18.48 -10.90 30.93
CA THR A 571 18.75 -12.22 30.38
C THR A 571 19.92 -12.91 31.16
N THR A 572 20.76 -12.12 31.84
CA THR A 572 21.86 -12.60 32.69
C THR A 572 21.92 -11.76 34.00
N ARG A 573 20.81 -11.71 34.70
CA ARG A 573 20.49 -10.67 35.66
C ARG A 573 21.39 -10.74 36.91
N CYS A 574 21.86 -9.57 37.30
CA CYS A 574 22.85 -9.46 38.38
C CYS A 574 22.28 -8.63 39.51
N GLY A 575 22.51 -9.14 40.70
CA GLY A 575 22.05 -8.45 41.88
C GLY A 575 22.34 -9.16 43.14
N LEU A 576 21.70 -8.69 44.19
CA LEU A 576 21.95 -9.18 45.55
C LEU A 576 21.31 -10.49 45.90
N ASP A 577 20.17 -10.78 45.26
CA ASP A 577 19.42 -12.02 45.55
C ASP A 577 19.97 -13.16 44.68
N THR A 578 20.96 -13.83 45.25
CA THR A 578 21.64 -14.99 44.63
C THR A 578 20.72 -15.96 43.98
N GLN A 579 19.64 -16.30 44.61
CA GLN A 579 18.81 -17.41 44.14
C GLN A 579 18.02 -17.04 42.90
N LYS A 580 17.88 -15.73 42.67
CA LYS A 580 17.08 -15.20 41.57
C LYS A 580 17.92 -14.49 40.53
N THR A 581 19.24 -14.61 40.65
CA THR A 581 20.11 -13.92 39.76
C THR A 581 21.12 -14.89 39.12
N VAL A 582 21.71 -14.45 38.01
CA VAL A 582 22.81 -15.17 37.34
C VAL A 582 24.16 -14.75 37.97
N GLY A 583 24.29 -13.49 38.39
CA GLY A 583 25.56 -13.01 38.98
C GLY A 583 25.30 -12.03 40.10
N ASN A 584 26.39 -11.67 40.72
CA ASN A 584 26.39 -10.81 41.94
C ASN A 584 26.42 -9.36 41.44
N THR A 585 26.54 -8.40 42.38
CA THR A 585 26.49 -7.03 42.00
C THR A 585 27.76 -6.60 41.25
N HIS A 586 28.82 -7.37 41.26
CA HIS A 586 29.99 -7.10 40.36
C HIS A 586 29.91 -7.94 39.10
N CYS A 587 28.76 -8.53 38.80
CA CYS A 587 28.56 -9.28 37.54
C CYS A 587 29.39 -10.53 37.38
N LYS A 588 29.90 -11.07 38.50
CA LYS A 588 30.50 -12.36 38.56
C LYS A 588 29.43 -13.44 38.63
N VAL A 589 29.51 -14.39 37.71
CA VAL A 589 28.51 -15.43 37.59
C VAL A 589 28.63 -16.36 38.84
N HIS A 590 27.52 -16.64 39.52
CA HIS A 590 27.52 -17.47 40.73
C HIS A 590 28.20 -18.77 40.51
N ASN A 591 29.05 -19.16 41.46
CA ASN A 591 29.79 -20.39 41.44
C ASN A 591 30.94 -20.42 40.43
N PHE A 592 31.26 -19.35 39.72
CA PHE A 592 32.43 -19.37 38.89
C PHE A 592 33.39 -18.35 39.41
N ASN A 593 34.64 -18.66 39.66
CA ASN A 593 35.54 -17.66 40.22
CA ASN A 593 35.52 -17.66 40.23
C ASN A 593 36.00 -16.62 39.19
N ASN A 594 35.82 -16.90 37.89
CA ASN A 594 36.56 -16.20 36.89
C ASN A 594 35.71 -15.89 35.67
N LEU A 595 34.41 -15.85 35.90
CA LEU A 595 33.47 -15.58 34.80
C LEU A 595 32.61 -14.36 35.08
N TYR A 596 32.59 -13.37 34.16
CA TYR A 596 31.81 -12.22 34.39
C TYR A 596 30.90 -11.99 33.14
N VAL A 597 29.80 -11.34 33.38
CA VAL A 597 28.91 -10.93 32.32
C VAL A 597 28.80 -9.39 32.24
N GLY A 598 28.36 -8.97 31.06
CA GLY A 598 28.15 -7.55 30.81
C GLY A 598 27.07 -7.26 29.80
N GLY A 599 26.50 -6.05 29.90
CA GLY A 599 25.52 -5.55 28.98
C GLY A 599 24.13 -5.37 29.60
N ASN A 600 23.14 -5.01 28.77
CA ASN A 600 21.81 -4.73 29.29
C ASN A 600 21.21 -5.94 30.02
N GLY A 601 21.62 -7.14 29.61
CA GLY A 601 21.23 -8.40 30.31
C GLY A 601 21.47 -8.45 31.77
N VAL A 602 22.47 -7.69 32.28
CA VAL A 602 22.72 -7.68 33.71
C VAL A 602 21.68 -6.94 34.58
N ILE A 603 20.94 -6.00 33.98
CA ILE A 603 20.06 -5.16 34.68
C ILE A 603 18.85 -5.94 35.10
N GLU A 604 18.54 -5.95 36.41
CA GLU A 604 17.53 -6.84 36.98
C GLU A 604 16.14 -6.20 37.23
N THR A 605 16.00 -4.93 36.94
CA THR A 605 14.81 -4.19 37.33
C THR A 605 13.98 -3.98 36.04
N GLY A 606 12.73 -3.58 36.25
CA GLY A 606 11.82 -3.18 35.16
C GLY A 606 12.13 -1.75 35.04
N PHE A 607 12.68 -1.32 33.91
CA PHE A 607 13.03 0.05 33.70
C PHE A 607 12.57 0.54 32.33
N ALA A 608 12.47 1.85 32.18
CA ALA A 608 11.88 2.44 30.92
C ALA A 608 12.87 3.29 30.16
N ALA A 609 13.85 3.82 30.86
CA ALA A 609 14.84 4.70 30.24
C ALA A 609 15.86 3.89 29.41
N ASN A 610 16.72 4.58 28.67
CA ASN A 610 17.68 3.89 27.77
C ASN A 610 18.81 3.30 28.64
N PRO A 611 19.18 2.06 28.40
CA PRO A 611 19.94 1.35 29.46
C PRO A 611 21.48 1.47 29.36
N THR A 612 22.00 1.91 28.22
CA THR A 612 23.44 1.73 27.94
C THR A 612 24.31 2.44 29.01
N LEU A 613 23.90 3.61 29.50
CA LEU A 613 24.69 4.26 30.55
C LEU A 613 24.79 3.42 31.83
N THR A 614 23.65 2.86 32.26
CA THR A 614 23.61 2.01 33.41
C THR A 614 24.46 0.72 33.20
N SER A 615 24.39 0.15 32.02
CA SER A 615 25.16 -1.04 31.75
C SER A 615 26.67 -0.77 31.78
N ILE A 616 27.05 0.41 31.33
CA ILE A 616 28.42 0.84 31.51
C ILE A 616 28.89 0.95 32.97
N CYS A 617 28.03 1.45 33.87
CA CYS A 617 28.27 1.38 35.30
C CYS A 617 28.58 -0.02 35.79
N TYR A 618 27.82 -1.02 35.37
CA TYR A 618 28.10 -2.40 35.69
C TYR A 618 29.39 -2.90 35.12
N ALA A 619 29.76 -2.45 33.93
CA ALA A 619 31.04 -2.89 33.32
C ALA A 619 32.24 -2.32 34.16
N ILE A 620 32.07 -1.09 34.60
CA ILE A 620 33.12 -0.44 35.48
C ILE A 620 33.27 -1.27 36.76
N ARG A 621 32.13 -1.63 37.38
CA ARG A 621 32.15 -2.41 38.63
C ARG A 621 32.80 -3.75 38.47
N ALA A 622 32.41 -4.42 37.40
CA ALA A 622 32.91 -5.77 37.14
C ALA A 622 34.43 -5.70 36.83
N SER A 623 34.80 -4.73 35.99
CA SER A 623 36.22 -4.52 35.72
C SER A 623 37.01 -4.31 37.01
N ASN A 624 36.46 -3.51 37.91
CA ASN A 624 37.21 -3.20 39.13
C ASN A 624 37.35 -4.41 39.99
N ASP A 625 36.36 -5.32 39.93
CA ASP A 625 36.47 -6.61 40.67
C ASP A 625 37.54 -7.50 40.03
N ILE A 626 37.54 -7.55 38.70
CA ILE A 626 38.60 -8.28 37.92
C ILE A 626 40.03 -7.76 38.29
N ILE A 627 40.19 -6.46 38.31
CA ILE A 627 41.46 -5.83 38.63
C ILE A 627 41.91 -6.15 40.06
N ALA A 628 40.97 -6.15 41.01
CA ALA A 628 41.25 -6.42 42.45
C ALA A 628 41.66 -7.84 42.60
N LYS A 629 41.00 -8.74 41.85
CA LYS A 629 41.20 -10.17 42.03
C LYS A 629 42.34 -10.73 41.21
N PHE A 630 42.51 -10.24 39.99
CA PHE A 630 43.44 -10.84 39.02
C PHE A 630 44.61 -9.89 38.65
N GLY A 631 44.68 -8.72 39.26
CA GLY A 631 45.88 -7.85 39.17
C GLY A 631 46.87 -8.22 40.28
N ALA B 24 59.46 24.84 -11.19
CA ALA B 24 58.53 23.71 -11.03
C ALA B 24 58.22 23.47 -9.51
N ASP B 25 58.90 22.49 -8.89
CA ASP B 25 58.88 22.22 -7.44
C ASP B 25 57.49 21.91 -6.95
N GLU B 26 56.73 21.17 -7.73
CA GLU B 26 55.44 20.72 -7.26
C GLU B 26 55.51 19.39 -6.50
N PRO B 27 54.68 19.26 -5.48
CA PRO B 27 54.65 18.03 -4.67
C PRO B 27 54.12 16.82 -5.44
N TYR B 28 53.32 17.06 -6.48
CA TYR B 28 52.70 15.98 -7.25
C TYR B 28 52.88 16.06 -8.79
N ASP B 29 53.03 14.92 -9.40
CA ASP B 29 53.06 14.77 -10.86
C ASP B 29 51.64 14.68 -11.44
N VAL B 30 50.74 13.98 -10.74
CA VAL B 30 49.37 13.75 -11.22
C VAL B 30 48.39 14.09 -10.10
N PHE B 31 47.45 14.98 -10.38
CA PHE B 31 46.32 15.21 -9.48
C PHE B 31 45.09 14.45 -10.02
N ILE B 32 44.43 13.67 -9.13
CA ILE B 32 43.19 12.90 -9.52
C ILE B 32 42.05 13.28 -8.55
N ALA B 33 40.94 13.75 -9.13
CA ALA B 33 39.67 14.01 -8.42
C ALA B 33 38.80 12.75 -8.61
N GLY B 34 38.49 12.06 -7.50
CA GLY B 34 37.66 10.85 -7.48
C GLY B 34 38.47 9.61 -7.17
N SER B 35 37.94 8.78 -6.27
CA SER B 35 38.57 7.53 -5.84
C SER B 35 37.73 6.27 -6.13
N GLY B 36 36.89 6.37 -7.17
CA GLY B 36 36.25 5.18 -7.70
C GLY B 36 37.25 4.33 -8.41
N PRO B 37 36.79 3.29 -9.09
CA PRO B 37 37.65 2.36 -9.76
C PRO B 37 38.44 3.01 -10.90
N ILE B 38 37.85 3.99 -11.57
CA ILE B 38 38.59 4.68 -12.61
C ILE B 38 39.71 5.52 -12.00
N GLY B 39 39.42 6.38 -11.03
CA GLY B 39 40.46 7.21 -10.42
C GLY B 39 41.53 6.32 -9.87
N ALA B 40 41.10 5.19 -9.31
CA ALA B 40 42.03 4.29 -8.72
C ALA B 40 42.94 3.74 -9.80
N THR B 41 42.40 3.36 -10.95
CA THR B 41 43.20 2.81 -12.04
C THR B 41 44.33 3.82 -12.47
N PHE B 42 43.98 5.11 -12.55
CA PHE B 42 44.97 6.17 -12.82
C PHE B 42 46.02 6.17 -11.74
N ALA B 43 45.59 6.13 -10.47
CA ALA B 43 46.52 6.17 -9.37
C ALA B 43 47.49 5.01 -9.46
N LYS B 44 46.96 3.77 -9.62
CA LYS B 44 47.77 2.56 -9.67
C LYS B 44 48.80 2.63 -10.78
N LEU B 45 48.36 3.01 -11.99
CA LEU B 45 49.26 2.94 -13.14
C LEU B 45 50.33 4.00 -13.09
N CYS B 46 49.95 5.19 -12.64
CA CYS B 46 50.89 6.29 -12.50
C CYS B 46 51.91 6.04 -11.36
N VAL B 47 51.45 5.62 -10.20
CA VAL B 47 52.37 5.29 -9.09
C VAL B 47 53.30 4.21 -9.49
N ASP B 48 52.80 3.21 -10.23
CA ASP B 48 53.65 2.09 -10.68
C ASP B 48 54.73 2.61 -11.68
N ALA B 49 54.42 3.64 -12.44
CA ALA B 49 55.38 4.28 -13.33
C ALA B 49 56.24 5.37 -12.59
N ASN B 50 56.36 5.26 -11.26
CA ASN B 50 57.16 6.15 -10.42
C ASN B 50 56.71 7.61 -10.36
N LEU B 51 55.45 7.89 -10.68
CA LEU B 51 54.92 9.25 -10.55
C LEU B 51 54.31 9.49 -9.17
N ARG B 52 54.33 10.76 -8.72
CA ARG B 52 53.76 11.15 -7.43
C ARG B 52 52.30 11.57 -7.65
N VAL B 53 51.39 10.95 -6.90
CA VAL B 53 49.97 11.14 -7.10
C VAL B 53 49.28 11.67 -5.87
N CYS B 54 48.45 12.67 -6.11
CA CYS B 54 47.51 13.15 -5.14
C CYS B 54 46.10 12.85 -5.64
N MET B 55 45.38 12.06 -4.84
CA MET B 55 43.96 11.77 -5.07
C MET B 55 43.10 12.47 -3.99
N VAL B 56 42.07 13.22 -4.41
CA VAL B 56 41.11 13.79 -3.50
C VAL B 56 39.74 13.04 -3.72
N GLU B 57 39.07 12.75 -2.63
CA GLU B 57 37.78 12.06 -2.66
C GLU B 57 36.89 12.90 -1.78
N ILE B 58 35.71 13.27 -2.29
CA ILE B 58 34.81 14.14 -1.56
C ILE B 58 34.16 13.44 -0.37
N GLY B 59 33.91 12.16 -0.50
CA GLY B 59 33.36 11.32 0.57
C GLY B 59 34.37 10.78 1.55
N ALA B 60 33.87 9.90 2.45
CA ALA B 60 34.67 9.28 3.50
C ALA B 60 35.21 7.93 3.07
N ALA B 61 36.25 7.50 3.78
CA ALA B 61 36.68 6.11 3.65
C ALA B 61 35.76 5.38 4.61
N ASP B 62 34.89 4.51 4.07
CA ASP B 62 33.82 3.93 4.88
C ASP B 62 33.64 2.40 4.68
N SER B 63 34.59 1.78 4.00
CA SER B 63 34.61 0.35 3.92
CA SER B 63 34.61 0.33 3.92
C SER B 63 36.03 -0.12 3.69
N PHE B 64 36.45 -1.07 4.48
CA PHE B 64 37.87 -1.41 4.59
C PHE B 64 38.10 -2.92 4.70
N THR B 65 39.20 -3.39 4.15
CA THR B 65 39.69 -4.70 4.54
C THR B 65 41.14 -4.42 5.05
N SER B 66 41.85 -5.45 5.38
CA SER B 66 43.16 -5.26 5.93
C SER B 66 44.12 -6.21 5.24
N LYS B 67 45.30 -5.73 4.95
CA LYS B 67 46.31 -6.60 4.34
C LYS B 67 47.68 -6.39 4.97
N PRO B 68 48.54 -7.39 4.85
CA PRO B 68 49.82 -7.25 5.53
C PRO B 68 50.70 -6.27 4.78
N MET B 69 51.31 -5.40 5.58
CA MET B 69 52.26 -4.40 5.15
C MET B 69 53.51 -5.14 4.68
N LYS B 70 54.07 -4.73 3.56
CA LYS B 70 55.31 -5.37 3.10
C LYS B 70 56.54 -4.92 3.90
N GLY B 71 57.45 -5.87 4.08
CA GLY B 71 58.56 -5.70 4.99
C GLY B 71 58.15 -6.03 6.41
N GLN B 80 44.81 -8.92 11.63
CA GLN B 80 43.75 -8.28 10.82
C GLN B 80 43.33 -6.98 11.47
N PHE B 81 43.82 -5.87 10.92
CA PHE B 81 43.81 -4.53 11.57
C PHE B 81 44.47 -4.57 12.99
N GLY B 82 45.48 -5.42 13.14
CA GLY B 82 46.41 -5.35 14.28
C GLY B 82 47.71 -4.69 13.84
N PRO B 83 48.83 -5.04 14.50
CA PRO B 83 50.16 -4.59 14.05
C PRO B 83 50.77 -5.40 12.89
N GLY B 84 51.30 -4.70 11.90
CA GLY B 84 51.84 -5.33 10.67
C GLY B 84 50.84 -5.29 9.53
N GLN B 85 49.57 -4.97 9.83
CA GLN B 85 48.54 -4.98 8.80
C GLN B 85 48.20 -3.53 8.54
N VAL B 86 47.72 -3.19 7.35
CA VAL B 86 47.24 -1.82 7.08
C VAL B 86 45.85 -1.93 6.52
N PRO B 87 44.92 -1.09 6.98
CA PRO B 87 43.60 -1.02 6.32
C PRO B 87 43.65 -0.46 4.89
N ILE B 88 42.75 -0.98 4.05
CA ILE B 88 42.68 -0.61 2.66
C ILE B 88 41.24 -0.21 2.43
N PRO B 89 41.05 1.03 2.09
CA PRO B 89 39.68 1.53 1.91
C PRO B 89 39.16 1.09 0.57
N GLY B 90 37.88 1.28 0.33
CA GLY B 90 37.31 1.04 -1.00
C GLY B 90 36.90 -0.39 -1.24
N TYR B 91 36.76 -1.11 -0.12
CA TYR B 91 36.45 -2.55 -0.15
C TYR B 91 34.96 -2.79 -0.38
N HIS B 92 34.58 -3.92 -0.97
CA HIS B 92 33.16 -4.11 -1.31
C HIS B 92 32.32 -4.37 -0.09
N LYS B 93 31.29 -3.57 0.14
CA LYS B 93 30.49 -3.74 1.33
C LYS B 93 29.81 -5.15 1.47
N LYS B 94 29.57 -5.84 0.35
CA LYS B 94 28.86 -7.14 0.35
C LYS B 94 29.76 -8.25 0.86
N ASN B 95 31.05 -7.96 0.97
CA ASN B 95 31.97 -8.94 1.54
C ASN B 95 31.87 -9.25 2.99
N GLU B 96 31.19 -8.40 3.77
CA GLU B 96 31.02 -8.69 5.25
C GLU B 96 30.21 -9.92 5.35
N ILE B 97 30.61 -10.80 6.21
CA ILE B 97 29.93 -12.01 6.36
C ILE B 97 28.45 -11.85 6.65
N GLU B 98 28.03 -10.82 7.36
CA GLU B 98 26.62 -10.61 7.66
CA GLU B 98 26.61 -10.69 7.62
C GLU B 98 25.77 -10.57 6.35
N TYR B 99 26.34 -9.97 5.29
CA TYR B 99 25.64 -9.90 3.99
C TYR B 99 25.83 -11.17 3.12
N GLN B 100 26.84 -11.95 3.37
CA GLN B 100 27.01 -13.22 2.62
C GLN B 100 25.93 -14.19 3.20
N LYS B 101 25.69 -14.06 4.49
CA LYS B 101 24.69 -14.87 5.19
C LYS B 101 23.26 -14.39 4.95
N ASP B 102 23.03 -13.07 4.81
CA ASP B 102 21.66 -12.52 4.67
C ASP B 102 21.68 -11.47 3.57
N ILE B 103 21.75 -11.93 2.33
CA ILE B 103 21.93 -11.06 1.19
C ILE B 103 20.75 -10.15 0.98
N ASP B 104 19.54 -10.55 1.39
CA ASP B 104 18.45 -9.61 1.19
C ASP B 104 18.55 -8.30 2.02
N ARG B 105 19.40 -8.24 3.04
CA ARG B 105 19.57 -7.02 3.81
C ARG B 105 20.47 -5.99 3.07
N PHE B 106 21.23 -6.44 2.08
CA PHE B 106 22.12 -5.56 1.35
C PHE B 106 21.41 -4.50 0.50
N VAL B 107 20.14 -4.69 0.21
CA VAL B 107 19.37 -3.63 -0.46
C VAL B 107 19.43 -2.31 0.36
N ASN B 108 19.46 -2.43 1.68
CA ASN B 108 19.53 -1.26 2.57
C ASN B 108 20.84 -0.47 2.40
N VAL B 109 21.94 -1.19 2.26
CA VAL B 109 23.25 -0.59 1.97
C VAL B 109 23.20 0.19 0.70
N ILE B 110 22.66 -0.40 -0.35
CA ILE B 110 22.58 0.24 -1.62
C ILE B 110 21.74 1.53 -1.54
N LYS B 111 20.56 1.44 -0.95
CA LYS B 111 19.71 2.63 -0.84
C LYS B 111 20.37 3.74 -0.02
N GLY B 112 21.04 3.37 1.05
CA GLY B 112 21.79 4.33 1.86
C GLY B 112 22.96 4.97 1.16
N ALA B 113 23.55 4.27 0.17
CA ALA B 113 24.69 4.80 -0.60
C ALA B 113 24.33 5.71 -1.80
N LEU B 114 23.06 5.71 -2.25
CA LEU B 114 22.67 6.44 -3.46
C LEU B 114 22.05 7.79 -3.15
N SER B 115 22.62 8.81 -3.74
CA SER B 115 22.13 10.19 -3.60
C SER B 115 21.55 10.66 -4.95
N THR B 116 20.24 10.84 -4.99
CA THR B 116 19.56 11.14 -6.26
C THR B 116 20.07 12.47 -6.82
N CYS B 117 20.28 12.59 -8.14
CA CYS B 117 20.92 13.79 -8.73
C CYS B 117 20.01 15.02 -8.87
N SER B 118 18.81 14.82 -9.40
CA SER B 118 17.87 15.94 -9.74
C SER B 118 16.48 15.48 -9.38
N ILE B 119 15.96 16.12 -8.37
CA ILE B 119 14.63 15.85 -7.76
C ILE B 119 13.80 17.09 -8.02
N PRO B 120 12.78 16.99 -8.86
CA PRO B 120 11.96 18.16 -9.19
C PRO B 120 11.23 18.78 -7.99
N THR B 121 10.90 20.06 -8.05
CA THR B 121 10.10 20.62 -7.01
C THR B 121 8.66 20.13 -7.20
N SER B 122 7.87 20.17 -6.14
CA SER B 122 6.44 19.83 -6.21
C SER B 122 5.73 20.70 -5.20
N ASN B 123 4.42 20.82 -5.31
CA ASN B 123 3.69 21.62 -4.30
C ASN B 123 2.35 20.95 -4.09
N ASN B 124 2.38 19.71 -3.63
CA ASN B 124 1.15 18.95 -3.52
C ASN B 124 0.39 19.29 -2.25
N HIS B 125 -0.91 19.37 -2.37
CA HIS B 125 -1.80 19.61 -1.24
C HIS B 125 -1.99 18.34 -0.44
N ILE B 126 -1.88 18.46 0.87
CA ILE B 126 -2.13 17.34 1.77
C ILE B 126 -3.44 17.61 2.45
N ALA B 127 -4.47 16.87 2.05
CA ALA B 127 -5.83 17.23 2.47
C ALA B 127 -6.08 16.94 3.93
N THR B 128 -5.42 15.92 4.46
CA THR B 128 -5.75 15.53 5.79
C THR B 128 -4.86 16.06 6.95
N LEU B 129 -4.09 17.09 6.71
CA LEU B 129 -3.36 17.68 7.84
C LEU B 129 -4.34 18.22 8.86
N ASP B 130 -3.93 18.22 10.13
CA ASP B 130 -4.64 18.94 11.15
C ASP B 130 -4.68 20.43 10.75
N PRO B 131 -5.86 21.05 10.79
CA PRO B 131 -5.96 22.41 10.24
C PRO B 131 -5.16 23.49 11.01
N SER B 132 -4.57 23.18 12.16
CA SER B 132 -3.85 24.21 12.94
C SER B 132 -2.35 24.20 12.62
N VAL B 133 -1.91 23.24 11.79
CA VAL B 133 -0.48 23.06 11.57
C VAL B 133 0.05 23.82 10.41
N VAL B 134 1.37 23.96 10.39
CA VAL B 134 2.11 24.61 9.30
C VAL B 134 1.80 23.89 7.95
N SER B 135 1.39 24.68 6.94
CA SER B 135 1.03 24.12 5.69
C SER B 135 1.55 24.93 4.52
N ASN B 136 1.84 24.25 3.42
CA ASN B 136 1.95 24.92 2.09
C ASN B 136 0.62 25.41 1.62
N SER B 137 0.69 26.38 0.70
CA SER B 137 -0.45 26.88 -0.02
C SER B 137 -0.12 26.98 -1.52
N LEU B 138 -1.12 27.34 -2.33
CA LEU B 138 -0.93 27.40 -3.75
C LEU B 138 0.23 28.34 -4.02
N ASP B 139 0.21 29.49 -3.38
CA ASP B 139 1.20 30.55 -3.69
C ASP B 139 2.41 30.55 -2.74
N LYS B 140 2.32 29.81 -1.67
CA LYS B 140 3.43 29.70 -0.71
C LYS B 140 3.76 28.26 -0.51
N PRO B 141 4.51 27.70 -1.44
CA PRO B 141 5.04 26.35 -1.24
C PRO B 141 6.14 26.23 -0.16
N PHE B 142 6.40 25.01 0.32
CA PHE B 142 7.58 24.82 1.14
C PHE B 142 8.81 25.07 0.25
N ILE B 143 9.90 25.47 0.86
CA ILE B 143 11.18 25.59 0.16
C ILE B 143 11.99 24.42 0.68
N SER B 144 12.26 23.46 -0.19
CA SER B 144 12.81 22.17 0.19
C SER B 144 14.19 22.18 -0.39
N LEU B 145 15.17 22.35 0.51
CA LEU B 145 16.56 22.48 0.12
C LEU B 145 17.00 21.24 -0.70
N GLY B 146 17.78 21.44 -1.75
CA GLY B 146 18.21 20.26 -2.52
C GLY B 146 17.26 19.73 -3.60
N LYS B 147 16.01 20.17 -3.65
CA LYS B 147 15.23 19.93 -4.87
C LYS B 147 15.70 20.92 -5.95
N ASN B 148 15.41 20.63 -7.21
CA ASN B 148 15.87 21.35 -8.37
C ASN B 148 14.74 22.02 -9.13
N PRO B 149 14.51 23.31 -8.88
CA PRO B 149 13.41 24.01 -9.49
C PRO B 149 13.50 24.08 -10.99
N ALA B 150 14.66 23.84 -11.58
CA ALA B 150 14.81 23.91 -13.01
C ALA B 150 14.43 22.65 -13.70
N GLN B 151 14.26 21.54 -12.98
CA GLN B 151 14.08 20.23 -13.63
C GLN B 151 12.67 20.00 -14.11
N ASN B 152 12.50 19.84 -15.44
CA ASN B 152 11.24 19.41 -16.00
C ASN B 152 11.11 17.90 -15.71
N PRO B 153 10.15 17.47 -14.88
CA PRO B 153 10.11 16.02 -14.64
C PRO B 153 9.97 15.12 -15.85
N PHE B 154 9.41 15.59 -16.95
CA PHE B 154 9.17 14.72 -18.09
C PHE B 154 10.39 14.45 -18.94
N VAL B 155 11.51 15.15 -18.67
CA VAL B 155 12.75 14.98 -19.44
C VAL B 155 13.91 14.66 -18.49
N ASN B 156 13.56 14.18 -17.30
CA ASN B 156 14.50 13.85 -16.27
C ASN B 156 15.05 12.42 -16.44
N LEU B 157 16.16 12.16 -15.79
CA LEU B 157 16.61 10.81 -15.46
C LEU B 157 16.49 10.68 -13.92
N GLY B 158 15.29 10.38 -13.53
CA GLY B 158 14.84 10.62 -12.19
C GLY B 158 15.46 9.73 -11.18
N ALA B 159 15.96 8.58 -11.62
CA ALA B 159 16.60 7.61 -10.73
C ALA B 159 18.15 7.69 -10.84
N GLU B 160 18.66 8.60 -11.70
CA GLU B 160 20.10 8.82 -11.71
C GLU B 160 20.61 9.32 -10.35
N ALA B 161 21.70 8.74 -9.89
CA ALA B 161 22.19 8.91 -8.49
C ALA B 161 23.68 8.79 -8.44
N VAL B 162 24.29 9.33 -7.41
CA VAL B 162 25.76 9.18 -7.16
C VAL B 162 26.05 8.55 -5.79
N THR B 163 27.26 8.00 -5.62
CA THR B 163 27.75 7.55 -4.36
C THR B 163 29.02 8.23 -4.03
N ARG B 164 29.07 8.86 -2.86
CA ARG B 164 30.26 9.55 -2.40
C ARG B 164 30.97 8.77 -1.31
N GLY B 165 32.19 8.31 -1.62
CA GLY B 165 32.99 7.59 -0.62
C GLY B 165 34.18 7.00 -1.33
N VAL B 166 35.22 6.64 -0.59
CA VAL B 166 36.34 5.94 -1.19
C VAL B 166 35.82 4.68 -1.87
N GLY B 167 36.16 4.54 -3.15
CA GLY B 167 35.66 3.43 -4.00
C GLY B 167 34.47 3.78 -4.84
N GLY B 168 33.91 4.99 -4.64
CA GLY B 168 32.70 5.39 -5.30
C GLY B 168 31.64 4.30 -5.28
N MET B 169 31.10 4.00 -6.46
CA MET B 169 30.04 2.97 -6.55
C MET B 169 30.53 1.59 -6.44
N SER B 170 31.84 1.37 -6.55
CA SER B 170 32.40 0.03 -6.56
C SER B 170 32.26 -0.63 -5.20
N THR B 171 31.90 0.11 -4.17
CA THR B 171 31.70 -0.56 -2.86
C THR B 171 30.32 -1.22 -2.70
N HIS B 172 29.44 -1.03 -3.69
CA HIS B 172 28.14 -1.72 -3.71
C HIS B 172 27.77 -2.40 -5.04
N TRP B 173 28.48 -2.14 -6.15
CA TRP B 173 28.05 -2.62 -7.48
C TRP B 173 27.92 -4.13 -7.67
N THR B 174 27.26 -4.56 -8.72
CA THR B 174 26.99 -5.98 -8.92
CA THR B 174 27.01 -6.00 -8.85
C THR B 174 28.13 -6.75 -9.55
N CYS B 175 29.13 -6.01 -10.01
CA CYS B 175 30.40 -6.57 -10.52
C CYS B 175 30.37 -7.26 -11.91
N ALA B 176 29.30 -6.99 -12.66
CA ALA B 176 29.21 -7.51 -14.03
C ALA B 176 30.15 -6.73 -14.96
N THR B 177 31.04 -7.43 -15.64
CA THR B 177 32.02 -6.82 -16.53
C THR B 177 32.08 -7.50 -17.91
N PRO B 178 31.05 -7.26 -18.73
CA PRO B 178 31.09 -7.75 -20.12
C PRO B 178 31.87 -6.81 -21.02
N GLU B 179 32.31 -7.34 -22.16
CA GLU B 179 32.93 -6.46 -23.11
C GLU B 179 31.79 -5.84 -23.92
N PHE B 180 32.08 -4.75 -24.59
CA PHE B 180 31.16 -4.19 -25.58
C PHE B 180 31.28 -4.87 -26.92
N PHE B 181 30.12 -4.92 -27.62
CA PHE B 181 29.93 -5.51 -28.94
C PHE B 181 30.59 -4.65 -30.01
N ALA B 182 31.38 -5.28 -30.86
CA ALA B 182 31.90 -4.67 -32.06
C ALA B 182 31.40 -5.50 -33.21
N PRO B 183 30.80 -4.90 -34.20
CA PRO B 183 30.24 -5.75 -35.23
C PRO B 183 31.32 -6.20 -36.23
N ALA B 184 30.96 -7.18 -37.05
CA ALA B 184 31.80 -7.61 -38.21
C ALA B 184 32.25 -6.49 -39.11
N ASP B 185 31.28 -5.69 -39.54
CA ASP B 185 31.56 -4.56 -40.43
C ASP B 185 31.94 -3.35 -39.60
N PHE B 186 33.15 -2.87 -39.81
CA PHE B 186 33.70 -1.71 -39.12
C PHE B 186 32.91 -0.45 -39.43
N ASN B 187 32.26 -0.38 -40.60
CA ASN B 187 31.35 0.72 -40.93
C ASN B 187 29.86 0.45 -40.74
N ALA B 188 29.53 -0.47 -39.84
CA ALA B 188 28.14 -0.73 -39.47
C ALA B 188 27.50 0.52 -38.89
N PRO B 189 26.19 0.75 -39.11
CA PRO B 189 25.57 1.97 -38.57
C PRO B 189 25.47 2.02 -37.01
N HIS B 190 25.58 0.86 -36.37
CA HIS B 190 25.66 0.82 -34.87
C HIS B 190 26.70 -0.09 -34.33
N ARG B 191 27.39 0.41 -33.29
CA ARG B 191 28.32 -0.34 -32.49
C ARG B 191 28.21 0.07 -30.99
N GLU B 192 28.41 -0.87 -30.09
CA GLU B 192 28.63 -0.54 -28.68
C GLU B 192 30.07 -0.09 -28.40
N ARG B 193 31.04 -0.82 -28.93
CA ARG B 193 32.44 -0.48 -28.67
C ARG B 193 32.87 0.73 -29.54
N PRO B 194 33.33 1.81 -28.88
CA PRO B 194 33.81 2.94 -29.62
C PRO B 194 35.07 2.61 -30.41
N LYS B 195 35.23 3.38 -31.47
CA LYS B 195 36.40 3.37 -32.31
C LYS B 195 37.53 4.17 -31.68
N LEU B 196 38.68 3.49 -31.51
CA LEU B 196 39.94 4.09 -31.07
C LEU B 196 40.79 4.50 -32.26
N SER B 197 40.50 3.98 -33.44
CA SER B 197 41.31 4.28 -34.61
C SER B 197 40.43 4.22 -35.82
N THR B 198 40.82 4.92 -36.90
CA THR B 198 40.07 4.78 -38.14
C THR B 198 40.47 3.49 -38.89
N ASP B 199 41.53 2.85 -38.45
CA ASP B 199 41.97 1.62 -39.06
C ASP B 199 41.36 0.50 -38.27
N ALA B 200 40.55 -0.32 -38.92
CA ALA B 200 39.82 -1.42 -38.25
C ALA B 200 40.72 -2.43 -37.55
N ALA B 201 41.77 -2.85 -38.24
CA ALA B 201 42.75 -3.80 -37.67
C ALA B 201 43.41 -3.27 -36.39
N GLU B 202 43.81 -2.00 -36.38
CA GLU B 202 44.48 -1.37 -35.27
C GLU B 202 43.46 -1.16 -34.12
N ASP B 203 42.28 -0.63 -34.44
CA ASP B 203 41.25 -0.55 -33.39
C ASP B 203 41.06 -1.92 -32.67
N ALA B 204 40.94 -3.00 -33.42
CA ALA B 204 40.79 -4.32 -32.82
C ALA B 204 41.98 -4.67 -31.97
N ARG B 205 43.20 -4.40 -32.46
CA ARG B 205 44.38 -4.72 -31.68
C ARG B 205 44.36 -3.96 -30.39
N ILE B 206 44.05 -2.66 -30.41
CA ILE B 206 44.14 -1.86 -29.19
C ILE B 206 43.13 -2.36 -28.10
N TRP B 207 41.92 -2.70 -28.52
CA TRP B 207 40.93 -3.20 -27.62
C TRP B 207 41.21 -4.56 -27.04
N LYS B 208 41.71 -5.48 -27.86
CA LYS B 208 42.15 -6.76 -27.33
C LYS B 208 43.12 -6.62 -26.12
N ASP B 209 44.09 -5.73 -26.28
CA ASP B 209 45.13 -5.45 -25.32
C ASP B 209 44.48 -4.80 -24.12
N LEU B 210 43.68 -3.76 -24.38
CA LEU B 210 43.08 -3.02 -23.26
C LEU B 210 42.13 -3.89 -22.44
N TYR B 211 41.25 -4.62 -23.08
CA TYR B 211 40.29 -5.45 -22.31
C TYR B 211 41.00 -6.53 -21.52
N ALA B 212 42.08 -7.04 -22.07
CA ALA B 212 42.80 -8.09 -21.31
C ALA B 212 43.39 -7.47 -20.04
N GLN B 213 43.93 -6.26 -20.19
CA GLN B 213 44.53 -5.58 -19.05
C GLN B 213 43.46 -5.12 -18.00
N ALA B 214 42.36 -4.63 -18.50
CA ALA B 214 41.22 -4.20 -17.70
C ALA B 214 40.66 -5.30 -16.86
N LYS B 215 40.50 -6.49 -17.47
CA LYS B 215 40.02 -7.68 -16.76
C LYS B 215 40.94 -8.08 -15.65
N GLU B 216 42.23 -7.95 -15.89
CA GLU B 216 43.20 -8.21 -14.87
C GLU B 216 43.14 -7.27 -13.67
N ILE B 217 42.98 -6.00 -13.95
CA ILE B 217 42.91 -4.97 -12.92
C ILE B 217 41.71 -5.21 -11.97
N ILE B 218 40.57 -5.52 -12.55
CA ILE B 218 39.29 -5.60 -11.79
C ILE B 218 39.04 -7.05 -11.35
N GLY B 219 39.75 -8.00 -12.01
CA GLY B 219 39.61 -9.41 -11.66
C GLY B 219 38.38 -10.18 -12.18
N THR B 220 38.03 -9.95 -13.41
CA THR B 220 36.90 -10.62 -14.03
C THR B 220 37.05 -12.13 -14.17
N SER B 221 35.96 -12.86 -13.89
CA SER B 221 35.93 -14.30 -14.05
C SER B 221 34.57 -14.73 -14.57
N THR B 222 34.53 -15.78 -15.37
CA THR B 222 33.24 -16.37 -15.76
C THR B 222 32.96 -17.74 -15.11
N THR B 223 33.80 -18.17 -14.21
CA THR B 223 33.65 -19.53 -13.64
C THR B 223 33.26 -19.62 -12.19
N GLU B 224 32.97 -18.47 -11.58
CA GLU B 224 32.77 -18.45 -10.12
C GLU B 224 31.43 -19.03 -9.63
N PHE B 225 30.52 -19.35 -10.56
CA PHE B 225 29.24 -19.99 -10.26
C PHE B 225 29.09 -21.36 -10.93
N ASP B 226 30.20 -21.97 -11.30
CA ASP B 226 30.09 -23.15 -12.17
C ASP B 226 29.67 -24.40 -11.46
N HIS B 227 29.67 -24.35 -10.13
CA HIS B 227 29.18 -25.39 -9.32
C HIS B 227 27.98 -25.03 -8.49
N SER B 228 27.20 -24.07 -8.98
CA SER B 228 25.86 -23.81 -8.43
C SER B 228 24.83 -24.60 -9.21
N ILE B 229 23.96 -25.32 -8.47
CA ILE B 229 22.83 -26.01 -9.07
C ILE B 229 21.94 -24.99 -9.81
N ARG B 230 21.61 -23.88 -9.18
CA ARG B 230 20.69 -22.94 -9.78
C ARG B 230 21.24 -22.33 -11.05
N HIS B 231 22.52 -21.95 -11.01
CA HIS B 231 23.17 -21.39 -12.14
C HIS B 231 23.17 -22.34 -13.29
N ASN B 232 23.62 -23.56 -13.05
CA ASN B 232 23.66 -24.58 -14.06
C ASN B 232 22.29 -24.99 -14.59
N LEU B 233 21.28 -25.03 -13.75
CA LEU B 233 19.92 -25.36 -14.16
C LEU B 233 19.41 -24.33 -15.20
N VAL B 234 19.62 -23.07 -14.87
CA VAL B 234 19.12 -21.98 -15.72
C VAL B 234 19.93 -21.95 -17.00
N LEU B 235 21.26 -22.04 -16.88
CA LEU B 235 22.09 -21.90 -18.05
C LEU B 235 21.80 -23.03 -19.08
N ARG B 236 21.80 -24.24 -18.56
CA ARG B 236 21.73 -25.40 -19.38
C ARG B 236 20.36 -25.56 -19.92
N LYS B 237 19.34 -25.29 -19.10
CA LYS B 237 17.97 -25.41 -19.60
C LYS B 237 17.74 -24.40 -20.75
N TYR B 238 18.18 -23.16 -20.58
CA TYR B 238 17.95 -22.19 -21.60
C TYR B 238 18.70 -22.56 -22.87
N ASN B 239 19.94 -23.07 -22.75
CA ASN B 239 20.67 -23.41 -24.00
C ASN B 239 19.95 -24.59 -24.71
N ASP B 240 19.45 -25.56 -23.96
CA ASP B 240 18.69 -26.65 -24.59
C ASP B 240 17.39 -26.18 -25.27
N ILE B 241 16.72 -25.23 -24.65
CA ILE B 241 15.49 -24.70 -25.23
C ILE B 241 15.82 -23.92 -26.49
N PHE B 242 16.78 -23.04 -26.39
CA PHE B 242 17.00 -22.11 -27.44
C PHE B 242 17.84 -22.60 -28.61
N GLN B 243 18.43 -23.78 -28.47
CA GLN B 243 19.10 -24.47 -29.63
C GLN B 243 18.06 -25.10 -30.56
N LYS B 244 16.95 -25.56 -30.02
CA LYS B 244 15.84 -26.05 -30.82
C LYS B 244 15.09 -24.94 -31.59
N GLU B 245 14.91 -23.75 -30.98
CA GLU B 245 14.06 -22.69 -31.56
C GLU B 245 14.53 -22.23 -32.96
N ASN B 246 13.65 -21.58 -33.71
CA ASN B 246 13.95 -21.12 -35.07
C ASN B 246 15.04 -20.04 -35.03
N VAL B 247 14.88 -19.11 -34.10
CA VAL B 247 15.92 -18.12 -33.75
C VAL B 247 16.81 -18.65 -32.59
N ILE B 248 18.07 -19.03 -32.89
CA ILE B 248 19.03 -19.50 -31.87
C ILE B 248 19.32 -18.31 -30.97
N ARG B 249 19.49 -18.56 -29.66
CA ARG B 249 20.02 -17.58 -28.71
C ARG B 249 21.00 -18.36 -27.82
N GLU B 250 22.14 -17.77 -27.54
CA GLU B 250 23.17 -18.41 -26.77
C GLU B 250 23.28 -17.73 -25.43
N PHE B 251 23.24 -18.56 -24.40
CA PHE B 251 23.34 -18.13 -23.04
C PHE B 251 24.66 -18.58 -22.47
N SER B 252 25.22 -17.69 -21.66
CA SER B 252 26.55 -17.81 -21.17
C SER B 252 26.69 -17.25 -19.72
N PRO B 253 27.73 -17.64 -19.02
CA PRO B 253 27.88 -17.10 -17.67
C PRO B 253 28.19 -15.62 -17.75
N LEU B 254 27.55 -14.81 -16.93
CA LEU B 254 27.86 -13.40 -16.84
C LEU B 254 29.27 -13.13 -16.27
N PRO B 255 30.08 -12.33 -16.97
CA PRO B 255 31.44 -12.16 -16.38
C PRO B 255 31.32 -11.21 -15.21
N LEU B 256 31.97 -11.60 -14.15
CA LEU B 256 31.89 -10.94 -12.83
C LEU B 256 33.26 -10.74 -12.19
N ALA B 257 33.43 -9.60 -11.54
CA ALA B 257 34.64 -9.27 -10.86
C ALA B 257 34.50 -9.75 -9.42
N CYS B 258 34.82 -11.01 -9.23
CA CYS B 258 34.73 -11.64 -7.90
C CYS B 258 35.56 -12.90 -7.91
N HIS B 259 35.77 -13.49 -6.78
CA HIS B 259 36.23 -14.81 -6.81
C HIS B 259 35.67 -15.55 -5.58
N ARG B 260 35.21 -16.76 -5.81
CA ARG B 260 34.68 -17.59 -4.77
C ARG B 260 35.82 -18.00 -3.86
N LEU B 261 35.55 -18.00 -2.56
CA LEU B 261 36.56 -18.30 -1.59
C LEU B 261 36.72 -19.80 -1.36
N THR B 262 37.81 -20.18 -0.73
CA THR B 262 38.10 -21.62 -0.44
C THR B 262 36.94 -22.26 0.35
N ASP B 263 36.22 -21.45 1.13
CA ASP B 263 34.92 -21.84 1.64
C ASP B 263 33.92 -21.37 0.64
N PRO B 264 33.41 -22.26 -0.21
CA PRO B 264 32.65 -21.80 -1.38
C PRO B 264 31.29 -21.20 -1.00
N ASP B 265 30.90 -21.22 0.28
CA ASP B 265 29.75 -20.42 0.75
C ASP B 265 29.97 -18.89 0.67
N TYR B 266 31.19 -18.45 0.42
CA TYR B 266 31.49 -17.00 0.40
C TYR B 266 32.16 -16.61 -0.89
N VAL B 267 31.89 -15.40 -1.28
CA VAL B 267 32.45 -14.85 -2.48
C VAL B 267 33.11 -13.55 -2.13
N GLU B 268 34.30 -13.27 -2.68
CA GLU B 268 34.82 -11.93 -2.54
C GLU B 268 34.50 -11.10 -3.77
N TRP B 269 33.66 -10.09 -3.63
CA TRP B 269 33.32 -9.21 -4.72
C TRP B 269 34.39 -8.16 -4.79
N HIS B 270 34.86 -7.85 -5.99
CA HIS B 270 35.99 -6.94 -6.17
C HIS B 270 35.56 -5.53 -6.18
N ALA B 271 36.45 -4.61 -5.78
CA ALA B 271 36.13 -3.19 -5.73
C ALA B 271 37.48 -2.44 -5.77
N THR B 272 37.44 -1.17 -5.49
CA THR B 272 38.63 -0.32 -5.55
C THR B 272 39.77 -0.76 -4.65
N ASP B 273 39.50 -1.45 -3.54
CA ASP B 273 40.56 -1.93 -2.67
C ASP B 273 41.60 -2.78 -3.45
N ARG B 274 41.14 -3.60 -4.36
CA ARG B 274 42.01 -4.48 -5.13
C ARG B 274 42.93 -3.64 -6.06
N ILE B 275 42.40 -2.53 -6.59
CA ILE B 275 43.15 -1.66 -7.47
C ILE B 275 44.17 -0.86 -6.63
N LEU B 276 43.75 -0.39 -5.47
CA LEU B 276 44.61 0.41 -4.55
C LEU B 276 45.59 -0.35 -3.69
N GLU B 277 45.45 -1.65 -3.61
CA GLU B 277 46.06 -2.41 -2.53
C GLU B 277 47.54 -2.09 -2.32
N GLU B 278 48.33 -2.24 -3.37
CA GLU B 278 49.79 -2.01 -3.26
C GLU B 278 50.21 -0.54 -2.92
N LEU B 279 49.38 0.44 -3.27
CA LEU B 279 49.63 1.82 -2.83
C LEU B 279 49.53 2.01 -1.32
N PHE B 280 48.98 1.02 -0.63
CA PHE B 280 48.89 0.98 0.79
C PHE B 280 49.89 -0.01 1.44
N THR B 281 50.09 -1.15 0.83
CA THR B 281 50.92 -2.20 1.42
C THR B 281 52.42 -2.14 1.01
N ASP B 282 52.74 -1.46 -0.09
CA ASP B 282 54.12 -1.38 -0.53
C ASP B 282 54.68 -0.03 -0.06
N PRO B 283 55.67 -0.04 0.86
CA PRO B 283 56.11 1.24 1.37
C PRO B 283 56.67 2.21 0.31
N VAL B 284 57.18 1.69 -0.81
CA VAL B 284 57.80 2.55 -1.83
C VAL B 284 56.69 3.25 -2.63
N LYS B 285 55.64 2.50 -3.00
CA LYS B 285 54.49 3.07 -3.70
C LYS B 285 53.70 3.98 -2.76
N ARG B 286 53.59 3.55 -1.52
CA ARG B 286 52.86 4.33 -0.54
C ARG B 286 53.43 5.73 -0.42
N GLY B 287 54.76 5.81 -0.46
CA GLY B 287 55.44 7.07 -0.48
C GLY B 287 55.10 7.99 -1.62
N ARG B 288 54.62 7.48 -2.75
CA ARG B 288 54.27 8.31 -3.88
C ARG B 288 52.76 8.62 -3.99
N PHE B 289 51.98 8.19 -3.00
CA PHE B 289 50.52 8.35 -3.11
C PHE B 289 49.91 9.02 -1.87
N THR B 290 49.12 10.05 -2.12
CA THR B 290 48.38 10.76 -1.05
C THR B 290 46.92 10.68 -1.39
N LEU B 291 46.14 10.16 -0.46
CA LEU B 291 44.69 10.11 -0.61
C LEU B 291 44.09 11.08 0.41
N LEU B 292 43.39 12.09 -0.02
CA LEU B 292 42.81 13.01 0.93
C LEU B 292 41.29 12.78 0.90
N THR B 293 40.74 12.29 1.98
CA THR B 293 39.29 12.06 2.00
C THR B 293 38.54 13.26 2.56
N ASN B 294 37.22 13.29 2.35
CA ASN B 294 36.43 14.42 2.73
C ASN B 294 36.96 15.72 2.10
N HIS B 295 37.57 15.63 0.92
CA HIS B 295 38.06 16.82 0.24
C HIS B 295 37.36 16.93 -1.10
N ARG B 296 36.74 18.07 -1.31
CA ARG B 296 36.05 18.37 -2.53
C ARG B 296 37.00 19.03 -3.55
N CYS B 297 37.05 18.50 -4.76
CA CYS B 297 37.60 19.25 -5.93
C CYS B 297 36.49 20.16 -6.42
N THR B 298 36.63 21.42 -6.02
CA THR B 298 35.59 22.39 -6.20
C THR B 298 35.60 22.82 -7.65
N LYS B 299 36.80 23.06 -8.16
CA LYS B 299 36.98 23.37 -9.56
C LYS B 299 38.45 23.29 -9.93
N LEU B 300 38.71 23.31 -11.23
CA LEU B 300 40.05 23.53 -11.76
C LEU B 300 40.17 24.99 -12.21
N VAL B 301 41.31 25.64 -11.92
CA VAL B 301 41.57 26.98 -12.36
C VAL B 301 42.54 26.88 -13.48
N PHE B 302 42.21 27.57 -14.56
CA PHE B 302 42.95 27.45 -15.82
C PHE B 302 43.82 28.70 -16.08
N LYS B 303 44.84 28.57 -16.93
CA LYS B 303 45.66 29.73 -17.32
C LYS B 303 44.89 30.88 -17.90
N HIS B 304 43.87 30.59 -18.66
CA HIS B 304 43.02 31.67 -19.21
C HIS B 304 41.68 31.12 -19.54
N TYR B 305 40.74 31.98 -19.92
CA TYR B 305 39.38 31.66 -20.20
C TYR B 305 38.96 32.10 -21.62
N ARG B 306 39.90 32.05 -22.58
CA ARG B 306 39.60 32.31 -24.00
C ARG B 306 39.28 31.00 -24.75
N PRO B 307 38.08 30.92 -25.36
CA PRO B 307 37.64 29.71 -26.04
C PRO B 307 38.46 29.34 -27.25
N GLY B 308 38.61 28.03 -27.49
CA GLY B 308 39.26 27.56 -28.71
C GLY B 308 40.75 27.88 -28.92
N GLU B 309 41.49 28.10 -27.84
CA GLU B 309 42.94 28.21 -27.92
C GLU B 309 43.66 27.39 -26.84
N GLU B 310 44.92 26.98 -27.12
CA GLU B 310 45.73 26.16 -26.21
C GLU B 310 45.68 26.77 -24.83
N ASN B 311 45.45 25.89 -23.84
CA ASN B 311 45.21 26.24 -22.48
C ASN B 311 45.80 25.15 -21.62
N GLU B 312 45.73 25.36 -20.33
CA GLU B 312 46.38 24.48 -19.39
C GLU B 312 45.68 24.68 -18.07
N VAL B 313 45.60 23.64 -17.29
CA VAL B 313 45.18 23.77 -15.91
C VAL B 313 46.35 24.39 -15.12
N ASP B 314 46.02 25.33 -14.23
CA ASP B 314 46.97 26.06 -13.40
C ASP B 314 47.05 25.37 -12.04
N TYR B 315 45.90 25.04 -11.45
CA TYR B 315 45.85 24.30 -10.20
C TYR B 315 44.43 23.79 -9.96
N ALA B 316 44.32 22.87 -9.04
CA ALA B 316 42.99 22.40 -8.58
C ALA B 316 42.65 23.17 -7.30
N LEU B 317 41.39 23.64 -7.19
CA LEU B 317 40.91 24.37 -6.02
C LEU B 317 40.17 23.35 -5.15
N VAL B 318 40.71 23.01 -3.99
CA VAL B 318 40.19 21.88 -3.17
C VAL B 318 39.76 22.36 -1.81
N GLU B 319 38.70 21.77 -1.23
CA GLU B 319 38.29 22.21 0.09
C GLU B 319 38.13 21.02 1.02
N ASP B 320 38.74 21.12 2.18
CA ASP B 320 38.61 20.10 3.23
C ASP B 320 37.28 20.35 3.91
N LEU B 321 36.35 19.44 3.71
CA LEU B 321 34.98 19.50 4.26
C LEU B 321 34.86 19.06 5.73
N LEU B 322 35.88 18.44 6.30
CA LEU B 322 35.84 17.99 7.71
C LEU B 322 36.31 19.07 8.67
N PRO B 323 35.59 19.33 9.80
CA PRO B 323 36.11 20.37 10.73
C PRO B 323 37.20 19.89 11.69
N SER B 333 41.28 25.71 5.33
CA SER B 333 40.38 24.69 4.74
C SER B 333 40.45 24.62 3.21
N VAL B 334 40.54 25.79 2.52
CA VAL B 334 40.59 25.87 1.02
C VAL B 334 42.03 25.94 0.50
N LYS B 335 42.40 25.06 -0.45
CA LYS B 335 43.80 24.81 -0.81
C LYS B 335 43.92 24.85 -2.33
N LYS B 336 45.09 25.23 -2.80
CA LYS B 336 45.42 25.15 -4.20
C LYS B 336 46.41 24.00 -4.32
N ILE B 337 46.06 22.96 -5.08
CA ILE B 337 46.95 21.78 -5.28
C ILE B 337 47.47 21.86 -6.70
N TYR B 338 48.82 21.83 -6.83
CA TYR B 338 49.50 21.99 -8.09
C TYR B 338 50.07 20.63 -8.40
N ALA B 339 49.86 20.21 -9.64
CA ALA B 339 50.48 19.03 -10.15
C ALA B 339 50.84 19.32 -11.59
N ARG B 340 51.54 18.40 -12.26
CA ARG B 340 51.86 18.59 -13.65
C ARG B 340 50.71 18.19 -14.58
N SER B 341 49.82 17.31 -14.11
CA SER B 341 48.70 16.84 -14.91
C SER B 341 47.54 16.53 -13.96
N TYR B 342 46.35 16.59 -14.51
CA TYR B 342 45.08 16.66 -13.77
C TYR B 342 44.12 15.71 -14.44
N VAL B 343 43.53 14.84 -13.63
CA VAL B 343 42.56 13.85 -14.07
C VAL B 343 41.25 14.08 -13.29
N VAL B 344 40.13 14.31 -13.98
CA VAL B 344 38.83 14.35 -13.33
C VAL B 344 38.09 13.04 -13.63
N ALA B 345 38.01 12.23 -12.60
CA ALA B 345 37.39 10.89 -12.61
C ALA B 345 36.33 10.84 -11.48
N CYS B 346 35.34 11.74 -11.60
CA CYS B 346 34.31 11.89 -10.55
C CYS B 346 32.92 11.17 -10.84
N GLY B 347 32.92 10.24 -11.78
CA GLY B 347 31.70 9.68 -12.34
C GLY B 347 31.09 10.54 -13.44
N ALA B 348 30.09 10.03 -14.11
CA ALA B 348 29.57 10.68 -15.26
C ALA B 348 28.96 12.04 -14.97
N VAL B 349 28.22 12.19 -13.86
CA VAL B 349 27.59 13.45 -13.56
C VAL B 349 28.62 14.41 -13.01
N ALA B 350 29.33 13.96 -11.97
CA ALA B 350 30.22 14.89 -11.21
C ALA B 350 31.48 15.32 -11.96
N THR B 351 32.00 14.51 -12.87
CA THR B 351 33.09 14.97 -13.76
C THR B 351 32.64 16.18 -14.55
N ALA B 352 31.45 16.14 -15.17
CA ALA B 352 30.98 17.34 -15.93
C ALA B 352 30.71 18.47 -14.95
N GLN B 353 30.22 18.15 -13.76
CA GLN B 353 29.97 19.19 -12.73
C GLN B 353 31.22 19.98 -12.34
N VAL B 354 32.32 19.26 -12.20
CA VAL B 354 33.61 19.90 -11.91
C VAL B 354 34.04 20.77 -13.08
N LEU B 355 33.95 20.24 -14.29
CA LEU B 355 34.42 21.02 -15.41
C LEU B 355 33.49 22.16 -15.71
N ALA B 356 32.20 22.00 -15.46
CA ALA B 356 31.29 23.16 -15.59
C ALA B 356 31.56 24.28 -14.54
N ASN B 357 31.70 23.91 -13.27
CA ASN B 357 32.08 24.88 -12.23
C ASN B 357 33.41 25.58 -12.59
N SER B 358 34.33 24.84 -13.25
CA SER B 358 35.63 25.38 -13.60
C SER B 358 35.54 26.57 -14.58
N HIS B 359 34.41 26.72 -15.24
CA HIS B 359 34.21 27.77 -16.23
C HIS B 359 33.98 29.10 -15.56
N ILE B 360 33.66 29.07 -14.26
CA ILE B 360 33.55 30.28 -13.46
C ILE B 360 34.96 30.62 -12.89
N PRO B 361 35.58 31.67 -13.39
CA PRO B 361 36.91 32.02 -12.93
C PRO B 361 36.85 32.51 -11.48
N PRO B 362 37.93 32.35 -10.68
CA PRO B 362 38.00 33.19 -9.46
C PRO B 362 38.00 34.68 -9.78
N GLU B 380 15.99 34.07 -16.03
CA GLU B 380 17.31 34.21 -15.47
C GLU B 380 17.59 33.36 -14.22
N ARG B 381 16.58 33.08 -13.39
CA ARG B 381 16.87 32.31 -12.18
C ARG B 381 17.31 30.88 -12.58
N ASP B 382 16.78 30.39 -13.71
CA ASP B 382 17.08 29.09 -14.21
C ASP B 382 18.26 28.97 -15.17
N ALA B 383 19.06 30.03 -15.21
CA ALA B 383 20.22 30.10 -16.14
C ALA B 383 21.25 29.00 -15.82
N THR B 384 21.85 28.44 -16.88
CA THR B 384 22.82 27.38 -16.80
C THR B 384 24.20 27.95 -17.07
N ILE B 385 25.20 27.29 -16.54
CA ILE B 385 26.61 27.69 -16.75
C ILE B 385 26.97 27.41 -18.21
N PRO B 386 27.29 28.46 -19.02
CA PRO B 386 27.87 28.27 -20.37
C PRO B 386 29.25 27.62 -20.23
N THR B 387 29.54 26.60 -21.04
CA THR B 387 30.83 25.93 -21.02
C THR B 387 31.54 26.01 -22.42
N PRO B 388 31.84 27.23 -22.91
CA PRO B 388 32.51 27.48 -24.21
C PRO B 388 33.95 26.99 -24.31
N LEU B 389 34.67 26.82 -23.22
CA LEU B 389 36.03 26.25 -23.33
C LEU B 389 35.97 24.75 -23.66
N MET B 390 34.83 24.11 -23.36
CA MET B 390 34.52 22.70 -23.65
C MET B 390 33.09 22.58 -24.21
N PRO B 391 32.89 22.93 -25.48
CA PRO B 391 31.47 23.16 -25.91
C PRO B 391 30.56 21.90 -25.98
N MET B 392 31.17 20.72 -26.06
CA MET B 392 30.43 19.43 -26.06
C MET B 392 30.14 18.88 -24.68
N LEU B 393 30.59 19.58 -23.66
CA LEU B 393 30.42 19.09 -22.32
C LEU B 393 28.94 18.87 -22.04
N GLY B 394 28.61 17.70 -21.61
CA GLY B 394 27.25 17.37 -21.20
C GLY B 394 26.33 17.22 -22.38
N LYS B 395 26.84 17.09 -23.60
CA LYS B 395 25.96 16.86 -24.73
C LYS B 395 26.07 15.43 -25.22
N TYR B 396 25.03 14.95 -25.91
CA TYR B 396 24.99 13.60 -26.48
C TYR B 396 24.91 12.57 -25.31
N ILE B 397 24.28 12.92 -24.21
CA ILE B 397 24.26 12.01 -23.06
C ILE B 397 23.40 10.79 -23.40
N THR B 398 23.76 9.64 -22.83
CA THR B 398 22.99 8.47 -23.11
C THR B 398 22.67 7.73 -21.81
N GLU B 399 21.54 7.03 -21.75
CA GLU B 399 21.23 6.19 -20.62
C GLU B 399 20.49 4.95 -21.10
N GLN B 400 20.34 3.97 -20.22
CA GLN B 400 19.83 2.69 -20.65
C GLN B 400 18.40 2.40 -20.15
N PRO B 401 17.45 2.21 -21.10
CA PRO B 401 16.10 1.83 -20.63
C PRO B 401 16.21 0.43 -20.00
N MET B 402 15.40 0.14 -18.99
CA MET B 402 15.50 -1.17 -18.34
C MET B 402 14.15 -1.81 -18.08
N THR B 403 14.03 -3.12 -18.36
CA THR B 403 12.84 -3.89 -17.99
C THR B 403 13.27 -4.95 -16.98
N PHE B 404 12.33 -5.30 -16.14
CA PHE B 404 12.63 -6.15 -15.01
C PHE B 404 11.46 -7.05 -14.77
N CYS B 405 11.72 -8.27 -14.30
CA CYS B 405 10.69 -9.05 -13.72
C CYS B 405 11.39 -10.12 -12.88
N GLN B 406 10.62 -10.84 -12.13
CA GLN B 406 11.11 -12.06 -11.43
C GLN B 406 10.16 -13.20 -11.67
N VAL B 407 10.68 -14.42 -11.63
CA VAL B 407 9.88 -15.60 -11.83
C VAL B 407 10.15 -16.56 -10.69
N VAL B 408 9.17 -17.39 -10.47
CA VAL B 408 9.27 -18.61 -9.68
C VAL B 408 9.48 -19.79 -10.65
N LEU B 409 10.53 -20.58 -10.45
CA LEU B 409 10.83 -21.74 -11.31
C LEU B 409 9.64 -22.72 -11.41
N ASP B 410 9.50 -23.32 -12.59
CA ASP B 410 8.51 -24.36 -12.84
C ASP B 410 8.74 -25.52 -11.86
N SER B 411 7.66 -26.07 -11.31
CA SER B 411 7.80 -27.20 -10.44
C SER B 411 8.40 -28.40 -11.18
N SER B 412 8.18 -28.51 -12.48
CA SER B 412 8.76 -29.66 -13.29
C SER B 412 10.31 -29.61 -13.19
N LEU B 413 10.89 -28.42 -12.96
CA LEU B 413 12.35 -28.34 -12.90
C LEU B 413 12.99 -28.91 -11.58
N MET B 414 12.17 -29.12 -10.57
CA MET B 414 12.62 -29.71 -9.32
C MET B 414 12.96 -31.19 -9.60
N GLU B 415 12.22 -31.83 -10.52
CA GLU B 415 12.58 -33.18 -10.96
C GLU B 415 13.88 -33.20 -11.78
N VAL B 416 14.12 -32.17 -12.58
CA VAL B 416 15.41 -31.99 -13.24
C VAL B 416 16.53 -31.92 -12.18
N VAL B 417 16.30 -31.21 -11.07
CA VAL B 417 17.31 -31.02 -10.06
C VAL B 417 17.59 -32.38 -9.40
N ARG B 418 16.53 -33.15 -9.11
CA ARG B 418 16.71 -34.50 -8.56
C ARG B 418 17.35 -35.46 -9.57
N ASN B 419 17.16 -35.25 -10.88
CA ASN B 419 17.60 -36.16 -11.94
C ASN B 419 18.08 -35.45 -13.15
N PRO B 420 19.23 -34.79 -13.03
CA PRO B 420 19.66 -33.97 -14.15
C PRO B 420 20.00 -34.85 -15.35
N PRO B 421 19.65 -34.38 -16.55
CA PRO B 421 19.82 -35.28 -17.65
C PRO B 421 21.23 -35.25 -18.30
N TRP B 422 21.95 -34.17 -18.12
CA TRP B 422 23.27 -33.97 -18.70
C TRP B 422 24.29 -34.88 -18.03
N PRO B 423 25.16 -35.54 -18.82
CA PRO B 423 26.04 -36.52 -18.21
C PRO B 423 27.19 -35.90 -17.45
N GLY B 424 27.70 -36.64 -16.48
CA GLY B 424 28.91 -36.28 -15.75
C GLY B 424 28.78 -35.26 -14.65
N LEU B 425 27.56 -35.07 -14.10
CA LEU B 425 27.33 -33.99 -13.14
C LEU B 425 27.30 -34.60 -11.71
N ASP B 426 28.35 -35.33 -11.45
CA ASP B 426 28.53 -35.98 -10.15
C ASP B 426 28.38 -34.98 -8.98
N TRP B 427 28.94 -33.79 -9.17
CA TRP B 427 28.99 -32.79 -8.10
C TRP B 427 27.58 -32.35 -7.78
N TRP B 428 26.71 -32.38 -8.75
CA TRP B 428 25.33 -31.83 -8.59
C TRP B 428 24.56 -32.86 -7.85
N LYS B 429 24.71 -34.09 -8.30
CA LYS B 429 24.05 -35.25 -7.68
C LYS B 429 24.49 -35.41 -6.24
N GLU B 430 25.77 -35.17 -5.97
CA GLU B 430 26.29 -35.27 -4.62
C GLU B 430 25.62 -34.22 -3.70
N LYS B 431 25.56 -32.98 -4.17
CA LYS B 431 24.89 -31.86 -3.39
C LYS B 431 23.41 -32.12 -3.12
N VAL B 432 22.73 -32.62 -4.12
CA VAL B 432 21.30 -32.90 -3.96
C VAL B 432 21.06 -34.06 -2.97
N ALA B 433 21.84 -35.13 -3.10
CA ALA B 433 21.73 -36.23 -2.17
C ALA B 433 21.99 -35.80 -0.72
N ARG B 434 22.99 -34.94 -0.53
CA ARG B 434 23.29 -34.43 0.79
C ARG B 434 22.13 -33.67 1.35
N HIS B 435 21.57 -32.77 0.56
CA HIS B 435 20.46 -31.96 1.03
C HIS B 435 19.23 -32.78 1.35
N VAL B 436 18.87 -33.72 0.47
CA VAL B 436 17.70 -34.59 0.67
C VAL B 436 17.83 -35.48 1.89
N GLU B 437 19.05 -35.87 2.20
CA GLU B 437 19.26 -36.62 3.47
C GLU B 437 19.08 -35.75 4.74
N ALA B 438 19.68 -34.58 4.74
CA ALA B 438 19.57 -33.66 5.82
C ALA B 438 18.13 -33.13 5.97
N PHE B 439 17.38 -33.00 4.87
CA PHE B 439 16.06 -32.35 4.90
C PHE B 439 15.11 -33.09 3.97
N PRO B 440 14.73 -34.30 4.37
CA PRO B 440 13.88 -35.09 3.52
C PRO B 440 12.48 -34.49 3.33
N ASN B 441 12.03 -33.61 4.23
CA ASN B 441 10.69 -33.01 4.09
C ASN B 441 10.66 -31.74 3.27
N ASP B 442 11.84 -31.30 2.80
CA ASP B 442 11.89 -30.05 2.05
C ASP B 442 11.35 -30.28 0.66
N PRO B 443 10.29 -29.55 0.24
CA PRO B 443 9.90 -29.72 -1.15
C PRO B 443 10.91 -29.29 -2.21
N ILE B 444 11.88 -28.43 -1.87
CA ILE B 444 12.77 -27.95 -2.86
C ILE B 444 14.10 -28.72 -2.67
N PRO B 445 14.57 -29.41 -3.71
CA PRO B 445 15.74 -30.25 -3.53
C PRO B 445 17.04 -29.47 -3.73
N ILE B 446 16.98 -28.17 -4.10
CA ILE B 446 18.20 -27.32 -4.19
C ILE B 446 18.82 -27.13 -2.78
N PRO B 447 20.13 -27.26 -2.62
CA PRO B 447 20.64 -27.07 -1.22
C PRO B 447 20.43 -25.65 -0.67
N PHE B 448 20.36 -25.49 0.64
CA PHE B 448 20.29 -24.10 1.18
C PHE B 448 21.62 -23.41 0.78
N ARG B 449 21.62 -22.16 0.50
CA ARG B 449 22.90 -21.48 0.21
C ARG B 449 23.52 -21.87 -1.13
N ASP B 450 22.85 -22.67 -1.94
CA ASP B 450 23.26 -22.84 -3.32
C ASP B 450 23.29 -21.43 -4.01
N PRO B 451 24.41 -21.07 -4.65
CA PRO B 451 24.42 -19.75 -5.20
C PRO B 451 23.41 -19.49 -6.28
N GLU B 452 23.14 -18.20 -6.44
CA GLU B 452 22.21 -17.76 -7.41
C GLU B 452 22.76 -17.92 -8.85
N PRO B 453 21.87 -17.97 -9.83
CA PRO B 453 22.31 -17.91 -11.23
C PRO B 453 22.98 -16.62 -11.64
N GLN B 454 23.94 -16.72 -12.54
CA GLN B 454 24.66 -15.56 -13.09
C GLN B 454 24.78 -15.73 -14.60
N VAL B 455 23.68 -15.48 -15.29
CA VAL B 455 23.56 -15.83 -16.71
C VAL B 455 23.34 -14.59 -17.56
N THR B 456 23.87 -14.63 -18.75
CA THR B 456 23.66 -13.51 -19.70
C THR B 456 23.40 -13.98 -21.12
N ILE B 457 23.00 -13.04 -22.00
CA ILE B 457 23.02 -13.29 -23.47
C ILE B 457 23.81 -12.11 -23.99
N LYS B 458 24.91 -12.33 -24.69
CA LYS B 458 25.72 -11.22 -25.14
C LYS B 458 24.95 -10.42 -26.22
N PHE B 459 25.03 -9.12 -26.15
CA PHE B 459 24.40 -8.22 -27.10
C PHE B 459 24.76 -8.67 -28.51
N THR B 460 23.76 -8.73 -29.38
CA THR B 460 23.96 -8.94 -30.83
C THR B 460 23.11 -7.89 -31.57
N GLU B 461 23.38 -7.62 -32.86
CA GLU B 461 22.63 -6.54 -33.56
C GLU B 461 21.21 -7.03 -33.86
N GLU B 462 21.02 -8.32 -33.92
CA GLU B 462 19.74 -8.93 -34.11
C GLU B 462 18.83 -8.75 -32.88
N HIS B 463 19.40 -8.68 -31.67
CA HIS B 463 18.60 -8.47 -30.43
C HIS B 463 19.38 -7.54 -29.58
N PRO B 464 19.35 -6.28 -29.93
CA PRO B 464 20.31 -5.35 -29.48
C PRO B 464 20.04 -4.80 -28.07
N TRP B 465 20.17 -5.66 -27.05
CA TRP B 465 20.06 -5.25 -25.68
C TRP B 465 20.88 -6.24 -24.90
N HIS B 466 21.06 -5.93 -23.63
CA HIS B 466 21.91 -6.65 -22.75
C HIS B 466 21.02 -7.38 -21.75
N VAL B 467 21.16 -8.68 -21.66
CA VAL B 467 20.31 -9.51 -20.80
C VAL B 467 21.06 -10.02 -19.56
N GLN B 468 20.48 -9.87 -18.39
CA GLN B 468 20.96 -10.51 -17.18
C GLN B 468 19.89 -11.39 -16.53
N ILE B 469 20.25 -12.65 -16.11
CA ILE B 469 19.32 -13.60 -15.57
C ILE B 469 20.06 -14.08 -14.35
N HIS B 470 19.61 -13.65 -13.18
CA HIS B 470 20.46 -13.68 -11.99
C HIS B 470 19.64 -13.40 -10.75
N ARG B 471 20.28 -13.22 -9.60
CA ARG B 471 19.66 -12.64 -8.44
C ARG B 471 20.59 -11.46 -8.09
N ASP B 472 19.98 -10.30 -7.88
CA ASP B 472 20.76 -9.06 -7.70
C ASP B 472 20.45 -8.66 -6.31
N ALA B 473 21.40 -8.03 -5.61
CA ALA B 473 21.13 -7.50 -4.28
C ALA B 473 20.22 -6.27 -4.24
N PHE B 474 20.16 -5.54 -5.35
CA PHE B 474 19.31 -4.37 -5.46
C PHE B 474 17.84 -4.83 -5.74
N SER B 475 17.15 -5.22 -4.66
CA SER B 475 15.70 -5.49 -4.72
C SER B 475 14.92 -4.22 -5.08
N TYR B 476 13.82 -4.38 -5.79
CA TYR B 476 12.98 -3.21 -6.05
C TYR B 476 11.61 -3.19 -5.34
N GLY B 477 11.35 -4.12 -4.44
CA GLY B 477 10.17 -4.04 -3.57
C GLY B 477 10.34 -4.94 -2.36
N ALA B 478 9.36 -4.94 -1.47
CA ALA B 478 9.47 -5.70 -0.23
C ALA B 478 9.46 -7.23 -0.49
N VAL B 479 10.62 -7.78 -0.82
CA VAL B 479 10.77 -9.19 -1.20
C VAL B 479 9.66 -10.15 -0.68
N ALA B 480 9.25 -11.09 -1.54
CA ALA B 480 8.14 -12.01 -1.23
C ALA B 480 8.41 -12.59 0.13
N GLU B 481 7.43 -12.47 0.98
CA GLU B 481 7.55 -13.05 2.28
C GLU B 481 7.40 -14.54 2.12
N ASN B 482 6.54 -15.00 1.21
CA ASN B 482 6.04 -16.36 1.32
C ASN B 482 6.70 -17.38 0.40
N MET B 483 7.43 -16.87 -0.55
CA MET B 483 8.09 -17.74 -1.54
C MET B 483 9.54 -18.01 -1.11
N ASP B 484 10.00 -19.23 -1.33
CA ASP B 484 11.40 -19.60 -1.06
C ASP B 484 12.33 -18.98 -2.09
N THR B 485 13.38 -18.32 -1.58
CA THR B 485 14.41 -17.68 -2.34
C THR B 485 15.15 -18.59 -3.35
N ARG B 486 15.24 -19.87 -3.03
CA ARG B 486 15.95 -20.77 -3.94
C ARG B 486 15.31 -20.86 -5.33
N VAL B 487 13.98 -20.61 -5.45
CA VAL B 487 13.29 -20.87 -6.71
C VAL B 487 12.92 -19.54 -7.37
N ILE B 488 13.48 -18.48 -6.88
CA ILE B 488 13.31 -17.14 -7.57
C ILE B 488 14.48 -16.80 -8.53
N VAL B 489 14.16 -16.24 -9.71
CA VAL B 489 15.13 -15.77 -10.69
C VAL B 489 14.72 -14.37 -11.15
N ASP B 490 15.68 -13.44 -11.30
CA ASP B 490 15.44 -12.04 -11.75
C ASP B 490 15.85 -11.93 -13.19
N TYR B 491 15.20 -11.02 -13.91
CA TYR B 491 15.56 -10.70 -15.25
C TYR B 491 15.69 -9.17 -15.33
N ARG B 492 16.83 -8.69 -15.85
CA ARG B 492 17.01 -7.26 -16.17
C ARG B 492 17.52 -7.13 -17.54
N PHE B 493 16.81 -6.40 -18.42
CA PHE B 493 17.17 -6.27 -19.78
C PHE B 493 17.42 -4.75 -19.94
N PHE B 494 18.61 -4.39 -20.43
CA PHE B 494 19.04 -3.03 -20.64
C PHE B 494 19.14 -2.74 -22.14
N GLY B 495 18.53 -1.63 -22.53
CA GLY B 495 18.58 -1.19 -23.91
C GLY B 495 19.66 -0.14 -24.10
N TYR B 496 19.84 0.35 -25.33
CA TYR B 496 20.68 1.48 -25.50
C TYR B 496 19.83 2.66 -26.04
N THR B 497 20.39 3.85 -25.85
CA THR B 497 19.90 5.02 -26.53
C THR B 497 20.96 5.63 -27.46
N GLU B 498 20.47 6.18 -28.57
CA GLU B 498 21.32 6.86 -29.59
C GLU B 498 21.89 8.14 -29.01
N PRO B 499 23.19 8.37 -29.19
CA PRO B 499 23.68 9.69 -28.81
C PRO B 499 23.05 10.78 -29.64
N GLN B 500 22.50 11.79 -29.01
CA GLN B 500 21.85 12.92 -29.74
C GLN B 500 22.28 14.21 -29.11
N GLU B 501 22.58 15.19 -29.95
CA GLU B 501 23.11 16.45 -29.42
C GLU B 501 22.15 17.12 -28.41
N ALA B 502 20.85 17.00 -28.62
CA ALA B 502 19.87 17.73 -27.79
C ALA B 502 19.64 17.10 -26.44
N ASN B 503 20.11 15.87 -26.26
CA ASN B 503 20.11 15.16 -24.98
C ASN B 503 21.28 15.61 -24.14
N GLU B 504 20.96 16.37 -23.11
CA GLU B 504 22.01 17.00 -22.33
C GLU B 504 21.84 16.97 -20.83
N LEU B 505 22.98 17.15 -20.17
CA LEU B 505 23.16 17.49 -18.80
C LEU B 505 23.78 18.88 -18.76
N VAL B 506 23.10 19.75 -18.06
CA VAL B 506 23.57 21.09 -17.83
C VAL B 506 23.57 21.39 -16.33
N PHE B 507 24.22 22.50 -15.96
CA PHE B 507 24.46 22.84 -14.54
C PHE B 507 23.95 24.24 -14.23
N GLN B 508 23.18 24.30 -13.12
CA GLN B 508 22.55 25.53 -12.70
C GLN B 508 23.50 26.56 -12.10
N GLN B 509 23.38 27.79 -12.56
CA GLN B 509 24.13 28.91 -11.97
C GLN B 509 23.69 29.33 -10.55
N HIS B 510 22.40 29.20 -10.27
CA HIS B 510 21.85 29.78 -9.04
C HIS B 510 21.31 28.75 -8.11
N TYR B 511 21.56 27.47 -8.39
CA TYR B 511 21.06 26.39 -7.55
C TYR B 511 22.20 25.47 -7.31
N ARG B 512 22.40 25.01 -6.09
CA ARG B 512 23.58 24.18 -5.75
C ARG B 512 23.13 22.93 -5.10
N ASP B 513 23.91 21.87 -5.21
CA ASP B 513 23.66 20.66 -4.38
C ASP B 513 24.08 20.79 -2.94
N ALA B 514 24.01 19.71 -2.19
CA ALA B 514 24.28 19.76 -0.76
C ALA B 514 25.76 19.91 -0.48
N TYR B 515 26.59 19.68 -1.50
CA TYR B 515 28.07 19.87 -1.37
C TYR B 515 28.55 21.14 -2.02
N ASP B 516 27.63 22.07 -2.23
CA ASP B 516 27.94 23.35 -2.81
C ASP B 516 28.39 23.37 -4.25
N MET B 517 28.08 22.32 -4.97
CA MET B 517 28.45 22.24 -6.37
C MET B 517 27.19 22.56 -7.23
N PRO B 518 27.38 22.99 -8.48
CA PRO B 518 26.23 23.45 -9.24
C PRO B 518 25.25 22.33 -9.49
N GLN B 519 23.96 22.63 -9.32
CA GLN B 519 22.95 21.62 -9.50
C GLN B 519 22.86 21.07 -10.92
N PRO B 520 22.86 19.73 -11.07
CA PRO B 520 22.61 19.12 -12.41
C PRO B 520 21.14 19.12 -12.78
N THR B 521 20.86 19.36 -14.05
CA THR B 521 19.53 19.28 -14.63
C THR B 521 19.67 18.44 -15.91
N PHE B 522 18.80 17.49 -16.09
CA PHE B 522 18.82 16.65 -17.25
C PHE B 522 17.75 17.12 -18.23
N LYS B 523 18.07 17.07 -19.53
CA LYS B 523 17.08 17.18 -20.63
C LYS B 523 17.28 15.99 -21.55
N PHE B 524 16.50 14.95 -21.26
CA PHE B 524 16.72 13.68 -21.90
C PHE B 524 15.41 13.21 -22.50
N THR B 525 15.45 12.92 -23.78
CA THR B 525 14.27 12.34 -24.47
C THR B 525 14.79 11.30 -25.46
N MET B 526 14.34 10.07 -25.38
CA MET B 526 14.86 9.05 -26.29
C MET B 526 14.25 9.19 -27.68
N SER B 527 14.90 8.56 -28.64
CA SER B 527 14.55 8.64 -30.07
C SER B 527 13.44 7.61 -30.35
N GLN B 528 12.81 7.73 -31.51
CA GLN B 528 11.78 6.78 -31.91
C GLN B 528 12.38 5.40 -32.11
N ASP B 529 13.58 5.33 -32.68
CA ASP B 529 14.21 4.02 -32.80
C ASP B 529 14.53 3.42 -31.43
N ASP B 530 14.90 4.26 -30.47
CA ASP B 530 15.17 3.76 -29.09
C ASP B 530 13.88 3.19 -28.52
N ARG B 531 12.76 3.88 -28.73
CA ARG B 531 11.47 3.37 -28.24
C ARG B 531 11.07 2.07 -28.90
N ALA B 532 11.30 2.00 -30.23
CA ALA B 532 10.96 0.74 -30.93
C ALA B 532 11.77 -0.44 -30.36
N ARG B 533 13.06 -0.24 -30.15
CA ARG B 533 13.88 -1.26 -29.55
C ARG B 533 13.43 -1.63 -28.14
N ALA B 534 13.06 -0.64 -27.31
CA ALA B 534 12.59 -0.95 -25.96
C ALA B 534 11.31 -1.86 -25.94
N ARG B 535 10.39 -1.68 -26.88
CA ARG B 535 9.19 -2.55 -26.99
C ARG B 535 9.61 -3.96 -27.37
N ARG B 536 10.51 -4.09 -28.34
CA ARG B 536 11.04 -5.42 -28.68
C ARG B 536 11.71 -6.09 -27.45
N MET B 537 12.39 -5.26 -26.68
CA MET B 537 13.11 -5.82 -25.54
C MET B 537 12.15 -6.31 -24.47
N MET B 538 11.11 -5.54 -24.22
CA MET B 538 10.07 -5.98 -23.27
C MET B 538 9.44 -7.32 -23.70
N ASP B 539 9.12 -7.42 -24.97
CA ASP B 539 8.57 -8.68 -25.55
C ASP B 539 9.54 -9.85 -25.41
N ASP B 540 10.85 -9.61 -25.65
CA ASP B 540 11.83 -10.66 -25.53
C ASP B 540 11.91 -11.13 -24.07
N MET B 541 11.84 -10.18 -23.13
CA MET B 541 11.97 -10.49 -21.73
C MET B 541 10.80 -11.39 -21.33
N CYS B 542 9.58 -11.02 -21.75
CA CYS B 542 8.42 -11.87 -21.40
C CYS B 542 8.55 -13.27 -22.00
N ASN B 543 8.94 -13.33 -23.26
CA ASN B 543 9.10 -14.63 -23.91
C ASN B 543 10.13 -15.51 -23.20
N ILE B 544 11.32 -14.95 -22.92
CA ILE B 544 12.37 -15.71 -22.26
C ILE B 544 12.03 -16.09 -20.80
N ALA B 545 11.48 -15.15 -20.03
CA ALA B 545 11.25 -15.47 -18.65
C ALA B 545 10.29 -16.68 -18.54
N LEU B 546 9.25 -16.70 -19.36
CA LEU B 546 8.20 -17.74 -19.24
C LEU B 546 8.60 -19.14 -19.67
N LYS B 547 9.82 -19.34 -20.19
CA LYS B 547 10.26 -20.63 -20.65
C LYS B 547 10.58 -21.46 -19.44
N ILE B 548 10.91 -20.85 -18.29
CA ILE B 548 11.36 -21.64 -17.15
C ILE B 548 10.57 -21.39 -15.86
N GLY B 549 9.75 -20.38 -15.87
CA GLY B 549 9.00 -19.99 -14.70
C GLY B 549 7.86 -19.08 -15.02
N GLY B 550 7.17 -18.71 -13.94
CA GLY B 550 6.02 -17.84 -13.98
C GLY B 550 6.26 -16.61 -13.09
N TYR B 551 5.68 -15.49 -13.50
CA TYR B 551 5.97 -14.19 -12.81
C TYR B 551 5.57 -14.22 -11.33
N LEU B 552 6.51 -13.72 -10.51
CA LEU B 552 6.30 -13.60 -9.12
C LEU B 552 5.42 -12.39 -8.89
N PRO B 553 4.29 -12.57 -8.17
CA PRO B 553 3.40 -11.47 -7.82
C PRO B 553 4.18 -10.26 -7.28
N GLY B 554 3.96 -9.10 -7.87
CA GLY B 554 4.66 -7.89 -7.50
C GLY B 554 5.92 -7.54 -8.31
N SER B 555 6.39 -8.49 -9.10
CA SER B 555 7.56 -8.34 -9.94
C SER B 555 7.20 -8.79 -11.35
N GLU B 556 5.99 -8.44 -11.78
CA GLU B 556 5.55 -8.71 -13.15
C GLU B 556 6.36 -7.81 -14.08
N PRO B 557 6.41 -8.13 -15.37
CA PRO B 557 7.12 -7.29 -16.36
C PRO B 557 6.79 -5.84 -16.33
N GLN B 558 7.87 -5.08 -16.22
CA GLN B 558 7.78 -3.63 -16.05
C GLN B 558 9.02 -2.85 -16.50
N PHE B 559 8.82 -1.60 -16.90
CA PHE B 559 9.95 -0.70 -17.10
C PHE B 559 10.28 -0.05 -15.77
N MET B 560 11.55 0.23 -15.54
CA MET B 560 11.95 0.96 -14.36
C MET B 560 12.13 2.47 -14.66
N THR B 561 12.27 3.25 -13.62
CA THR B 561 12.45 4.70 -13.76
C THR B 561 13.74 4.99 -14.50
N PRO B 562 13.68 5.85 -15.54
CA PRO B 562 14.88 6.28 -16.21
C PRO B 562 15.98 6.82 -15.32
N GLY B 563 17.18 6.36 -15.59
CA GLY B 563 18.32 6.64 -14.77
C GLY B 563 18.64 5.49 -13.79
N LEU B 564 17.73 4.55 -13.58
CA LEU B 564 18.01 3.50 -12.54
C LEU B 564 19.25 2.58 -12.80
N ALA B 565 19.56 2.39 -14.06
CA ALA B 565 20.73 1.60 -14.45
C ALA B 565 22.05 2.18 -13.96
N LEU B 566 22.07 3.52 -13.75
CA LEU B 566 23.24 4.27 -13.36
C LEU B 566 24.37 4.17 -14.43
N HIS B 567 24.01 4.05 -15.72
CA HIS B 567 25.00 3.77 -16.75
C HIS B 567 25.02 4.97 -17.63
N LEU B 568 24.64 6.11 -17.07
CA LEU B 568 24.76 7.37 -17.77
C LEU B 568 26.14 7.52 -18.42
N ALA B 569 26.16 8.04 -19.66
CA ALA B 569 27.42 8.10 -20.40
C ALA B 569 27.38 9.25 -21.35
N GLY B 570 28.54 9.50 -21.93
CA GLY B 570 28.71 10.57 -22.87
C GLY B 570 28.67 12.02 -22.45
N THR B 571 28.77 12.26 -21.17
CA THR B 571 28.79 13.58 -20.54
C THR B 571 30.12 14.26 -20.71
N THR B 572 31.19 13.47 -20.91
CA THR B 572 32.52 14.03 -21.28
C THR B 572 33.08 13.20 -22.43
N ARG B 573 32.34 13.13 -23.54
CA ARG B 573 32.59 12.06 -24.51
C ARG B 573 33.92 12.20 -25.21
N CYS B 574 34.59 11.07 -25.41
CA CYS B 574 35.93 11.03 -25.98
C CYS B 574 35.97 10.23 -27.28
N GLY B 575 36.62 10.77 -28.29
CA GLY B 575 36.59 10.09 -29.58
C GLY B 575 37.44 10.80 -30.61
N LEU B 576 37.36 10.24 -31.81
CA LEU B 576 38.09 10.73 -32.99
C LEU B 576 37.53 12.04 -33.51
N ASP B 577 36.22 12.28 -33.41
CA ASP B 577 35.65 13.47 -34.07
C ASP B 577 35.72 14.67 -33.08
N THR B 578 36.71 15.52 -33.33
CA THR B 578 37.04 16.58 -32.41
C THR B 578 35.89 17.57 -32.20
N GLN B 579 35.14 17.88 -33.26
CA GLN B 579 34.07 18.90 -33.17
C GLN B 579 32.83 18.39 -32.40
N LYS B 580 32.71 17.10 -32.22
CA LYS B 580 31.59 16.50 -31.43
C LYS B 580 31.98 15.79 -30.10
N THR B 581 33.23 15.91 -29.70
CA THR B 581 33.72 15.42 -28.42
C THR B 581 34.34 16.45 -27.49
N VAL B 582 34.58 15.97 -26.26
CA VAL B 582 35.20 16.77 -25.22
C VAL B 582 36.66 16.48 -25.17
N GLY B 583 37.02 15.21 -25.45
CA GLY B 583 38.37 14.81 -25.48
C GLY B 583 38.70 13.89 -26.65
N ASN B 584 40.00 13.64 -26.83
CA ASN B 584 40.49 12.65 -27.80
C ASN B 584 40.42 11.21 -27.30
N THR B 585 40.97 10.25 -28.06
CA THR B 585 40.81 8.86 -27.76
C THR B 585 41.74 8.47 -26.59
N HIS B 586 42.63 9.37 -26.19
CA HIS B 586 43.35 9.25 -24.93
C HIS B 586 42.69 9.97 -23.80
N CYS B 587 41.47 10.49 -24.01
CA CYS B 587 40.74 11.22 -22.98
C CYS B 587 41.38 12.57 -22.54
N LYS B 588 42.31 13.08 -23.34
CA LYS B 588 42.79 14.42 -23.13
C LYS B 588 41.74 15.43 -23.61
N VAL B 589 41.37 16.35 -22.75
CA VAL B 589 40.40 17.39 -23.08
C VAL B 589 40.98 18.29 -24.16
N HIS B 590 40.18 18.51 -25.19
CA HIS B 590 40.63 19.36 -26.31
C HIS B 590 41.13 20.72 -25.83
N ASN B 591 42.26 21.14 -26.40
CA ASN B 591 42.80 22.45 -26.11
C ASN B 591 43.52 22.58 -24.78
N PHE B 592 43.64 21.48 -24.04
CA PHE B 592 44.28 21.49 -22.78
C PHE B 592 45.35 20.44 -22.78
N ASN B 593 46.59 20.85 -22.55
CA ASN B 593 47.69 19.91 -22.66
C ASN B 593 47.85 19.00 -21.42
N ASN B 594 47.19 19.32 -20.30
CA ASN B 594 47.44 18.58 -19.05
C ASN B 594 46.19 18.24 -18.27
N LEU B 595 45.11 18.04 -19.01
CA LEU B 595 43.81 17.69 -18.43
C LEU B 595 43.15 16.47 -19.09
N TYR B 596 42.90 15.46 -18.26
CA TYR B 596 42.26 14.22 -18.69
C TYR B 596 40.94 14.00 -17.92
N VAL B 597 40.06 13.23 -18.52
CA VAL B 597 38.81 12.79 -17.95
C VAL B 597 38.75 11.26 -17.93
N GLY B 598 37.95 10.73 -17.01
CA GLY B 598 37.66 9.34 -17.02
C GLY B 598 36.27 9.02 -16.50
N GLY B 599 35.86 7.76 -16.70
CA GLY B 599 34.61 7.27 -16.26
C GLY B 599 33.67 7.04 -17.41
N ASN B 600 32.43 6.69 -17.07
CA ASN B 600 31.50 6.22 -18.06
C ASN B 600 31.17 7.40 -18.98
N GLY B 601 31.31 8.59 -18.46
CA GLY B 601 31.11 9.80 -19.24
C GLY B 601 32.00 9.97 -20.48
N VAL B 602 33.13 9.26 -20.53
CA VAL B 602 33.97 9.31 -21.72
C VAL B 602 33.40 8.50 -22.93
N ILE B 603 32.48 7.56 -22.69
CA ILE B 603 32.04 6.62 -23.70
C ILE B 603 31.06 7.34 -24.58
N GLU B 604 31.37 7.31 -25.87
CA GLU B 604 30.64 8.13 -26.86
C GLU B 604 29.54 7.38 -27.64
N THR B 605 29.38 6.10 -27.38
CA THR B 605 28.45 5.31 -28.17
C THR B 605 27.17 5.16 -27.39
N GLY B 606 26.16 4.65 -28.07
CA GLY B 606 25.00 4.05 -27.38
C GLY B 606 25.21 2.60 -27.15
N PHE B 607 25.31 2.23 -25.89
CA PHE B 607 25.60 0.87 -25.51
C PHE B 607 24.58 0.40 -24.46
N ALA B 608 24.46 -0.93 -24.32
CA ALA B 608 23.48 -1.52 -23.46
C ALA B 608 24.13 -2.33 -22.34
N ALA B 609 25.36 -2.75 -22.56
CA ALA B 609 26.14 -3.53 -21.51
C ALA B 609 26.63 -2.69 -20.36
N ASN B 610 27.09 -3.34 -19.28
CA ASN B 610 27.57 -2.61 -18.13
C ASN B 610 28.92 -1.97 -18.56
N PRO B 611 29.07 -0.69 -18.29
CA PRO B 611 30.21 0.09 -18.84
C PRO B 611 31.55 0.04 -18.16
N THR B 612 31.60 -0.40 -16.91
CA THR B 612 32.79 -0.13 -16.10
C THR B 612 34.05 -0.76 -16.71
N LEU B 613 33.98 -1.95 -17.29
CA LEU B 613 35.17 -2.55 -17.84
C LEU B 613 35.73 -1.66 -18.95
N THR B 614 34.81 -1.19 -19.77
CA THR B 614 35.19 -0.37 -20.91
C THR B 614 35.78 0.96 -20.44
N SER B 615 35.18 1.53 -19.39
CA SER B 615 35.79 2.69 -18.68
C SER B 615 37.19 2.47 -18.20
N ILE B 616 37.49 1.29 -17.58
CA ILE B 616 38.81 0.97 -17.11
C ILE B 616 39.79 0.95 -18.29
N CYS B 617 39.32 0.48 -19.46
CA CYS B 617 40.11 0.50 -20.70
C CYS B 617 40.54 1.92 -21.01
N TYR B 618 39.63 2.88 -20.95
CA TYR B 618 40.02 4.25 -21.30
C TYR B 618 40.93 4.78 -20.25
N ALA B 619 40.74 4.39 -19.00
CA ALA B 619 41.59 4.94 -17.98
C ALA B 619 43.09 4.45 -18.17
N ILE B 620 43.23 3.23 -18.66
CA ILE B 620 44.53 2.67 -19.02
C ILE B 620 45.11 3.47 -20.18
N ARG B 621 44.33 3.65 -21.20
CA ARG B 621 44.83 4.40 -22.36
C ARG B 621 45.25 5.83 -21.89
N ALA B 622 44.40 6.51 -21.10
CA ALA B 622 44.70 7.85 -20.65
C ALA B 622 45.97 7.89 -19.75
N SER B 623 46.08 6.91 -18.86
CA SER B 623 47.21 6.82 -17.95
C SER B 623 48.51 6.67 -18.75
N ASN B 624 48.44 5.86 -19.78
CA ASN B 624 49.61 5.62 -20.58
C ASN B 624 50.06 6.88 -21.28
N ASP B 625 49.10 7.71 -21.68
CA ASP B 625 49.41 8.94 -22.37
C ASP B 625 50.09 9.91 -21.37
N ILE B 626 49.50 10.02 -20.19
CA ILE B 626 50.08 10.82 -19.10
C ILE B 626 51.53 10.35 -18.77
N ILE B 627 51.72 9.04 -18.65
CA ILE B 627 53.07 8.49 -18.38
C ILE B 627 54.06 8.83 -19.49
N ALA B 628 53.64 8.66 -20.75
CA ALA B 628 54.49 8.97 -21.90
C ALA B 628 54.86 10.46 -21.94
N LYS B 629 53.90 11.34 -21.66
CA LYS B 629 54.18 12.78 -21.70
C LYS B 629 54.91 13.33 -20.42
N PHE B 630 54.60 12.79 -19.23
CA PHE B 630 54.99 13.37 -17.92
C PHE B 630 55.93 12.50 -17.05
N GLY B 631 56.43 11.39 -17.55
CA GLY B 631 57.57 10.70 -16.93
C GLY B 631 58.87 11.20 -17.55
N PRO C 27 -52.75 24.37 -14.27
CA PRO C 27 -51.70 23.34 -14.51
C PRO C 27 -51.24 22.60 -13.18
N TYR C 28 -50.00 22.80 -12.70
CA TYR C 28 -49.56 22.25 -11.39
C TYR C 28 -49.59 23.37 -10.34
N ASP C 29 -49.91 23.07 -9.08
CA ASP C 29 -49.84 24.12 -8.06
C ASP C 29 -48.37 24.37 -7.61
N VAL C 30 -47.56 23.32 -7.68
CA VAL C 30 -46.20 23.35 -7.23
C VAL C 30 -45.31 22.54 -8.13
N PHE C 31 -44.21 23.13 -8.57
CA PHE C 31 -43.11 22.37 -9.20
C PHE C 31 -42.01 22.15 -8.13
N ILE C 32 -41.50 20.91 -8.03
CA ILE C 32 -40.40 20.58 -7.14
C ILE C 32 -39.25 20.01 -7.95
N ALA C 33 -38.08 20.63 -7.89
CA ALA C 33 -36.90 20.01 -8.47
C ALA C 33 -36.15 19.35 -7.35
N GLY C 34 -35.96 18.04 -7.51
CA GLY C 34 -35.34 17.18 -6.54
C GLY C 34 -36.24 16.27 -5.76
N SER C 35 -35.80 15.00 -5.59
CA SER C 35 -36.60 13.97 -4.92
C SER C 35 -35.96 13.35 -3.71
N GLY C 36 -35.07 14.09 -3.07
CA GLY C 36 -34.56 13.64 -1.79
C GLY C 36 -35.62 13.83 -0.70
N PRO C 37 -35.20 13.67 0.53
CA PRO C 37 -36.20 13.70 1.63
C PRO C 37 -36.81 15.10 1.83
N ILE C 38 -36.09 16.13 1.37
CA ILE C 38 -36.62 17.50 1.50
C ILE C 38 -37.68 17.72 0.42
N GLY C 39 -37.34 17.45 -0.82
CA GLY C 39 -38.33 17.58 -1.93
C GLY C 39 -39.55 16.70 -1.64
N ALA C 40 -39.33 15.51 -1.06
CA ALA C 40 -40.42 14.60 -0.76
C ALA C 40 -41.34 15.19 0.31
N THR C 41 -40.73 15.90 1.27
CA THR C 41 -41.49 16.55 2.33
C THR C 41 -42.43 17.62 1.71
N PHE C 42 -41.87 18.48 0.86
CA PHE C 42 -42.75 19.44 0.15
C PHE C 42 -43.86 18.68 -0.60
N ALA C 43 -43.51 17.60 -1.33
CA ALA C 43 -44.51 16.84 -2.07
C ALA C 43 -45.63 16.32 -1.19
N LYS C 44 -45.25 15.67 -0.07
CA LYS C 44 -46.24 15.03 0.81
C LYS C 44 -47.18 16.06 1.42
N LEU C 45 -46.59 17.10 1.99
CA LEU C 45 -47.37 18.14 2.68
C LEU C 45 -48.30 18.88 1.72
N CYS C 46 -47.79 19.17 0.54
CA CYS C 46 -48.58 19.88 -0.43
C CYS C 46 -49.73 19.02 -0.99
N VAL C 47 -49.42 17.80 -1.36
CA VAL C 47 -50.45 16.85 -1.82
C VAL C 47 -51.43 16.57 -0.71
N ASP C 48 -50.98 16.53 0.55
CA ASP C 48 -51.94 16.32 1.61
C ASP C 48 -52.87 17.51 1.69
N ALA C 49 -52.46 18.68 1.21
CA ALA C 49 -53.28 19.90 1.31
C ALA C 49 -54.05 20.11 0.02
N ASN C 50 -54.22 19.04 -0.76
CA ASN C 50 -55.00 19.03 -1.98
C ASN C 50 -54.40 19.84 -3.11
N LEU C 51 -53.08 20.07 -3.07
CA LEU C 51 -52.41 20.73 -4.18
C LEU C 51 -51.85 19.71 -5.18
N ARG C 52 -51.77 20.11 -6.45
CA ARG C 52 -51.22 19.28 -7.55
C ARG C 52 -49.74 19.54 -7.72
N VAL C 53 -48.96 18.45 -7.64
CA VAL C 53 -47.53 18.56 -7.53
C VAL C 53 -46.84 17.82 -8.67
N CYS C 54 -45.82 18.47 -9.24
CA CYS C 54 -44.95 17.87 -10.24
C CYS C 54 -43.54 17.96 -9.71
N MET C 55 -42.90 16.81 -9.55
CA MET C 55 -41.55 16.70 -9.03
C MET C 55 -40.70 16.12 -10.17
N VAL C 56 -39.57 16.78 -10.47
CA VAL C 56 -38.59 16.23 -11.39
C VAL C 56 -37.33 15.78 -10.59
N GLU C 57 -36.73 14.68 -11.05
CA GLU C 57 -35.51 14.11 -10.43
C GLU C 57 -34.58 13.72 -11.54
N ILE C 58 -33.36 14.25 -11.47
CA ILE C 58 -32.38 14.13 -12.54
C ILE C 58 -31.91 12.70 -12.69
N GLY C 59 -31.84 11.99 -11.57
CA GLY C 59 -31.51 10.57 -11.53
C GLY C 59 -32.70 9.60 -11.72
N ALA C 60 -32.35 8.32 -11.59
CA ALA C 60 -33.29 7.19 -11.78
C ALA C 60 -33.89 6.74 -10.49
N ALA C 61 -35.08 6.12 -10.55
CA ALA C 61 -35.61 5.40 -9.38
C ALA C 61 -34.82 4.11 -9.34
N ASP C 62 -34.03 3.87 -8.29
CA ASP C 62 -33.16 2.71 -8.29
C ASP C 62 -33.18 1.88 -7.02
N SER C 63 -34.08 2.18 -6.12
CA SER C 63 -34.15 1.47 -4.87
C SER C 63 -35.65 1.49 -4.46
N PHE C 64 -36.27 0.33 -4.26
CA PHE C 64 -37.72 0.20 -4.13
C PHE C 64 -38.10 -0.73 -3.00
N THR C 65 -39.24 -0.44 -2.39
CA THR C 65 -39.96 -1.43 -1.66
C THR C 65 -41.35 -1.49 -2.31
N SER C 66 -42.23 -2.27 -1.74
CA SER C 66 -43.56 -2.47 -2.34
C SER C 66 -44.52 -2.47 -1.18
N LYS C 67 -45.70 -1.87 -1.40
CA LYS C 67 -46.73 -1.81 -0.38
C LYS C 67 -48.08 -2.06 -1.05
N PRO C 68 -49.03 -2.66 -0.31
CA PRO C 68 -50.33 -2.82 -0.90
C PRO C 68 -50.92 -1.48 -1.39
N MET C 69 -51.58 -1.51 -2.54
CA MET C 69 -52.22 -0.35 -3.11
C MET C 69 -53.60 -0.23 -2.45
N LYS C 70 -53.90 0.89 -1.81
CA LYS C 70 -55.25 1.05 -1.24
C LYS C 70 -56.38 0.97 -2.32
N GLY C 71 -57.46 0.28 -1.98
CA GLY C 71 -58.56 0.10 -2.94
C GLY C 71 -58.37 -0.87 -4.12
N ASP C 72 -57.18 -1.46 -4.27
CA ASP C 72 -56.95 -2.46 -5.34
C ASP C 72 -57.52 -3.83 -4.93
N PRO C 73 -58.39 -4.44 -5.77
CA PRO C 73 -58.99 -5.76 -5.42
C PRO C 73 -57.99 -6.88 -5.02
N ASN C 74 -56.75 -6.79 -5.52
CA ASN C 74 -55.69 -7.75 -5.16
C ASN C 74 -55.07 -7.55 -3.75
N ALA C 75 -54.94 -6.29 -3.31
CA ALA C 75 -54.13 -5.90 -2.12
C ALA C 75 -54.11 -6.87 -0.88
N PRO C 76 -55.29 -7.28 -0.34
CA PRO C 76 -55.22 -8.05 0.93
C PRO C 76 -54.34 -9.30 0.85
N ARG C 77 -54.42 -10.05 -0.25
CA ARG C 77 -53.65 -11.28 -0.40
C ARG C 77 -52.26 -11.12 -1.09
N SER C 78 -51.99 -9.96 -1.67
CA SER C 78 -50.78 -9.74 -2.50
C SER C 78 -49.42 -10.06 -1.85
N VAL C 79 -48.43 -10.22 -2.73
CA VAL C 79 -47.02 -10.48 -2.41
C VAL C 79 -46.21 -9.28 -2.95
N GLN C 80 -45.10 -8.96 -2.29
CA GLN C 80 -44.28 -7.84 -2.74
C GLN C 80 -44.00 -7.89 -4.21
N PHE C 81 -44.16 -6.75 -4.87
CA PHE C 81 -43.95 -6.58 -6.32
C PHE C 81 -44.80 -7.54 -7.18
N GLY C 82 -45.93 -7.95 -6.64
CA GLY C 82 -46.95 -8.65 -7.42
C GLY C 82 -48.16 -7.78 -7.75
N PRO C 83 -49.17 -8.34 -8.43
CA PRO C 83 -50.50 -7.63 -8.42
C PRO C 83 -51.14 -7.75 -6.99
N GLY C 84 -51.73 -6.76 -6.29
CA GLY C 84 -51.90 -5.34 -6.60
C GLY C 84 -51.16 -4.59 -5.48
N GLN C 85 -49.85 -4.59 -5.62
CA GLN C 85 -48.97 -3.84 -4.77
C GLN C 85 -48.41 -2.79 -5.64
N VAL C 86 -47.83 -1.77 -5.04
CA VAL C 86 -47.21 -0.76 -5.88
C VAL C 86 -45.79 -0.57 -5.39
N PRO C 87 -44.83 -0.41 -6.31
CA PRO C 87 -43.45 -0.09 -5.97
C PRO C 87 -43.28 1.35 -5.53
N ILE C 88 -42.54 1.51 -4.46
CA ILE C 88 -42.28 2.82 -3.89
C ILE C 88 -40.79 3.07 -3.96
N PRO C 89 -40.38 4.11 -4.70
CA PRO C 89 -38.97 4.37 -4.89
C PRO C 89 -38.39 5.09 -3.68
N GLY C 90 -37.09 5.25 -3.71
CA GLY C 90 -36.38 5.94 -2.63
C GLY C 90 -36.26 5.17 -1.33
N TYR C 91 -36.29 3.86 -1.43
CA TYR C 91 -36.16 2.95 -0.30
C TYR C 91 -34.66 2.90 0.10
N HIS C 92 -34.38 2.69 1.40
CA HIS C 92 -32.99 2.60 1.87
C HIS C 92 -32.34 1.36 1.33
N LYS C 93 -31.20 1.51 0.69
CA LYS C 93 -30.51 0.37 0.08
C LYS C 93 -29.99 -0.61 1.13
N LYS C 94 -29.77 -0.13 2.35
CA LYS C 94 -29.26 -0.96 3.44
C LYS C 94 -30.29 -1.94 3.99
N ASN C 95 -31.54 -1.77 3.64
CA ASN C 95 -32.61 -2.68 4.03
C ASN C 95 -32.60 -4.05 3.36
N GLU C 96 -31.87 -4.24 2.27
CA GLU C 96 -31.78 -5.62 1.70
C GLU C 96 -31.14 -6.53 2.71
N ILE C 97 -31.70 -7.72 2.92
CA ILE C 97 -31.15 -8.65 3.83
C ILE C 97 -29.66 -8.93 3.57
N GLU C 98 -29.22 -8.91 2.31
CA GLU C 98 -27.80 -9.14 1.96
C GLU C 98 -26.91 -8.25 2.82
N TYR C 99 -27.28 -6.98 2.93
CA TYR C 99 -26.52 -6.01 3.74
C TYR C 99 -26.76 -6.03 5.28
N GLN C 100 -27.90 -6.54 5.71
CA GLN C 100 -28.18 -6.71 7.13
C GLN C 100 -27.28 -7.88 7.61
N LYS C 101 -26.99 -8.84 6.75
CA LYS C 101 -26.13 -9.98 7.13
C LYS C 101 -24.66 -9.74 6.88
N ASP C 102 -24.31 -8.92 5.88
CA ASP C 102 -22.89 -8.66 5.56
C ASP C 102 -22.71 -7.13 5.49
N ILE C 103 -22.76 -6.44 6.62
CA ILE C 103 -22.82 -4.97 6.58
C ILE C 103 -21.56 -4.31 6.03
N ASP C 104 -20.42 -4.96 6.17
CA ASP C 104 -19.19 -4.34 5.62
C ASP C 104 -19.22 -4.24 4.09
N ARG C 105 -20.14 -4.96 3.46
CA ARG C 105 -20.27 -4.85 2.01
C ARG C 105 -20.90 -3.52 1.55
N PHE C 106 -21.64 -2.90 2.46
CA PHE C 106 -22.37 -1.69 2.16
C PHE C 106 -21.49 -0.52 1.84
N VAL C 107 -20.25 -0.53 2.30
CA VAL C 107 -19.35 0.52 1.85
C VAL C 107 -19.27 0.66 0.31
N ASN C 108 -19.38 -0.46 -0.40
CA ASN C 108 -19.39 -0.37 -1.83
C ASN C 108 -20.59 0.34 -2.41
N VAL C 109 -21.77 0.14 -1.82
CA VAL C 109 -22.96 0.89 -2.21
C VAL C 109 -22.77 2.37 -2.05
N ILE C 110 -22.19 2.78 -0.94
CA ILE C 110 -21.96 4.19 -0.69
C ILE C 110 -20.98 4.79 -1.69
N LYS C 111 -19.89 4.10 -1.94
CA LYS C 111 -18.90 4.58 -2.93
C LYS C 111 -19.51 4.57 -4.33
N GLY C 112 -20.36 3.58 -4.64
CA GLY C 112 -21.06 3.62 -5.94
C GLY C 112 -21.99 4.80 -6.12
N ALA C 113 -22.53 5.33 -5.01
CA ALA C 113 -23.59 6.38 -5.06
C ALA C 113 -23.05 7.82 -5.05
N LEU C 114 -21.81 7.98 -4.68
CA LEU C 114 -21.25 9.34 -4.50
C LEU C 114 -20.43 9.82 -5.70
N SER C 115 -20.83 10.98 -6.28
CA SER C 115 -20.18 11.64 -7.36
C SER C 115 -19.48 12.95 -6.88
N THR C 116 -18.16 12.93 -6.85
CA THR C 116 -17.38 14.02 -6.23
C THR C 116 -17.65 15.31 -7.02
N CYS C 117 -17.84 16.45 -6.34
CA CYS C 117 -18.24 17.67 -7.04
C CYS C 117 -17.14 18.40 -7.79
N SER C 118 -15.97 18.53 -7.22
CA SER C 118 -14.90 19.37 -7.87
C SER C 118 -13.57 18.64 -7.63
N ILE C 119 -13.02 18.16 -8.75
CA ILE C 119 -11.78 17.42 -8.76
C ILE C 119 -10.77 18.29 -9.55
N PRO C 120 -9.73 18.81 -8.91
CA PRO C 120 -8.73 19.61 -9.64
C PRO C 120 -8.03 18.83 -10.74
N THR C 121 -7.61 19.56 -11.75
CA THR C 121 -6.79 18.97 -12.82
C THR C 121 -5.39 18.75 -12.27
N SER C 122 -4.62 17.90 -12.92
CA SER C 122 -3.25 17.59 -12.48
C SER C 122 -2.50 17.09 -13.68
N ASN C 123 -1.20 17.18 -13.67
CA ASN C 123 -0.38 16.71 -14.79
C ASN C 123 0.84 15.94 -14.27
N ASN C 124 0.60 14.85 -13.58
CA ASN C 124 1.72 14.11 -12.95
C ASN C 124 2.44 13.25 -13.99
N HIS C 125 3.75 13.31 -13.96
CA HIS C 125 4.58 12.46 -14.80
C HIS C 125 4.61 11.04 -14.27
N ILE C 126 4.33 10.05 -15.13
CA ILE C 126 4.40 8.60 -14.79
C ILE C 126 5.70 8.03 -15.32
N ALA C 127 6.68 7.81 -14.45
CA ALA C 127 8.06 7.58 -14.98
C ALA C 127 8.23 6.19 -15.56
N THR C 128 7.37 5.25 -15.18
CA THR C 128 7.55 3.86 -15.59
C THR C 128 6.65 3.41 -16.80
N LEU C 129 5.97 4.33 -17.45
CA LEU C 129 5.29 3.99 -18.72
C LEU C 129 6.26 3.37 -19.74
N ASP C 130 5.78 2.43 -20.52
CA ASP C 130 6.53 1.89 -21.65
C ASP C 130 6.75 3.15 -22.55
N PRO C 131 7.98 3.39 -23.01
CA PRO C 131 8.25 4.64 -23.70
C PRO C 131 7.62 4.82 -25.08
N SER C 132 6.98 3.77 -25.56
CA SER C 132 6.23 3.77 -26.77
C SER C 132 4.81 4.19 -26.65
N VAL C 133 4.27 4.35 -25.45
CA VAL C 133 2.83 4.58 -25.34
C VAL C 133 2.45 6.00 -25.28
N VAL C 134 1.16 6.28 -25.54
CA VAL C 134 0.62 7.62 -25.37
C VAL C 134 0.95 8.16 -23.94
N SER C 135 1.46 9.39 -23.89
CA SER C 135 1.85 10.05 -22.67
C SER C 135 1.53 11.53 -22.62
N ASN C 136 1.26 12.02 -21.42
CA ASN C 136 1.18 13.42 -21.11
C ASN C 136 2.61 14.04 -21.20
N SER C 137 2.68 15.33 -21.38
CA SER C 137 3.96 16.03 -21.36
C SER C 137 3.74 17.37 -20.61
N LEU C 138 4.83 18.07 -20.36
CA LEU C 138 4.77 19.26 -19.50
C LEU C 138 3.81 20.26 -20.09
N ASP C 139 3.92 20.44 -21.39
CA ASP C 139 3.13 21.44 -22.08
C ASP C 139 1.92 20.84 -22.77
N LYS C 140 1.78 19.52 -22.74
CA LYS C 140 0.55 18.90 -23.31
C LYS C 140 -0.04 17.88 -22.39
N PRO C 141 -0.77 18.36 -21.39
CA PRO C 141 -1.37 17.49 -20.40
C PRO C 141 -2.51 16.72 -21.03
N PHE C 142 -2.90 15.57 -20.44
CA PHE C 142 -4.21 15.00 -20.82
C PHE C 142 -5.34 15.97 -20.48
N ILE C 143 -6.42 15.85 -21.26
CA ILE C 143 -7.65 16.61 -21.04
C ILE C 143 -8.72 15.64 -20.55
N SER C 144 -9.11 15.74 -19.27
CA SER C 144 -10.20 14.94 -18.68
C SER C 144 -11.49 15.76 -18.53
N LEU C 145 -12.52 15.38 -19.29
CA LEU C 145 -13.92 15.69 -18.96
C LEU C 145 -14.17 15.73 -17.43
N GLY C 146 -14.82 16.75 -16.91
CA GLY C 146 -15.22 16.62 -15.49
C GLY C 146 -14.15 16.69 -14.38
N LYS C 147 -12.86 16.86 -14.71
CA LYS C 147 -12.02 17.58 -13.78
C LYS C 147 -12.31 19.10 -13.98
N ASN C 148 -11.97 19.90 -12.98
CA ASN C 148 -12.29 21.31 -12.91
C ASN C 148 -11.01 22.10 -12.92
N PRO C 149 -10.68 22.71 -14.07
CA PRO C 149 -9.45 23.42 -14.14
C PRO C 149 -9.48 24.61 -13.20
N ALA C 150 -10.64 25.09 -12.81
CA ALA C 150 -10.67 26.39 -12.06
C ALA C 150 -10.42 26.07 -10.57
N GLN C 151 -10.42 24.81 -10.17
CA GLN C 151 -10.37 24.52 -8.75
C GLN C 151 -8.96 24.59 -8.10
N ASN C 152 -8.74 25.46 -7.10
CA ASN C 152 -7.50 25.50 -6.41
C ASN C 152 -7.64 24.39 -5.37
N PRO C 153 -6.80 23.34 -5.44
CA PRO C 153 -6.86 22.28 -4.41
C PRO C 153 -6.72 22.70 -2.98
N PHE C 154 -6.10 23.85 -2.70
CA PHE C 154 -5.88 24.21 -1.30
C PHE C 154 -7.07 24.85 -0.60
N VAL C 155 -8.10 25.22 -1.37
CA VAL C 155 -9.29 25.83 -0.81
C VAL C 155 -10.49 24.97 -1.17
N ASN C 156 -10.26 23.68 -1.49
CA ASN C 156 -11.35 22.86 -1.96
C ASN C 156 -12.09 22.18 -0.77
N LEU C 157 -13.31 21.67 -1.04
CA LEU C 157 -13.98 20.67 -0.24
C LEU C 157 -13.92 19.41 -1.08
N GLY C 158 -12.77 18.78 -1.04
CA GLY C 158 -12.39 17.81 -2.04
C GLY C 158 -13.14 16.49 -1.91
N ALA C 159 -13.81 16.27 -0.80
CA ALA C 159 -14.64 15.03 -0.68
C ALA C 159 -16.13 15.30 -0.71
N GLU C 160 -16.54 16.60 -0.86
CA GLU C 160 -17.92 16.98 -1.14
C GLU C 160 -18.40 16.24 -2.39
N ALA C 161 -19.56 15.61 -2.32
CA ALA C 161 -20.05 14.75 -3.38
C ALA C 161 -21.57 14.79 -3.37
N VAL C 162 -22.20 14.33 -4.43
CA VAL C 162 -23.68 14.33 -4.53
C VAL C 162 -24.11 12.94 -4.96
N THR C 163 -25.37 12.61 -4.70
CA THR C 163 -26.01 11.39 -5.17
C THR C 163 -27.22 11.73 -5.96
N ARG C 164 -27.28 11.24 -7.21
CA ARG C 164 -28.39 11.47 -8.11
C ARG C 164 -29.25 10.19 -8.23
N GLY C 165 -30.47 10.27 -7.71
CA GLY C 165 -31.39 9.15 -7.74
C GLY C 165 -32.64 9.50 -6.96
N VAL C 166 -33.71 8.71 -7.08
CA VAL C 166 -34.90 9.03 -6.31
C VAL C 166 -34.56 8.80 -4.86
N GLY C 167 -34.85 9.77 -4.01
CA GLY C 167 -34.46 9.70 -2.60
C GLY C 167 -33.12 10.36 -2.27
N GLY C 168 -32.39 10.79 -3.30
CA GLY C 168 -31.14 11.52 -3.14
C GLY C 168 -30.21 10.68 -2.26
N MET C 169 -29.64 11.31 -1.25
CA MET C 169 -28.67 10.62 -0.40
C MET C 169 -29.38 9.78 0.68
N SER C 170 -30.70 9.92 0.84
CA SER C 170 -31.41 9.18 1.84
C SER C 170 -31.45 7.74 1.55
N THR C 171 -31.11 7.31 0.37
CA THR C 171 -31.05 5.91 0.13
C THR C 171 -29.80 5.20 0.65
N HIS C 172 -28.81 5.93 1.19
CA HIS C 172 -27.61 5.27 1.77
C HIS C 172 -27.21 5.91 3.15
N TRP C 173 -27.90 6.99 3.57
CA TRP C 173 -27.45 7.72 4.76
C TRP C 173 -27.46 6.93 6.05
N THR C 174 -26.76 7.47 7.02
CA THR C 174 -26.61 6.86 8.28
CA THR C 174 -26.67 6.78 8.27
C THR C 174 -27.84 6.97 9.24
N CYS C 175 -28.74 7.86 8.90
CA CYS C 175 -30.05 8.04 9.59
C CYS C 175 -29.97 8.74 10.91
N ALA C 176 -28.81 9.34 11.24
CA ALA C 176 -28.70 10.09 12.48
C ALA C 176 -29.51 11.37 12.45
N THR C 177 -30.45 11.56 13.41
CA THR C 177 -31.27 12.76 13.42
C THR C 177 -31.34 13.46 14.80
N PRO C 178 -30.23 14.05 15.21
CA PRO C 178 -30.25 14.93 16.41
C PRO C 178 -30.86 16.30 16.10
N GLU C 179 -31.29 16.97 17.18
CA GLU C 179 -31.64 18.35 17.15
C GLU C 179 -30.42 19.22 17.21
N PHE C 180 -30.53 20.41 16.68
CA PHE C 180 -29.47 21.39 16.92
C PHE C 180 -29.59 22.09 18.25
N PHE C 181 -28.42 22.45 18.77
CA PHE C 181 -28.29 23.13 20.09
C PHE C 181 -28.74 24.60 20.07
N ALA C 182 -29.58 24.96 21.03
CA ALA C 182 -29.98 26.33 21.26
C ALA C 182 -29.50 26.67 22.69
N PRO C 183 -28.66 27.69 22.84
CA PRO C 183 -28.16 28.07 24.14
C PRO C 183 -29.27 28.71 24.98
N ALA C 184 -29.03 28.82 26.27
CA ALA C 184 -30.01 29.43 27.20
C ALA C 184 -30.28 30.88 26.82
N ASP C 185 -29.22 31.62 26.54
CA ASP C 185 -29.33 33.02 26.17
C ASP C 185 -29.55 33.18 24.67
N PHE C 186 -30.65 33.80 24.31
CA PHE C 186 -30.99 34.09 22.92
C PHE C 186 -29.98 35.01 22.24
N ASN C 187 -29.22 35.79 23.01
CA ASN C 187 -28.15 36.60 22.40
C ASN C 187 -26.68 36.10 22.62
N ALA C 188 -26.56 34.80 22.94
CA ALA C 188 -25.26 34.12 22.89
C ALA C 188 -24.65 34.26 21.53
N PRO C 189 -23.34 34.40 21.44
CA PRO C 189 -22.64 34.59 20.20
C PRO C 189 -22.78 33.44 19.25
N HIS C 190 -22.82 32.21 19.76
CA HIS C 190 -22.95 31.13 18.82
C HIS C 190 -24.13 30.27 19.13
N ARG C 191 -24.76 29.76 18.09
CA ARG C 191 -25.90 28.84 18.23
C ARG C 191 -25.84 27.91 17.05
N GLU C 192 -26.16 26.64 17.25
CA GLU C 192 -26.41 25.72 16.13
C GLU C 192 -27.78 26.00 15.51
N ARG C 193 -28.82 26.08 16.35
CA ARG C 193 -30.18 26.19 15.83
C ARG C 193 -30.43 27.65 15.36
N PRO C 194 -30.71 27.87 14.04
CA PRO C 194 -30.97 29.22 13.62
C PRO C 194 -32.23 29.87 14.25
N LYS C 195 -32.23 31.16 14.26
CA LYS C 195 -33.38 31.93 14.69
C LYS C 195 -34.44 32.04 13.62
N LEU C 196 -35.68 31.74 14.02
CA LEU C 196 -36.84 31.87 13.12
C LEU C 196 -37.69 33.08 13.49
N SER C 197 -37.52 33.56 14.71
CA SER C 197 -38.15 34.80 15.16
C SER C 197 -37.13 35.62 15.97
N THR C 198 -37.35 36.95 16.01
CA THR C 198 -36.56 37.82 16.88
C THR C 198 -37.05 37.72 18.32
N ASP C 199 -38.25 37.19 18.51
CA ASP C 199 -38.73 36.95 19.84
C ASP C 199 -38.34 35.56 20.28
N ALA C 200 -37.56 35.50 21.36
CA ALA C 200 -37.04 34.24 21.89
C ALA C 200 -38.11 33.19 22.21
N ALA C 201 -39.24 33.63 22.72
CA ALA C 201 -40.24 32.67 23.16
C ALA C 201 -40.95 32.08 21.94
N GLU C 202 -41.19 32.91 20.90
CA GLU C 202 -41.88 32.47 19.69
C GLU C 202 -40.93 31.52 18.93
N ASP C 203 -39.66 31.86 18.87
CA ASP C 203 -38.62 30.98 18.28
C ASP C 203 -38.63 29.60 18.91
N ALA C 204 -38.60 29.56 20.24
CA ALA C 204 -38.64 28.28 20.96
C ALA C 204 -39.94 27.50 20.70
N ARG C 205 -41.08 28.16 20.66
CA ARG C 205 -42.32 27.44 20.35
CA ARG C 205 -42.32 27.43 20.35
C ARG C 205 -42.34 26.87 18.93
N ILE C 206 -41.90 27.67 17.98
CA ILE C 206 -41.87 27.31 16.57
C ILE C 206 -41.02 26.05 16.43
N TRP C 207 -39.79 26.09 16.96
CA TRP C 207 -38.87 24.92 16.87
C TRP C 207 -39.39 23.70 17.53
N LYS C 208 -39.98 23.84 18.72
CA LYS C 208 -40.59 22.68 19.40
C LYS C 208 -41.67 21.97 18.53
N ASP C 209 -42.50 22.73 17.83
CA ASP C 209 -43.52 22.08 17.01
CA ASP C 209 -43.55 22.16 16.94
C ASP C 209 -42.94 21.46 15.73
N LEU C 210 -42.06 22.17 15.09
CA LEU C 210 -41.41 21.68 13.87
C LEU C 210 -40.58 20.43 14.15
N TYR C 211 -39.83 20.41 15.25
CA TYR C 211 -38.99 19.27 15.46
C TYR C 211 -39.90 18.05 15.70
N ALA C 212 -41.05 18.24 16.35
CA ALA C 212 -41.94 17.10 16.63
C ALA C 212 -42.43 16.57 15.31
N GLN C 213 -42.77 17.48 14.43
CA GLN C 213 -43.36 17.06 13.19
C GLN C 213 -42.31 16.41 12.33
N ALA C 214 -41.12 16.96 12.35
CA ALA C 214 -40.01 16.41 11.49
C ALA C 214 -39.63 15.00 11.95
N LYS C 215 -39.59 14.76 13.23
CA LYS C 215 -39.28 13.41 13.75
C LYS C 215 -40.35 12.39 13.38
N GLU C 216 -41.57 12.85 13.27
CA GLU C 216 -42.67 11.93 12.87
C GLU C 216 -42.54 11.68 11.38
N ILE C 217 -42.23 12.71 10.59
CA ILE C 217 -42.06 12.48 9.15
C ILE C 217 -40.95 11.45 8.85
N ILE C 218 -39.80 11.63 9.48
CA ILE C 218 -38.60 10.77 9.16
C ILE C 218 -38.63 9.50 10.03
N GLY C 219 -39.41 9.53 11.09
CA GLY C 219 -39.45 8.37 12.03
C GLY C 219 -38.26 8.19 12.94
N THR C 220 -37.84 9.24 13.62
CA THR C 220 -36.74 9.19 14.57
C THR C 220 -37.09 8.34 15.79
N SER C 221 -36.14 7.57 16.27
CA SER C 221 -36.27 6.86 17.49
C SER C 221 -34.91 6.77 18.24
N THR C 222 -34.99 6.71 19.59
CA THR C 222 -33.76 6.60 20.36
C THR C 222 -33.67 5.24 21.07
N THR C 223 -34.57 4.33 20.76
CA THR C 223 -34.61 3.12 21.50
C THR C 223 -34.34 1.87 20.65
N GLU C 224 -33.91 1.99 19.41
CA GLU C 224 -33.80 0.79 18.61
C GLU C 224 -32.58 -0.14 18.85
N PHE C 225 -31.69 0.26 19.75
CA PHE C 225 -30.54 -0.47 20.10
C PHE C 225 -30.50 -0.76 21.58
N ASP C 226 -31.65 -0.65 22.24
CA ASP C 226 -31.68 -0.75 23.66
C ASP C 226 -31.47 -2.15 24.21
N HIS C 227 -31.54 -3.15 23.38
CA HIS C 227 -31.23 -4.49 23.82
C HIS C 227 -30.06 -5.08 23.08
N SER C 228 -29.12 -4.20 22.70
CA SER C 228 -27.79 -4.62 22.17
C SER C 228 -26.80 -4.57 23.33
N ILE C 229 -26.07 -5.67 23.52
CA ILE C 229 -25.05 -5.73 24.55
C ILE C 229 -23.96 -4.71 24.26
N ARG C 230 -23.51 -4.62 22.98
CA ARG C 230 -22.45 -3.67 22.63
C ARG C 230 -22.84 -2.21 22.91
N HIS C 231 -24.06 -1.84 22.56
CA HIS C 231 -24.56 -0.51 22.76
C HIS C 231 -24.61 -0.20 24.25
N ASN C 232 -25.21 -1.11 24.97
CA ASN C 232 -25.36 -0.97 26.43
C ASN C 232 -24.02 -0.94 27.16
N LEU C 233 -23.10 -1.77 26.72
CA LEU C 233 -21.76 -1.77 27.31
C LEU C 233 -21.11 -0.44 27.18
N VAL C 234 -21.07 0.05 25.94
CA VAL C 234 -20.44 1.34 25.61
C VAL C 234 -21.17 2.52 26.31
N LEU C 235 -22.49 2.53 26.23
CA LEU C 235 -23.21 3.67 26.82
C LEU C 235 -23.03 3.71 28.40
N ARG C 236 -23.23 2.58 29.04
CA ARG C 236 -23.22 2.50 30.49
C ARG C 236 -21.84 2.69 31.05
N LYS C 237 -20.86 2.12 30.37
CA LYS C 237 -19.50 2.32 30.81
C LYS C 237 -19.06 3.75 30.73
N TYR C 238 -19.35 4.39 29.64
CA TYR C 238 -18.96 5.74 29.53
C TYR C 238 -19.67 6.62 30.50
N ASN C 239 -20.95 6.37 30.77
CA ASN C 239 -21.59 7.23 31.76
C ASN C 239 -21.00 6.95 33.13
N ASP C 240 -20.69 5.70 33.43
CA ASP C 240 -20.09 5.40 34.74
C ASP C 240 -18.72 6.09 34.92
N ILE C 241 -17.92 6.10 33.85
CA ILE C 241 -16.64 6.81 33.88
C ILE C 241 -16.81 8.35 33.99
N PHE C 242 -17.67 8.94 33.20
CA PHE C 242 -17.66 10.38 33.13
C PHE C 242 -18.51 11.05 34.25
N GLN C 243 -19.49 10.32 34.79
CA GLN C 243 -20.22 10.77 35.99
C GLN C 243 -19.25 11.04 37.15
N LYS C 244 -18.15 10.30 37.23
CA LYS C 244 -17.18 10.46 38.33
C LYS C 244 -16.21 11.61 38.09
N GLU C 245 -15.90 11.94 36.84
CA GLU C 245 -14.90 12.97 36.53
C GLU C 245 -15.38 14.36 36.93
N ASN C 246 -14.40 15.25 37.08
CA ASN C 246 -14.68 16.60 37.58
C ASN C 246 -15.37 17.47 36.52
N VAL C 247 -15.15 17.12 35.23
CA VAL C 247 -16.01 17.60 34.12
C VAL C 247 -16.89 16.41 33.67
N ILE C 248 -18.20 16.52 33.93
CA ILE C 248 -19.19 15.52 33.59
C ILE C 248 -19.48 15.64 32.07
N ARG C 249 -19.64 14.51 31.38
CA ARG C 249 -20.05 14.54 29.96
C ARG C 249 -21.19 13.53 29.95
N GLU C 250 -22.27 13.80 29.25
CA GLU C 250 -23.38 12.89 29.31
CA GLU C 250 -23.36 12.87 29.29
C GLU C 250 -23.43 12.16 27.98
N PHE C 251 -23.56 10.85 28.09
CA PHE C 251 -23.66 9.98 26.90
C PHE C 251 -25.08 9.50 26.77
N SER C 252 -25.55 9.50 25.53
CA SER C 252 -26.92 9.12 25.23
C SER C 252 -27.05 8.33 23.93
N PRO C 253 -28.24 7.72 23.74
CA PRO C 253 -28.38 7.07 22.45
C PRO C 253 -28.49 8.10 21.28
N LEU C 254 -27.85 7.75 20.19
CA LEU C 254 -27.92 8.57 18.93
C LEU C 254 -29.33 8.39 18.34
N PRO C 255 -30.05 9.50 18.14
CA PRO C 255 -31.37 9.35 17.57
C PRO C 255 -31.23 8.97 16.11
N LEU C 256 -32.05 8.02 15.70
CA LEU C 256 -31.88 7.37 14.44
C LEU C 256 -33.22 7.16 13.74
N ALA C 257 -33.28 7.51 12.49
CA ALA C 257 -34.50 7.37 11.69
C ALA C 257 -34.57 5.90 11.21
N CYS C 258 -35.14 5.01 12.03
CA CYS C 258 -35.10 3.58 11.78
C CYS C 258 -36.07 2.89 12.71
N HIS C 259 -36.41 1.64 12.42
CA HIS C 259 -36.97 0.82 13.46
C HIS C 259 -36.61 -0.62 13.35
N ARG C 260 -36.31 -1.22 14.48
CA ARG C 260 -36.00 -2.63 14.49
C ARG C 260 -37.20 -3.49 14.19
N LEU C 261 -37.04 -4.59 13.49
CA LEU C 261 -38.20 -5.37 13.07
C LEU C 261 -38.56 -6.43 14.07
N THR C 262 -39.73 -7.01 13.85
CA THR C 262 -40.26 -7.99 14.79
C THR C 262 -39.31 -9.19 14.91
N ASP C 263 -38.62 -9.51 13.81
CA ASP C 263 -37.36 -10.27 13.89
C ASP C 263 -36.18 -9.31 14.25
N PRO C 264 -35.73 -9.33 15.51
CA PRO C 264 -34.79 -8.30 15.95
C PRO C 264 -33.46 -8.27 15.23
N ASP C 265 -33.12 -9.28 14.39
CA ASP C 265 -31.87 -9.32 13.59
C ASP C 265 -31.88 -8.27 12.44
N TYR C 266 -33.01 -7.66 12.21
CA TYR C 266 -33.11 -6.70 11.13
C TYR C 266 -33.63 -5.37 11.60
N VAL C 267 -33.22 -4.32 10.86
CA VAL C 267 -33.66 -2.94 11.08
C VAL C 267 -34.13 -2.43 9.76
N GLU C 268 -35.25 -1.72 9.78
CA GLU C 268 -35.67 -0.95 8.64
C GLU C 268 -35.13 0.48 8.77
N TRP C 269 -34.17 0.85 7.93
CA TRP C 269 -33.60 2.16 7.94
C TRP C 269 -34.53 3.03 7.12
N HIS C 270 -34.83 4.27 7.56
CA HIS C 270 -35.89 5.08 6.95
C HIS C 270 -35.27 5.92 5.88
N ALA C 271 -36.04 6.23 4.81
CA ALA C 271 -35.55 7.02 3.70
C ALA C 271 -36.76 7.67 3.08
N THR C 272 -36.56 8.20 1.92
CA THR C 272 -37.62 8.92 1.24
C THR C 272 -38.87 8.09 0.94
N ASP C 273 -38.76 6.75 0.83
CA ASP C 273 -39.97 5.91 0.55
C ASP C 273 -41.07 6.15 1.65
N ARG C 274 -40.63 6.35 2.88
CA ARG C 274 -41.58 6.57 4.01
C ARG C 274 -42.35 7.88 3.73
N ILE C 275 -41.68 8.89 3.21
CA ILE C 275 -42.30 10.20 3.00
C ILE C 275 -43.28 10.15 1.84
N LEU C 276 -42.92 9.41 0.79
CA LEU C 276 -43.72 9.44 -0.47
C LEU C 276 -44.78 8.38 -0.46
N GLU C 277 -44.71 7.49 0.50
CA GLU C 277 -45.52 6.27 0.43
C GLU C 277 -46.94 6.48 -0.02
N GLU C 278 -47.62 7.41 0.61
CA GLU C 278 -49.06 7.59 0.32
C GLU C 278 -49.33 8.25 -0.98
N LEU C 279 -48.36 9.00 -1.52
CA LEU C 279 -48.49 9.48 -2.87
C LEU C 279 -48.42 8.36 -3.92
N PHE C 280 -48.03 7.16 -3.54
CA PHE C 280 -48.11 6.02 -4.44
C PHE C 280 -49.24 5.02 -4.07
N THR C 281 -49.54 4.88 -2.76
CA THR C 281 -50.54 3.88 -2.30
C THR C 281 -51.98 4.42 -2.24
N ASP C 282 -52.15 5.73 -2.27
CA ASP C 282 -53.47 6.29 -2.15
C ASP C 282 -53.88 6.85 -3.51
N PRO C 283 -54.94 6.29 -4.13
CA PRO C 283 -55.27 6.71 -5.52
C PRO C 283 -55.61 8.20 -5.61
N VAL C 284 -56.18 8.76 -4.55
CA VAL C 284 -56.58 10.16 -4.59
C VAL C 284 -55.31 11.03 -4.61
N LYS C 285 -54.35 10.63 -3.78
CA LYS C 285 -53.11 11.40 -3.75
C LYS C 285 -52.25 11.16 -4.99
N ARG C 286 -52.21 9.91 -5.43
CA ARG C 286 -51.43 9.52 -6.55
C ARG C 286 -51.88 10.35 -7.72
N GLY C 287 -53.20 10.55 -7.87
CA GLY C 287 -53.75 11.45 -8.88
C GLY C 287 -53.27 12.88 -8.85
N ARG C 288 -52.81 13.37 -7.71
CA ARG C 288 -52.33 14.74 -7.63
C ARG C 288 -50.79 14.88 -7.72
N PHE C 289 -50.08 13.77 -7.96
CA PHE C 289 -48.62 13.78 -7.90
C PHE C 289 -48.05 13.16 -9.15
N THR C 290 -47.04 13.80 -9.73
CA THR C 290 -46.39 13.32 -10.92
C THR C 290 -44.91 13.34 -10.62
N LEU C 291 -44.21 12.22 -10.77
CA LEU C 291 -42.77 12.19 -10.53
C LEU C 291 -42.10 11.83 -11.85
N LEU C 292 -41.27 12.72 -12.40
CA LEU C 292 -40.61 12.50 -13.65
C LEU C 292 -39.12 12.20 -13.39
N THR C 293 -38.66 10.98 -13.65
CA THR C 293 -37.30 10.56 -13.21
C THR C 293 -36.45 10.70 -14.47
N ASN C 294 -35.13 10.74 -14.34
CA ASN C 294 -34.23 11.08 -15.49
C ASN C 294 -34.56 12.39 -16.17
N HIS C 295 -35.10 13.32 -15.38
CA HIS C 295 -35.49 14.66 -15.83
C HIS C 295 -34.70 15.70 -15.06
N ARG C 296 -33.87 16.41 -15.78
CA ARG C 296 -33.07 17.46 -15.22
C ARG C 296 -33.78 18.76 -15.26
N CYS C 297 -33.86 19.46 -14.14
CA CYS C 297 -34.23 20.88 -14.11
C CYS C 297 -32.98 21.67 -14.46
N THR C 298 -32.96 22.25 -15.69
CA THR C 298 -31.78 22.87 -16.23
C THR C 298 -31.62 24.27 -15.61
N LYS C 299 -32.77 24.91 -15.40
CA LYS C 299 -32.89 26.31 -14.97
C LYS C 299 -34.34 26.75 -14.85
N LEU C 300 -34.55 27.73 -14.00
CA LEU C 300 -35.83 28.39 -13.89
C LEU C 300 -35.70 29.60 -14.84
N VAL C 301 -36.79 29.96 -15.52
CA VAL C 301 -36.80 31.18 -16.39
C VAL C 301 -37.70 32.20 -15.71
N PHE C 302 -37.21 33.44 -15.58
CA PHE C 302 -37.83 34.44 -14.73
C PHE C 302 -38.62 35.38 -15.59
N LYS C 303 -39.60 36.04 -14.99
CA LYS C 303 -40.37 37.10 -15.65
C LYS C 303 -39.42 38.14 -16.22
N HIS C 304 -38.39 38.52 -15.46
CA HIS C 304 -37.37 39.43 -15.97
C HIS C 304 -36.04 39.27 -15.29
N TYR C 305 -35.03 40.02 -15.75
CA TYR C 305 -33.65 39.82 -15.27
C TYR C 305 -33.03 41.09 -14.61
N ARG C 306 -33.86 41.93 -13.97
CA ARG C 306 -33.40 43.18 -13.31
C ARG C 306 -33.15 42.97 -11.81
N PRO C 307 -31.95 43.30 -11.35
CA PRO C 307 -31.66 43.05 -9.92
C PRO C 307 -32.47 43.93 -8.99
N GLY C 308 -32.71 43.46 -7.77
CA GLY C 308 -33.38 44.25 -6.75
C GLY C 308 -34.87 44.56 -6.92
N GLU C 309 -35.50 44.02 -7.95
CA GLU C 309 -36.90 44.30 -8.26
C GLU C 309 -37.76 43.05 -8.07
N GLU C 310 -38.99 43.27 -7.64
CA GLU C 310 -40.01 42.23 -7.58
C GLU C 310 -40.06 41.43 -8.89
N ASN C 311 -40.15 40.08 -8.74
CA ASN C 311 -39.91 39.15 -9.82
C ASN C 311 -40.69 37.84 -9.58
N GLU C 312 -40.77 36.97 -10.59
CA GLU C 312 -41.34 35.64 -10.37
C GLU C 312 -40.79 34.67 -11.36
N VAL C 313 -40.96 33.39 -11.05
CA VAL C 313 -40.61 32.32 -12.01
C VAL C 313 -41.73 32.23 -13.02
N ASP C 314 -41.37 32.15 -14.28
CA ASP C 314 -42.25 32.05 -15.39
C ASP C 314 -42.50 30.57 -15.62
N TYR C 315 -41.42 29.80 -15.80
CA TYR C 315 -41.55 28.34 -15.93
C TYR C 315 -40.24 27.68 -15.54
N ALA C 316 -40.29 26.38 -15.41
CA ALA C 316 -39.08 25.57 -15.23
C ALA C 316 -38.68 24.96 -16.58
N LEU C 317 -37.39 25.01 -16.95
CA LEU C 317 -36.86 24.37 -18.17
C LEU C 317 -36.35 22.98 -17.76
N VAL C 318 -36.99 21.96 -18.32
CA VAL C 318 -36.70 20.57 -17.94
C VAL C 318 -36.36 19.76 -19.18
N GLU C 319 -35.41 18.84 -19.01
CA GLU C 319 -34.88 17.93 -20.01
C GLU C 319 -35.00 16.47 -19.63
N ASP C 320 -35.65 15.72 -20.48
CA ASP C 320 -35.73 14.29 -20.34
C ASP C 320 -34.39 13.72 -20.81
N LEU C 321 -33.65 13.05 -19.94
CA LEU C 321 -32.30 12.65 -20.31
C LEU C 321 -32.26 11.23 -20.89
N LEU C 322 -33.35 10.49 -20.75
CA LEU C 322 -33.49 9.13 -21.31
C LEU C 322 -33.83 9.20 -22.79
N PRO C 323 -33.15 8.35 -23.61
CA PRO C 323 -33.79 7.94 -24.85
C PRO C 323 -34.77 6.80 -24.56
N SER C 333 -38.43 16.45 -25.81
CA SER C 333 -37.17 16.29 -25.04
C SER C 333 -36.94 17.45 -24.03
N VAL C 334 -36.91 18.69 -24.57
CA VAL C 334 -36.87 19.94 -23.77
C VAL C 334 -38.29 20.53 -23.68
N LYS C 335 -38.76 20.71 -22.43
CA LYS C 335 -40.15 20.98 -22.06
C LYS C 335 -40.16 22.15 -21.09
N LYS C 336 -41.23 22.92 -21.15
CA LYS C 336 -41.42 23.98 -20.21
C LYS C 336 -42.52 23.53 -19.28
N ILE C 337 -42.28 23.61 -17.97
CA ILE C 337 -43.27 23.18 -16.95
C ILE C 337 -43.67 24.42 -16.17
N TYR C 338 -44.97 24.64 -16.12
CA TYR C 338 -45.57 25.78 -15.44
C TYR C 338 -46.23 25.33 -14.15
N ALA C 339 -46.04 26.12 -13.09
CA ALA C 339 -46.71 25.87 -11.82
C ALA C 339 -47.02 27.23 -11.19
N ARG C 340 -47.80 27.24 -10.09
CA ARG C 340 -48.08 28.50 -9.41
C ARG C 340 -46.88 28.84 -8.49
N SER C 341 -46.17 27.81 -8.08
CA SER C 341 -45.01 27.99 -7.14
C SER C 341 -43.95 26.93 -7.44
N TYR C 342 -42.71 27.29 -7.14
CA TYR C 342 -41.52 26.52 -7.57
C TYR C 342 -40.62 26.32 -6.34
N VAL C 343 -40.15 25.07 -6.14
CA VAL C 343 -39.29 24.66 -5.02
C VAL C 343 -38.03 23.99 -5.58
N VAL C 344 -36.89 24.54 -5.21
CA VAL C 344 -35.61 23.94 -5.61
C VAL C 344 -35.02 23.22 -4.43
N ALA C 345 -35.16 21.93 -4.47
CA ALA C 345 -34.69 21.08 -3.37
C ALA C 345 -33.74 20.03 -3.94
N CYS C 346 -32.64 20.49 -4.50
CA CYS C 346 -31.67 19.63 -5.18
C CYS C 346 -30.38 19.29 -4.38
N GLY C 347 -30.42 19.50 -3.07
CA GLY C 347 -29.25 19.47 -2.22
C GLY C 347 -28.46 20.77 -2.19
N ALA C 348 -27.47 20.83 -1.30
CA ALA C 348 -26.77 22.12 -1.00
C ALA C 348 -26.00 22.64 -2.21
N VAL C 349 -25.39 21.74 -2.96
CA VAL C 349 -24.65 22.13 -4.13
C VAL C 349 -25.56 22.36 -5.32
N ALA C 350 -26.41 21.37 -5.64
CA ALA C 350 -27.20 21.43 -6.84
C ALA C 350 -28.28 22.52 -6.79
N THR C 351 -28.77 22.87 -5.59
CA THR C 351 -29.82 23.87 -5.49
C THR C 351 -29.21 25.22 -5.95
N ALA C 352 -28.05 25.55 -5.38
CA ALA C 352 -27.30 26.73 -5.83
C ALA C 352 -26.94 26.61 -7.33
N GLN C 353 -26.66 25.41 -7.80
CA GLN C 353 -26.32 25.26 -9.21
C GLN C 353 -27.48 25.59 -10.12
N VAL C 354 -28.67 25.15 -9.74
CA VAL C 354 -29.84 25.39 -10.60
C VAL C 354 -30.11 26.87 -10.61
N LEU C 355 -29.97 27.48 -9.46
CA LEU C 355 -30.26 28.96 -9.33
C LEU C 355 -29.19 29.85 -10.04
N ALA C 356 -27.94 29.43 -9.96
CA ALA C 356 -26.85 30.06 -10.75
C ALA C 356 -27.17 29.98 -12.23
N ASN C 357 -27.49 28.78 -12.72
CA ASN C 357 -27.72 28.58 -14.17
C ASN C 357 -28.97 29.38 -14.64
N SER C 358 -29.91 29.60 -13.71
CA SER C 358 -31.13 30.39 -14.04
C SER C 358 -30.84 31.90 -14.28
N HIS C 359 -29.62 32.33 -13.92
CA HIS C 359 -29.12 33.65 -14.19
C HIS C 359 -28.81 33.88 -15.65
N ILE C 360 -28.61 32.82 -16.43
CA ILE C 360 -28.41 32.97 -17.89
C ILE C 360 -29.77 32.84 -18.60
N PRO C 361 -30.29 33.98 -19.13
CA PRO C 361 -31.64 33.98 -19.74
C PRO C 361 -31.65 33.13 -21.02
N PRO C 362 -32.83 32.67 -21.46
CA PRO C 362 -32.77 32.07 -22.81
C PRO C 362 -32.87 33.14 -23.89
N GLU C 380 -10.14 34.35 -17.64
CA GLU C 380 -11.39 34.47 -18.36
C GLU C 380 -12.01 33.13 -18.78
N ARG C 381 -11.21 32.16 -19.24
CA ARG C 381 -11.78 30.81 -19.40
C ARG C 381 -12.30 30.33 -18.02
N ASP C 382 -11.74 30.85 -16.94
CA ASP C 382 -12.13 30.54 -15.54
C ASP C 382 -13.28 31.43 -14.94
N ALA C 383 -13.96 32.19 -15.80
CA ALA C 383 -14.96 33.16 -15.35
C ALA C 383 -16.10 32.37 -14.69
N THR C 384 -16.68 32.93 -13.64
CA THR C 384 -17.85 32.34 -13.04
C THR C 384 -19.17 33.06 -13.37
N ILE C 385 -20.27 32.36 -13.17
CA ILE C 385 -21.56 32.97 -13.45
C ILE C 385 -21.86 33.97 -12.32
N PRO C 386 -22.02 35.28 -12.64
CA PRO C 386 -22.47 36.26 -11.63
C PRO C 386 -23.89 36.00 -11.26
N THR C 387 -24.29 36.33 -10.06
CA THR C 387 -25.67 36.01 -9.66
C THR C 387 -26.26 37.22 -8.91
N PRO C 388 -26.45 38.34 -9.60
CA PRO C 388 -26.94 39.62 -9.05
C PRO C 388 -28.43 39.62 -8.65
N LEU C 389 -29.23 38.74 -9.26
CA LEU C 389 -30.64 38.60 -8.85
C LEU C 389 -30.75 37.99 -7.43
N MET C 390 -29.75 37.18 -7.02
CA MET C 390 -29.65 36.53 -5.68
C MET C 390 -28.19 36.67 -5.14
N PRO C 391 -27.83 37.90 -4.76
CA PRO C 391 -26.45 38.26 -4.47
C PRO C 391 -25.73 37.41 -3.38
N MET C 392 -26.46 36.87 -2.42
CA MET C 392 -25.85 36.00 -1.46
C MET C 392 -25.80 34.50 -1.84
N LEU C 393 -26.20 34.16 -3.05
CA LEU C 393 -26.15 32.75 -3.49
C LEU C 393 -24.72 32.19 -3.33
N GLY C 394 -24.55 31.13 -2.54
CA GLY C 394 -23.25 30.43 -2.50
C GLY C 394 -22.21 31.12 -1.64
N LYS C 395 -22.65 32.10 -0.84
CA LYS C 395 -21.76 32.80 0.09
C LYS C 395 -22.05 32.34 1.51
N TYR C 396 -21.04 32.43 2.37
CA TYR C 396 -21.12 31.99 3.74
C TYR C 396 -21.28 30.49 3.80
N ILE C 397 -20.68 29.74 2.91
CA ILE C 397 -20.86 28.26 3.01
C ILE C 397 -20.15 27.76 4.25
N THR C 398 -20.69 26.70 4.82
CA THR C 398 -20.05 26.06 5.91
C THR C 398 -19.90 24.57 5.68
N GLU C 399 -18.97 23.94 6.39
CA GLU C 399 -18.78 22.47 6.33
C GLU C 399 -18.15 22.00 7.64
N GLN C 400 -18.19 20.72 7.89
CA GLN C 400 -17.80 20.20 9.21
C GLN C 400 -16.47 19.45 9.19
N PRO C 401 -15.48 19.96 9.92
CA PRO C 401 -14.22 19.23 9.97
C PRO C 401 -14.48 17.94 10.73
N MET C 402 -13.82 16.86 10.37
CA MET C 402 -14.15 15.60 11.04
C MET C 402 -12.89 14.84 11.45
N THR C 403 -12.90 14.32 12.67
CA THR C 403 -11.82 13.42 13.15
C THR C 403 -12.44 12.04 13.33
N PHE C 404 -11.62 11.02 13.11
CA PHE C 404 -12.03 9.65 13.07
C PHE C 404 -11.01 8.78 13.72
N CYS C 405 -11.50 7.74 14.39
CA CYS C 405 -10.64 6.61 14.74
C CYS C 405 -11.49 5.36 15.04
N GLN C 406 -10.86 4.21 15.10
CA GLN C 406 -11.50 3.04 15.65
C GLN C 406 -10.67 2.43 16.79
N VAL C 407 -11.34 1.76 17.73
CA VAL C 407 -10.65 1.07 18.78
C VAL C 407 -11.10 -0.38 18.85
N VAL C 408 -10.24 -1.18 19.52
CA VAL C 408 -10.59 -2.48 19.95
C VAL C 408 -10.88 -2.39 21.43
N LEU C 409 -11.98 -2.98 21.86
CA LEU C 409 -12.41 -2.93 23.28
C LEU C 409 -11.39 -3.64 24.20
N ASP C 410 -11.30 -3.14 25.44
CA ASP C 410 -10.34 -3.63 26.41
C ASP C 410 -10.75 -5.05 26.74
N SER C 411 -9.76 -5.90 26.92
CA SER C 411 -10.05 -7.27 27.25
CA SER C 411 -10.03 -7.27 27.27
C SER C 411 -10.86 -7.37 28.55
N SER C 412 -10.61 -6.46 29.48
CA SER C 412 -11.24 -6.39 30.85
C SER C 412 -12.76 -6.20 30.70
N LEU C 413 -13.18 -5.54 29.63
CA LEU C 413 -14.65 -5.40 29.34
C LEU C 413 -15.35 -6.70 28.96
N MET C 414 -14.64 -7.69 28.46
CA MET C 414 -15.25 -9.03 28.25
C MET C 414 -15.75 -9.63 29.58
N GLU C 415 -15.05 -9.38 30.69
CA GLU C 415 -15.56 -9.82 32.00
C GLU C 415 -16.79 -9.03 32.40
N VAL C 416 -16.87 -7.76 32.06
CA VAL C 416 -18.11 -7.01 32.30
C VAL C 416 -19.29 -7.62 31.49
N VAL C 417 -19.02 -8.04 30.24
CA VAL C 417 -20.02 -8.70 29.38
C VAL C 417 -20.52 -9.98 30.05
N ARG C 418 -19.60 -10.77 30.59
CA ARG C 418 -19.99 -12.00 31.34
C ARG C 418 -20.61 -11.76 32.71
N ASN C 419 -20.38 -10.60 33.31
CA ASN C 419 -20.91 -10.29 34.65
C ASN C 419 -21.20 -8.83 34.79
N PRO C 420 -22.26 -8.35 34.13
CA PRO C 420 -22.55 -6.92 34.18
C PRO C 420 -22.94 -6.49 35.61
N PRO C 421 -22.42 -5.37 36.05
CA PRO C 421 -22.67 -4.95 37.40
C PRO C 421 -24.04 -4.29 37.57
N TRP C 422 -24.67 -3.82 36.50
CA TRP C 422 -25.86 -2.97 36.66
C TRP C 422 -27.04 -3.85 36.94
N PRO C 423 -27.95 -3.39 37.81
CA PRO C 423 -29.06 -4.25 38.20
C PRO C 423 -30.09 -4.45 37.11
N GLY C 424 -30.83 -5.54 37.19
CA GLY C 424 -31.90 -5.78 36.22
C GLY C 424 -31.63 -6.00 34.76
N LEU C 425 -30.43 -6.49 34.42
CA LEU C 425 -30.07 -6.77 33.03
C LEU C 425 -30.15 -8.26 32.71
N ASP C 426 -31.30 -8.82 33.01
CA ASP C 426 -31.57 -10.25 32.87
C ASP C 426 -31.49 -10.66 31.36
N TRP C 427 -32.02 -9.79 30.48
CA TRP C 427 -31.95 -9.95 29.06
C TRP C 427 -30.51 -10.10 28.51
N TRP C 428 -29.60 -9.38 29.11
CA TRP C 428 -28.21 -9.49 28.73
C TRP C 428 -27.59 -10.79 29.17
N LYS C 429 -27.77 -11.10 30.43
CA LYS C 429 -27.23 -12.34 30.94
C LYS C 429 -27.72 -13.55 30.13
N GLU C 430 -29.00 -13.54 29.80
CA GLU C 430 -29.58 -14.60 28.97
C GLU C 430 -28.92 -14.71 27.60
N LYS C 431 -28.71 -13.58 26.93
CA LYS C 431 -28.09 -13.63 25.61
C LYS C 431 -26.66 -14.16 25.70
N VAL C 432 -25.97 -13.74 26.73
CA VAL C 432 -24.58 -14.14 26.92
C VAL C 432 -24.51 -15.59 27.26
N ALA C 433 -25.38 -16.04 28.15
CA ALA C 433 -25.48 -17.48 28.47
C ALA C 433 -25.74 -18.32 27.23
N ARG C 434 -26.67 -17.89 26.34
CA ARG C 434 -26.95 -18.65 25.12
C ARG C 434 -25.71 -18.80 24.26
N HIS C 435 -24.98 -17.71 24.07
CA HIS C 435 -23.82 -17.72 23.21
C HIS C 435 -22.69 -18.59 23.70
N VAL C 436 -22.37 -18.49 25.01
CA VAL C 436 -21.27 -19.25 25.64
C VAL C 436 -21.54 -20.74 25.67
N GLU C 437 -22.82 -21.11 25.79
CA GLU C 437 -23.28 -22.49 25.61
C GLU C 437 -23.06 -23.01 24.18
N ALA C 438 -23.56 -22.28 23.17
CA ALA C 438 -23.37 -22.65 21.78
C ALA C 438 -21.87 -22.62 21.33
N PHE C 439 -21.09 -21.69 21.87
CA PHE C 439 -19.67 -21.49 21.46
C PHE C 439 -18.78 -21.30 22.65
N PRO C 440 -18.62 -22.40 23.40
CA PRO C 440 -17.80 -22.35 24.56
C PRO C 440 -16.34 -21.98 24.27
N ASN C 441 -15.81 -22.30 23.08
CA ASN C 441 -14.42 -21.90 22.80
C ASN C 441 -14.20 -20.48 22.29
N ASP C 442 -15.26 -19.70 22.12
CA ASP C 442 -15.11 -18.34 21.60
C ASP C 442 -14.55 -17.41 22.64
N PRO C 443 -13.37 -16.80 22.44
CA PRO C 443 -12.92 -15.79 23.45
C PRO C 443 -13.84 -14.65 23.71
N ILE C 444 -14.66 -14.24 22.72
CA ILE C 444 -15.55 -13.07 22.87
C ILE C 444 -16.96 -13.52 23.30
N PRO C 445 -17.46 -13.00 24.41
CA PRO C 445 -18.75 -13.60 24.86
C PRO C 445 -19.95 -12.82 24.33
N ILE C 446 -19.72 -11.84 23.48
CA ILE C 446 -20.79 -11.09 22.86
C ILE C 446 -21.40 -11.98 21.77
N PRO C 447 -22.70 -12.06 21.71
CA PRO C 447 -23.30 -12.92 20.70
C PRO C 447 -23.06 -12.46 19.28
N PHE C 448 -23.03 -13.42 18.39
CA PHE C 448 -22.85 -13.06 16.99
C PHE C 448 -24.07 -12.24 16.58
N ARG C 449 -23.88 -11.25 15.76
CA ARG C 449 -25.05 -10.45 15.29
C ARG C 449 -25.63 -9.53 16.37
N ASP C 450 -25.03 -9.48 17.57
CA ASP C 450 -25.38 -8.40 18.49
C ASP C 450 -25.24 -7.05 17.75
N PRO C 451 -26.24 -6.19 17.85
CA PRO C 451 -26.09 -4.93 17.05
C PRO C 451 -25.02 -4.00 17.51
N GLU C 452 -24.56 -3.11 16.59
CA GLU C 452 -23.50 -2.17 16.96
C GLU C 452 -23.95 -1.13 18.01
N PRO C 453 -23.01 -0.48 18.67
CA PRO C 453 -23.36 0.59 19.56
C PRO C 453 -23.85 1.80 18.71
N GLN C 454 -24.72 2.55 19.29
CA GLN C 454 -25.23 3.76 18.64
C GLN C 454 -25.34 4.92 19.67
N VAL C 455 -24.20 5.51 19.95
CA VAL C 455 -24.08 6.42 21.11
C VAL C 455 -23.63 7.77 20.65
N THR C 456 -24.02 8.79 21.43
CA THR C 456 -23.67 10.17 21.08
C THR C 456 -23.38 10.95 22.36
N ILE C 457 -22.78 12.13 22.21
CA ILE C 457 -22.72 13.14 23.28
C ILE C 457 -23.34 14.36 22.59
N LYS C 458 -24.42 14.84 23.11
CA LYS C 458 -25.05 16.03 22.50
C LYS C 458 -24.10 17.23 22.57
N PHE C 459 -24.08 18.04 21.53
CA PHE C 459 -23.27 19.25 21.46
C PHE C 459 -23.58 20.15 22.66
N THR C 460 -22.52 20.71 23.27
CA THR C 460 -22.66 21.75 24.28
C THR C 460 -21.65 22.78 23.97
N GLU C 461 -21.85 23.99 24.45
CA GLU C 461 -20.88 25.06 24.09
C GLU C 461 -19.55 24.88 24.86
N GLU C 462 -19.56 24.14 25.95
CA GLU C 462 -18.32 23.83 26.59
C GLU C 462 -17.43 22.84 25.74
N HIS C 463 -18.06 21.98 24.96
CA HIS C 463 -17.31 21.01 24.09
C HIS C 463 -18.01 21.01 22.76
N PRO C 464 -17.77 22.06 21.99
CA PRO C 464 -18.59 22.40 20.83
C PRO C 464 -18.35 21.61 19.52
N TRP C 465 -18.74 20.34 19.60
CA TRP C 465 -18.65 19.42 18.49
C TRP C 465 -19.69 18.38 18.75
N HIS C 466 -19.94 17.58 17.71
CA HIS C 466 -20.90 16.47 17.73
C HIS C 466 -20.16 15.14 17.75
N VAL C 467 -20.52 14.29 18.69
CA VAL C 467 -19.83 13.01 18.82
C VAL C 467 -20.75 11.90 18.38
N GLN C 468 -20.20 10.97 17.58
CA GLN C 468 -20.79 9.64 17.33
C GLN C 468 -19.81 8.51 17.69
N ILE C 469 -20.31 7.54 18.46
CA ILE C 469 -19.56 6.41 18.90
C ILE C 469 -20.45 5.22 18.50
N HIS C 470 -20.02 4.46 17.51
CA HIS C 470 -20.93 3.64 16.75
C HIS C 470 -20.18 2.76 15.82
N ARG C 471 -20.87 2.11 14.90
CA ARG C 471 -20.22 1.54 13.77
C ARG C 471 -21.05 2.02 12.60
N ASP C 472 -20.35 2.42 11.58
CA ASP C 472 -20.95 3.15 10.47
C ASP C 472 -20.64 2.30 9.28
N ALA C 473 -21.59 2.24 8.35
CA ALA C 473 -21.44 1.49 7.11
C ALA C 473 -20.32 2.04 6.23
N PHE C 474 -20.10 3.36 6.29
CA PHE C 474 -19.04 4.06 5.56
C PHE C 474 -17.64 3.84 6.25
N SER C 475 -17.07 2.63 6.08
CA SER C 475 -15.65 2.31 6.35
C SER C 475 -14.70 3.23 5.55
N TYR C 476 -13.55 3.60 6.12
CA TYR C 476 -12.65 4.49 5.37
C TYR C 476 -11.39 3.84 4.79
N GLY C 477 -10.91 2.75 5.39
CA GLY C 477 -9.80 1.96 4.79
C GLY C 477 -10.27 0.54 4.51
N ALA C 478 -9.34 -0.38 4.28
CA ALA C 478 -9.68 -1.81 4.25
C ALA C 478 -10.28 -2.31 5.59
N VAL C 479 -11.40 -3.04 5.52
CA VAL C 479 -11.84 -3.85 6.65
C VAL C 479 -10.61 -4.55 7.32
N ALA C 480 -10.71 -4.69 8.65
CA ALA C 480 -9.66 -5.33 9.47
C ALA C 480 -9.78 -6.82 9.30
N GLU C 481 -8.84 -7.42 8.61
CA GLU C 481 -9.03 -8.83 8.32
C GLU C 481 -8.80 -9.68 9.59
N ASN C 482 -8.12 -9.17 10.62
CA ASN C 482 -7.70 -10.14 11.66
C ASN C 482 -8.46 -9.95 12.94
N MET C 483 -9.17 -8.85 13.05
CA MET C 483 -9.78 -8.49 14.30
C MET C 483 -11.25 -8.87 14.15
N ASP C 484 -11.81 -9.42 15.20
CA ASP C 484 -13.25 -9.71 15.30
C ASP C 484 -14.08 -8.43 15.33
N THR C 485 -15.12 -8.35 14.52
CA THR C 485 -15.91 -7.11 14.37
C THR C 485 -16.74 -6.72 15.66
N ARG C 486 -17.02 -7.73 16.47
CA ARG C 486 -17.80 -7.51 17.72
C ARG C 486 -17.13 -6.55 18.71
N VAL C 487 -15.79 -6.44 18.62
CA VAL C 487 -15.04 -5.67 19.62
C VAL C 487 -14.46 -4.40 19.04
N ILE C 488 -14.92 -4.05 17.85
CA ILE C 488 -14.52 -2.77 17.25
C ILE C 488 -15.55 -1.72 17.50
N VAL C 489 -15.09 -0.49 17.76
CA VAL C 489 -15.98 0.66 17.98
C VAL C 489 -15.41 1.88 17.19
N ASP C 490 -16.25 2.61 16.47
CA ASP C 490 -15.81 3.76 15.69
C ASP C 490 -16.11 5.06 16.41
N TYR C 491 -15.32 6.12 16.11
CA TYR C 491 -15.51 7.42 16.68
C TYR C 491 -15.46 8.44 15.53
N ARG C 492 -16.49 9.23 15.37
CA ARG C 492 -16.51 10.33 14.41
C ARG C 492 -16.96 11.54 15.19
N PHE C 493 -16.05 12.54 15.25
CA PHE C 493 -16.32 13.81 15.87
C PHE C 493 -16.41 14.83 14.73
N PHE C 494 -17.49 15.57 14.72
CA PHE C 494 -17.77 16.65 13.71
C PHE C 494 -17.77 18.00 14.39
N GLY C 495 -17.00 18.89 13.82
CA GLY C 495 -16.91 20.27 14.32
C GLY C 495 -17.79 21.18 13.48
N TYR C 496 -17.77 22.47 13.81
CA TYR C 496 -18.46 23.41 12.94
C TYR C 496 -17.50 24.44 12.42
N THR C 497 -17.91 25.11 11.35
CA THR C 497 -17.18 26.22 10.90
C THR C 497 -18.06 27.48 10.93
N GLU C 498 -17.46 28.62 11.25
CA GLU C 498 -18.19 29.92 11.26
C GLU C 498 -18.59 30.37 9.85
N PRO C 499 -19.86 30.82 9.67
CA PRO C 499 -20.23 31.38 8.36
C PRO C 499 -19.40 32.60 8.08
N GLN C 500 -18.63 32.63 6.99
CA GLN C 500 -17.93 33.85 6.57
C GLN C 500 -18.26 34.15 5.13
N GLU C 501 -18.41 35.44 4.81
CA GLU C 501 -18.78 35.84 3.45
C GLU C 501 -17.84 35.34 2.38
N ALA C 502 -16.54 35.38 2.66
CA ALA C 502 -15.53 35.06 1.67
C ALA C 502 -15.54 33.56 1.33
N ASN C 503 -16.07 32.68 2.23
CA ASN C 503 -16.25 31.30 1.86
C ASN C 503 -17.43 31.07 0.94
N GLU C 504 -17.10 30.52 -0.23
CA GLU C 504 -18.08 30.44 -1.26
C GLU C 504 -18.03 29.19 -2.13
N LEU C 505 -19.19 28.93 -2.71
CA LEU C 505 -19.43 28.06 -3.86
C LEU C 505 -19.82 28.96 -5.04
N VAL C 506 -19.03 28.87 -6.10
CA VAL C 506 -19.34 29.51 -7.37
C VAL C 506 -19.42 28.49 -8.49
N PHE C 507 -19.95 28.95 -9.63
CA PHE C 507 -20.20 28.13 -10.80
C PHE C 507 -19.57 28.68 -12.07
N GLN C 508 -18.88 27.77 -12.75
CA GLN C 508 -18.08 28.12 -13.89
C GLN C 508 -18.94 28.37 -15.12
N GLN C 509 -18.66 29.48 -15.80
CA GLN C 509 -19.29 29.73 -17.08
C GLN C 509 -18.90 28.77 -18.21
N HIS C 510 -17.64 28.36 -18.25
CA HIS C 510 -17.10 27.59 -19.39
C HIS C 510 -16.79 26.15 -19.11
N TYR C 511 -17.02 25.69 -17.88
CA TYR C 511 -16.84 24.28 -17.59
C TYR C 511 -18.17 23.73 -17.08
N ARG C 512 -18.49 22.49 -17.44
CA ARG C 512 -19.74 21.86 -17.03
C ARG C 512 -19.52 20.49 -16.47
N ASP C 513 -20.44 20.01 -15.66
CA ASP C 513 -20.33 18.65 -15.10
C ASP C 513 -20.87 17.64 -16.11
N ALA C 514 -20.99 16.40 -15.71
CA ALA C 514 -21.38 15.37 -16.67
C ALA C 514 -22.85 15.50 -17.18
N TYR C 515 -23.64 16.33 -16.47
CA TYR C 515 -25.10 16.48 -16.73
C TYR C 515 -25.35 17.82 -17.37
N ASP C 516 -24.24 18.37 -17.87
CA ASP C 516 -24.23 19.65 -18.56
C ASP C 516 -24.71 20.82 -17.72
N MET C 517 -24.53 20.73 -16.41
CA MET C 517 -24.79 21.86 -15.52
C MET C 517 -23.46 22.60 -15.21
N PRO C 518 -23.53 23.89 -14.84
CA PRO C 518 -22.28 24.59 -14.60
C PRO C 518 -21.43 23.94 -13.49
N GLN C 519 -20.14 23.83 -13.77
CA GLN C 519 -19.22 23.25 -12.80
C GLN C 519 -19.09 23.98 -11.48
N PRO C 520 -19.26 23.29 -10.37
CA PRO C 520 -19.10 23.91 -9.04
C PRO C 520 -17.59 24.10 -8.71
N THR C 521 -17.20 25.20 -8.09
CA THR C 521 -15.85 25.45 -7.57
C THR C 521 -16.01 25.97 -6.14
N PHE C 522 -15.20 25.43 -5.20
CA PHE C 522 -15.21 25.86 -3.83
C PHE C 522 -14.01 26.80 -3.54
N LYS C 523 -14.27 27.84 -2.73
CA LYS C 523 -13.22 28.72 -2.15
C LYS C 523 -13.53 28.72 -0.64
N PHE C 524 -12.94 27.73 0.04
CA PHE C 524 -13.26 27.49 1.44
C PHE C 524 -12.01 27.49 2.33
N THR C 525 -11.94 28.42 3.30
CA THR C 525 -10.83 28.44 4.29
C THR C 525 -11.44 28.62 5.66
N MET C 526 -11.29 27.65 6.56
CA MET C 526 -11.80 27.82 7.90
C MET C 526 -11.04 28.93 8.67
N SER C 527 -11.71 29.43 9.70
CA SER C 527 -11.21 30.57 10.50
C SER C 527 -10.21 30.11 11.55
N GLN C 528 -9.49 31.06 12.18
CA GLN C 528 -8.60 30.70 13.31
C GLN C 528 -9.35 30.04 14.47
N ASP C 529 -10.50 30.57 14.85
CA ASP C 529 -11.32 29.99 15.90
C ASP C 529 -11.78 28.56 15.53
N ASP C 530 -12.11 28.35 14.24
CA ASP C 530 -12.54 27.00 13.74
C ASP C 530 -11.38 26.02 13.93
N ARG C 531 -10.17 26.47 13.62
CA ARG C 531 -8.96 25.64 13.80
C ARG C 531 -8.71 25.27 15.27
N ALA C 532 -8.87 26.25 16.19
CA ALA C 532 -8.57 25.99 17.61
C ALA C 532 -9.59 25.03 18.14
N ARG C 533 -10.86 25.18 17.72
CA ARG C 533 -11.82 24.16 18.13
C ARG C 533 -11.48 22.75 17.56
N ALA C 534 -11.06 22.68 16.30
CA ALA C 534 -10.71 21.37 15.67
C ALA C 534 -9.61 20.62 16.47
N ARG C 535 -8.60 21.35 16.98
CA ARG C 535 -7.55 20.77 17.76
C ARG C 535 -8.09 20.23 19.12
N ARG C 536 -8.92 21.05 19.78
CA ARG C 536 -9.54 20.61 20.99
C ARG C 536 -10.37 19.36 20.71
N MET C 537 -11.03 19.34 19.58
CA MET C 537 -11.91 18.18 19.23
C MET C 537 -11.09 16.90 19.05
N MET C 538 -9.99 17.02 18.32
CA MET C 538 -9.08 15.87 18.17
C MET C 538 -8.59 15.39 19.51
N ASP C 539 -8.16 16.34 20.35
CA ASP C 539 -7.75 15.98 21.71
C ASP C 539 -8.84 15.24 22.53
N ASP C 540 -10.09 15.68 22.38
CA ASP C 540 -11.21 15.10 23.12
C ASP C 540 -11.45 13.69 22.63
N MET C 541 -11.35 13.50 21.32
CA MET C 541 -11.55 12.17 20.73
C MET C 541 -10.53 11.15 21.25
N CYS C 542 -9.25 11.57 21.26
CA CYS C 542 -8.21 10.64 21.81
C CYS C 542 -8.48 10.24 23.23
N ASN C 543 -8.81 11.24 24.07
CA ASN C 543 -9.11 11.04 25.49
C ASN C 543 -10.30 10.10 25.69
N ILE C 544 -11.40 10.38 25.02
CA ILE C 544 -12.62 9.59 25.11
C ILE C 544 -12.41 8.18 24.57
N ALA C 545 -11.82 8.03 23.40
CA ALA C 545 -11.60 6.71 22.83
C ALA C 545 -10.87 5.81 23.76
N LEU C 546 -9.76 6.30 24.29
CA LEU C 546 -8.87 5.47 25.10
C LEU C 546 -9.41 5.08 26.44
N LYS C 547 -10.60 5.56 26.83
CA LYS C 547 -11.18 5.11 28.11
C LYS C 547 -11.67 3.65 27.99
N ILE C 548 -12.07 3.17 26.79
CA ILE C 548 -12.61 1.79 26.74
C ILE C 548 -11.90 0.83 25.79
N GLY C 549 -10.90 1.28 25.13
CA GLY C 549 -10.19 0.51 24.12
C GLY C 549 -8.95 1.24 23.58
N GLY C 550 -8.24 0.52 22.70
CA GLY C 550 -7.04 0.98 22.06
C GLY C 550 -7.12 1.04 20.57
N TYR C 551 -6.40 1.98 19.96
CA TYR C 551 -6.61 2.25 18.57
C TYR C 551 -6.32 1.01 17.73
N LEU C 552 -7.21 0.80 16.77
CA LEU C 552 -7.12 -0.34 15.81
C LEU C 552 -6.09 0.08 14.77
N PRO C 553 -5.07 -0.77 14.52
CA PRO C 553 -4.06 -0.44 13.48
C PRO C 553 -4.69 -0.05 12.16
N GLY C 554 -4.27 1.05 11.55
CA GLY C 554 -4.91 1.49 10.39
C GLY C 554 -5.99 2.49 10.62
N SER C 555 -6.54 2.61 11.82
CA SER C 555 -7.60 3.63 12.08
C SER C 555 -7.28 4.50 13.28
N GLU C 556 -6.01 4.91 13.35
CA GLU C 556 -5.54 5.70 14.44
C GLU C 556 -6.11 7.11 14.23
N PRO C 557 -6.12 7.98 15.26
CA PRO C 557 -6.78 9.28 15.17
C PRO C 557 -6.29 10.13 13.98
N GLN C 558 -7.22 10.65 13.23
CA GLN C 558 -6.87 11.34 11.98
C GLN C 558 -7.92 12.33 11.62
N PHE C 559 -7.55 13.41 10.91
CA PHE C 559 -8.54 14.18 10.23
C PHE C 559 -8.87 13.54 8.90
N MET C 560 -10.10 13.74 8.46
CA MET C 560 -10.58 13.36 7.15
C MET C 560 -10.54 14.47 6.13
N THR C 561 -10.64 14.09 4.90
CA THR C 561 -10.70 15.09 3.82
C THR C 561 -11.84 16.07 3.99
N PRO C 562 -11.58 17.38 3.82
CA PRO C 562 -12.67 18.39 3.84
C PRO C 562 -13.81 18.03 2.90
N GLY C 563 -15.03 18.10 3.39
CA GLY C 563 -16.17 17.70 2.58
C GLY C 563 -16.71 16.28 2.82
N LEU C 564 -15.96 15.45 3.50
CA LEU C 564 -16.44 14.08 3.68
C LEU C 564 -17.71 13.91 4.47
N ALA C 565 -17.96 14.80 5.44
CA ALA C 565 -19.20 14.82 6.21
C ALA C 565 -20.43 15.00 5.30
N LEU C 566 -20.25 15.62 4.14
CA LEU C 566 -21.37 15.93 3.23
C LEU C 566 -22.47 16.77 3.96
N HIS C 567 -22.04 17.64 4.85
CA HIS C 567 -22.94 18.49 5.61
C HIS C 567 -22.79 19.92 5.17
N LEU C 568 -22.25 20.13 3.97
CA LEU C 568 -22.25 21.45 3.40
C LEU C 568 -23.60 22.17 3.61
N ALA C 569 -23.54 23.41 4.05
CA ALA C 569 -24.76 24.22 4.37
C ALA C 569 -24.49 25.67 4.03
N GLY C 570 -25.51 26.50 4.06
CA GLY C 570 -25.29 27.93 3.80
C GLY C 570 -25.20 28.39 2.36
N THR C 571 -25.43 27.50 1.41
CA THR C 571 -25.33 27.87 0.00
C THR C 571 -26.55 28.62 -0.53
N THR C 572 -27.68 28.46 0.16
CA THR C 572 -28.88 29.27 -0.14
C THR C 572 -29.49 29.71 1.18
N ARG C 573 -28.73 30.42 1.99
CA ARG C 573 -29.00 30.47 3.41
C ARG C 573 -30.26 31.34 3.67
N CYS C 574 -31.06 30.92 4.63
CA CYS C 574 -32.36 31.54 4.91
C CYS C 574 -32.39 31.99 6.35
N GLY C 575 -32.90 33.22 6.55
CA GLY C 575 -33.02 33.75 7.89
C GLY C 575 -33.61 35.18 7.82
N LEU C 576 -33.55 35.81 8.96
CA LEU C 576 -34.06 37.16 9.22
C LEU C 576 -33.30 38.30 8.56
N ASP C 577 -31.97 38.20 8.50
CA ASP C 577 -31.15 39.30 7.92
C ASP C 577 -31.18 39.30 6.37
N THR C 578 -32.13 40.06 5.80
CA THR C 578 -32.37 39.94 4.39
C THR C 578 -31.12 40.19 3.56
N GLN C 579 -30.34 41.16 3.99
CA GLN C 579 -29.14 41.55 3.31
C GLN C 579 -28.05 40.51 3.14
N LYS C 580 -28.07 39.47 4.00
CA LYS C 580 -27.01 38.49 4.08
C LYS C 580 -27.55 37.10 3.80
N THR C 581 -28.81 37.04 3.36
CA THR C 581 -29.53 35.80 3.10
C THR C 581 -30.03 35.75 1.65
N VAL C 582 -30.29 34.51 1.19
CA VAL C 582 -30.89 34.28 -0.14
C VAL C 582 -32.42 34.22 0.02
N GLY C 583 -32.89 33.72 1.17
CA GLY C 583 -34.32 33.61 1.45
C GLY C 583 -34.73 33.98 2.86
N ASN C 584 -36.01 34.21 3.06
CA ASN C 584 -36.52 34.53 4.41
C ASN C 584 -36.67 33.29 5.28
N THR C 585 -37.26 33.41 6.46
CA THR C 585 -37.31 32.22 7.38
C THR C 585 -38.37 31.22 6.92
N HIS C 586 -39.13 31.56 5.86
CA HIS C 586 -39.96 30.57 5.19
C HIS C 586 -39.34 29.97 3.95
N CYS C 587 -38.06 30.30 3.76
CA CYS C 587 -37.28 29.90 2.59
C CYS C 587 -37.81 30.38 1.28
N LYS C 588 -38.58 31.48 1.28
CA LYS C 588 -38.92 32.16 0.04
C LYS C 588 -37.73 33.06 -0.37
N VAL C 589 -37.33 32.93 -1.62
CA VAL C 589 -36.17 33.61 -2.15
C VAL C 589 -36.53 35.11 -2.24
N HIS C 590 -35.65 35.99 -1.78
CA HIS C 590 -35.95 37.44 -1.80
C HIS C 590 -36.29 37.95 -3.17
N ASN C 591 -37.37 38.75 -3.25
CA ASN C 591 -37.84 39.38 -4.47
C ASN C 591 -38.60 38.45 -5.44
N PHE C 592 -38.77 37.18 -5.11
CA PHE C 592 -39.61 36.28 -5.88
C PHE C 592 -40.82 35.82 -5.08
N ASN C 593 -42.02 36.08 -5.57
CA ASN C 593 -43.25 35.68 -4.84
CA ASN C 593 -43.21 35.71 -4.83
C ASN C 593 -43.48 34.19 -4.81
N ASN C 594 -42.93 33.48 -5.77
CA ASN C 594 -43.28 32.09 -6.00
C ASN C 594 -42.07 31.15 -6.09
N LEU C 595 -40.95 31.50 -5.46
CA LEU C 595 -39.73 30.65 -5.51
C LEU C 595 -39.24 30.34 -4.10
N TYR C 596 -39.07 29.06 -3.82
CA TYR C 596 -38.64 28.55 -2.52
C TYR C 596 -37.46 27.61 -2.70
N VAL C 597 -36.68 27.47 -1.62
CA VAL C 597 -35.49 26.57 -1.58
C VAL C 597 -35.61 25.66 -0.37
N GLY C 598 -34.98 24.50 -0.48
CA GLY C 598 -34.88 23.60 0.63
C GLY C 598 -33.57 22.87 0.62
N GLY C 599 -33.29 22.26 1.75
CA GLY C 599 -32.11 21.49 1.95
C GLY C 599 -31.17 22.10 2.99
N ASN C 600 -30.03 21.43 3.17
CA ASN C 600 -29.07 21.87 4.17
C ASN C 600 -28.53 23.25 3.73
N GLY C 601 -28.68 23.57 2.46
CA GLY C 601 -28.19 24.86 1.95
C GLY C 601 -28.93 26.07 2.55
N VAL C 602 -30.12 25.83 3.11
CA VAL C 602 -30.89 26.90 3.77
C VAL C 602 -30.33 27.27 5.15
N ILE C 603 -29.66 26.32 5.79
CA ILE C 603 -29.21 26.53 7.15
C ILE C 603 -28.10 27.57 7.15
N GLU C 604 -28.28 28.61 7.95
CA GLU C 604 -27.38 29.85 7.98
C GLU C 604 -26.34 29.85 9.12
N THR C 605 -26.42 28.85 10.00
CA THR C 605 -25.49 28.84 11.17
C THR C 605 -24.28 27.91 10.95
N GLY C 606 -23.28 28.05 11.81
CA GLY C 606 -22.24 27.04 11.90
C GLY C 606 -22.68 26.00 12.89
N PHE C 607 -22.94 24.79 12.42
CA PHE C 607 -23.38 23.72 13.25
C PHE C 607 -22.51 22.47 13.06
N ALA C 608 -22.53 21.62 14.07
CA ALA C 608 -21.76 20.37 14.07
C ALA C 608 -22.59 19.11 13.92
N ALA C 609 -23.86 19.16 14.34
CA ALA C 609 -24.70 18.00 14.29
C ALA C 609 -25.22 17.69 12.86
N ASN C 610 -25.82 16.52 12.68
CA ASN C 610 -26.26 16.06 11.38
C ASN C 610 -27.51 16.88 10.99
N PRO C 611 -27.52 17.48 9.79
CA PRO C 611 -28.50 18.56 9.54
C PRO C 611 -29.90 18.15 9.02
N THR C 612 -30.04 16.89 8.60
CA THR C 612 -31.24 16.47 7.84
C THR C 612 -32.57 16.83 8.58
N LEU C 613 -32.64 16.51 9.85
CA LEU C 613 -33.85 16.76 10.62
C LEU C 613 -34.20 18.25 10.63
N THR C 614 -33.19 19.11 10.83
CA THR C 614 -33.44 20.59 10.81
C THR C 614 -33.83 21.10 9.43
N SER C 615 -33.23 20.48 8.41
CA SER C 615 -33.63 20.80 7.02
C SER C 615 -35.07 20.40 6.74
N ILE C 616 -35.50 19.26 7.30
CA ILE C 616 -36.89 18.85 7.19
C ILE C 616 -37.82 19.93 7.86
N CYS C 617 -37.42 20.41 9.06
CA CYS C 617 -38.17 21.48 9.73
C CYS C 617 -38.38 22.67 8.79
N TYR C 618 -37.32 23.10 8.11
CA TYR C 618 -37.49 24.19 7.16
C TYR C 618 -38.39 23.83 6.01
N ALA C 619 -38.38 22.57 5.59
CA ALA C 619 -39.25 22.18 4.52
C ALA C 619 -40.70 22.27 4.91
N ILE C 620 -41.01 21.87 6.13
CA ILE C 620 -42.37 21.98 6.67
C ILE C 620 -42.78 23.44 6.73
N ARG C 621 -41.90 24.27 7.28
CA ARG C 621 -42.18 25.67 7.42
C ARG C 621 -42.49 26.29 6.07
N ALA C 622 -41.68 25.96 5.07
CA ALA C 622 -41.79 26.51 3.70
C ALA C 622 -43.09 25.98 2.99
N SER C 623 -43.37 24.72 3.18
CA SER C 623 -44.57 24.09 2.59
C SER C 623 -45.84 24.76 3.11
N ASN C 624 -45.84 24.99 4.43
CA ASN C 624 -46.95 25.67 5.04
C ASN C 624 -47.18 27.08 4.47
N ASP C 625 -46.10 27.80 4.13
CA ASP C 625 -46.21 29.11 3.53
C ASP C 625 -46.81 28.93 2.13
N ILE C 626 -46.31 27.92 1.41
CA ILE C 626 -46.84 27.65 0.09
C ILE C 626 -48.37 27.37 0.11
N ILE C 627 -48.79 26.57 1.07
CA ILE C 627 -50.16 26.07 1.19
C ILE C 627 -51.05 27.27 1.58
N ALA C 628 -50.52 28.14 2.45
CA ALA C 628 -51.30 29.26 2.93
C ALA C 628 -51.45 30.31 1.78
N LYS C 629 -50.35 30.58 1.06
CA LYS C 629 -50.39 31.48 -0.09
C LYS C 629 -51.08 30.91 -1.31
N PHE C 630 -50.85 29.67 -1.65
CA PHE C 630 -51.28 29.16 -2.96
C PHE C 630 -52.31 28.04 -2.87
N GLY C 631 -52.79 27.70 -1.67
CA GLY C 631 -53.64 26.50 -1.48
C GLY C 631 -54.74 26.63 -0.44
N PRO D 27 -52.23 -27.10 -7.21
CA PRO D 27 -50.78 -27.16 -7.35
C PRO D 27 -50.35 -26.49 -8.62
N TYR D 28 -49.24 -25.79 -8.50
CA TYR D 28 -48.62 -25.18 -9.63
C TYR D 28 -48.18 -26.28 -10.60
N ASP D 29 -47.99 -25.95 -11.86
CA ASP D 29 -47.46 -26.94 -12.79
C ASP D 29 -45.93 -27.04 -12.65
N VAL D 30 -45.27 -25.89 -12.41
CA VAL D 30 -43.84 -25.82 -12.24
C VAL D 30 -43.46 -24.90 -11.08
N PHE D 31 -42.59 -25.43 -10.17
CA PHE D 31 -41.93 -24.63 -9.15
C PHE D 31 -40.50 -24.42 -9.62
N ILE D 32 -39.99 -23.22 -9.48
CA ILE D 32 -38.65 -22.85 -9.90
C ILE D 32 -37.98 -22.17 -8.68
N ALA D 33 -36.80 -22.68 -8.24
CA ALA D 33 -35.99 -21.97 -7.23
C ALA D 33 -34.91 -21.25 -8.02
N GLY D 34 -34.96 -19.92 -7.93
CA GLY D 34 -33.99 -19.06 -8.52
C GLY D 34 -34.53 -18.20 -9.61
N SER D 35 -34.15 -16.94 -9.60
CA SER D 35 -34.63 -15.97 -10.57
C SER D 35 -33.59 -15.27 -11.38
N GLY D 36 -32.49 -15.95 -11.59
CA GLY D 36 -31.52 -15.58 -12.59
C GLY D 36 -32.01 -15.81 -14.01
N PRO D 37 -31.16 -15.61 -14.98
CA PRO D 37 -31.58 -15.71 -16.33
C PRO D 37 -32.02 -17.14 -16.72
N ILE D 38 -31.41 -18.17 -16.10
CA ILE D 38 -31.82 -19.55 -16.37
C ILE D 38 -33.20 -19.81 -15.80
N GLY D 39 -33.42 -19.51 -14.54
CA GLY D 39 -34.75 -19.66 -13.97
C GLY D 39 -35.80 -18.84 -14.70
N ALA D 40 -35.40 -17.64 -15.15
CA ALA D 40 -36.35 -16.83 -15.93
C ALA D 40 -36.73 -17.47 -17.29
N THR D 41 -35.75 -18.12 -17.92
CA THR D 41 -35.97 -18.86 -19.13
C THR D 41 -37.00 -19.97 -18.91
N PHE D 42 -36.78 -20.75 -17.87
CA PHE D 42 -37.80 -21.74 -17.53
C PHE D 42 -39.19 -21.09 -17.37
N ALA D 43 -39.25 -19.96 -16.68
CA ALA D 43 -40.54 -19.35 -16.32
C ALA D 43 -41.17 -18.90 -17.65
N LYS D 44 -40.39 -18.23 -18.48
CA LYS D 44 -40.93 -17.70 -19.68
C LYS D 44 -41.51 -18.82 -20.59
N LEU D 45 -40.71 -19.85 -20.81
CA LEU D 45 -41.12 -20.90 -21.71
C LEU D 45 -42.35 -21.68 -21.18
N CYS D 46 -42.33 -21.97 -19.88
CA CYS D 46 -43.40 -22.69 -19.24
C CYS D 46 -44.72 -21.90 -19.23
N VAL D 47 -44.62 -20.63 -18.80
CA VAL D 47 -45.82 -19.71 -18.95
C VAL D 47 -46.37 -19.57 -20.37
N ASP D 48 -45.52 -19.31 -21.36
CA ASP D 48 -45.92 -19.28 -22.78
C ASP D 48 -46.63 -20.56 -23.21
N ALA D 49 -46.34 -21.68 -22.60
CA ALA D 49 -47.03 -22.94 -22.92
C ALA D 49 -48.25 -23.21 -22.04
N ASN D 50 -48.71 -22.16 -21.36
CA ASN D 50 -49.92 -22.19 -20.51
C ASN D 50 -49.77 -22.97 -19.21
N LEU D 51 -48.58 -23.06 -18.67
CA LEU D 51 -48.37 -23.69 -17.38
C LEU D 51 -48.33 -22.58 -16.32
N ARG D 52 -48.77 -22.96 -15.11
CA ARG D 52 -48.81 -22.09 -13.95
C ARG D 52 -47.52 -22.29 -13.18
N VAL D 53 -46.78 -21.19 -13.05
CA VAL D 53 -45.40 -21.20 -12.51
C VAL D 53 -45.24 -20.43 -11.21
N CYS D 54 -44.63 -21.05 -10.21
CA CYS D 54 -44.25 -20.34 -9.00
C CYS D 54 -42.71 -20.29 -8.89
N MET D 55 -42.12 -19.11 -8.87
CA MET D 55 -40.66 -18.93 -8.74
C MET D 55 -40.32 -18.33 -7.36
N VAL D 56 -39.35 -18.93 -6.65
CA VAL D 56 -38.89 -18.37 -5.35
C VAL D 56 -37.50 -17.81 -5.62
N GLU D 57 -37.27 -16.61 -5.15
CA GLU D 57 -35.94 -15.99 -5.17
C GLU D 57 -35.57 -15.57 -3.73
N ILE D 58 -34.38 -15.96 -3.34
CA ILE D 58 -33.91 -15.79 -1.96
C ILE D 58 -33.55 -14.34 -1.72
N GLY D 59 -33.17 -13.64 -2.73
CA GLY D 59 -32.87 -12.25 -2.55
C GLY D 59 -34.07 -11.33 -2.86
N ALA D 60 -33.75 -10.05 -2.90
CA ALA D 60 -34.72 -8.95 -3.11
C ALA D 60 -34.78 -8.52 -4.60
N ALA D 61 -35.96 -8.06 -5.01
CA ALA D 61 -36.09 -7.31 -6.29
C ALA D 61 -35.48 -5.93 -6.04
N ASP D 62 -34.25 -5.75 -6.52
CA ASP D 62 -33.51 -4.52 -6.26
C ASP D 62 -33.14 -3.72 -7.51
N SER D 63 -33.63 -4.08 -8.70
CA SER D 63 -33.26 -3.37 -9.92
CA SER D 63 -33.32 -3.26 -9.87
C SER D 63 -34.40 -3.42 -10.93
N PHE D 64 -34.94 -2.27 -11.35
CA PHE D 64 -36.22 -2.27 -12.13
C PHE D 64 -36.16 -1.40 -13.36
N THR D 65 -36.88 -1.80 -14.40
CA THR D 65 -37.21 -0.85 -15.45
C THR D 65 -38.76 -0.77 -15.47
N SER D 66 -39.32 -0.09 -16.43
CA SER D 66 -40.74 -0.20 -16.57
C SER D 66 -41.14 -0.30 -18.04
N LYS D 67 -42.23 -1.01 -18.28
CA LYS D 67 -42.73 -1.17 -19.63
C LYS D 67 -44.24 -1.01 -19.61
N PRO D 68 -44.80 -0.61 -20.75
CA PRO D 68 -46.25 -0.44 -20.69
C PRO D 68 -46.91 -1.80 -20.76
N MET D 69 -48.13 -1.82 -20.25
CA MET D 69 -48.99 -2.96 -20.28
C MET D 69 -49.36 -3.31 -21.72
N LYS D 70 -49.43 -4.59 -22.04
CA LYS D 70 -50.03 -4.97 -23.33
C LYS D 70 -51.51 -4.71 -23.26
N GLN D 80 -43.25 6.32 -17.14
CA GLN D 80 -42.09 5.68 -16.48
C GLN D 80 -42.35 5.62 -14.99
N PHE D 81 -42.54 4.41 -14.47
CA PHE D 81 -43.04 4.16 -13.09
C PHE D 81 -44.24 5.05 -12.62
N GLY D 82 -45.02 5.59 -13.57
CA GLY D 82 -46.30 6.23 -13.28
C GLY D 82 -47.46 5.34 -13.71
N PRO D 83 -48.29 5.80 -14.71
CA PRO D 83 -49.71 5.38 -14.96
C PRO D 83 -49.94 3.94 -15.51
N GLY D 84 -50.12 3.74 -16.82
CA GLY D 84 -50.29 2.39 -17.39
C GLY D 84 -48.99 1.60 -17.59
N GLN D 85 -47.94 1.95 -16.84
CA GLN D 85 -46.67 1.25 -16.96
C GLN D 85 -46.52 0.23 -15.84
N VAL D 86 -45.87 -0.89 -16.14
CA VAL D 86 -45.59 -1.91 -15.14
C VAL D 86 -44.05 -2.01 -14.91
N PRO D 87 -43.63 -2.15 -13.66
CA PRO D 87 -42.26 -2.31 -13.12
C PRO D 87 -41.79 -3.72 -13.40
N ILE D 88 -40.60 -3.87 -13.93
CA ILE D 88 -40.10 -5.19 -14.29
C ILE D 88 -38.78 -5.32 -13.56
N PRO D 89 -38.65 -6.34 -12.69
CA PRO D 89 -37.40 -6.47 -11.96
C PRO D 89 -36.33 -7.22 -12.80
N GLY D 90 -35.12 -7.33 -12.27
CA GLY D 90 -33.96 -8.05 -12.89
C GLY D 90 -33.36 -7.22 -14.04
N TYR D 91 -33.45 -5.90 -13.92
CA TYR D 91 -32.93 -4.98 -14.93
C TYR D 91 -31.43 -4.80 -14.71
N HIS D 92 -30.64 -4.57 -15.77
CA HIS D 92 -29.22 -4.45 -15.57
C HIS D 92 -28.88 -3.13 -14.86
N LYS D 93 -28.12 -3.21 -13.77
CA LYS D 93 -27.79 -2.03 -12.99
C LYS D 93 -26.94 -1.01 -13.82
N LYS D 94 -26.28 -1.48 -14.85
CA LYS D 94 -25.35 -0.64 -15.58
C LYS D 94 -26.13 0.27 -16.54
N ASN D 95 -27.43 0.02 -16.71
CA ASN D 95 -28.23 0.86 -17.58
C ASN D 95 -28.57 2.20 -17.01
N GLU D 96 -28.36 2.37 -15.71
CA GLU D 96 -28.62 3.67 -15.10
C GLU D 96 -27.60 4.67 -15.69
N ILE D 97 -28.09 5.84 -16.12
CA ILE D 97 -27.32 6.86 -16.79
C ILE D 97 -26.04 7.23 -16.03
N GLU D 98 -26.08 7.22 -14.70
CA GLU D 98 -24.86 7.56 -13.95
C GLU D 98 -23.69 6.64 -14.33
N TYR D 99 -23.96 5.35 -14.57
CA TYR D 99 -22.89 4.40 -14.97
C TYR D 99 -22.53 4.44 -16.46
N GLN D 100 -23.43 4.98 -17.24
CA GLN D 100 -23.15 5.19 -18.67
C GLN D 100 -22.21 6.42 -18.77
N LYS D 101 -22.35 7.36 -17.84
CA LYS D 101 -21.53 8.54 -17.85
C LYS D 101 -20.20 8.33 -17.17
N ASP D 102 -20.17 7.61 -16.04
CA ASP D 102 -18.97 7.41 -15.19
C ASP D 102 -18.85 5.87 -14.91
N ILE D 103 -18.47 5.18 -15.95
CA ILE D 103 -18.48 3.73 -15.97
C ILE D 103 -17.54 3.09 -14.96
N ASP D 104 -16.46 3.79 -14.62
CA ASP D 104 -15.54 3.31 -13.58
C ASP D 104 -16.18 3.22 -12.19
N ARG D 105 -17.28 3.95 -11.98
CA ARG D 105 -18.00 3.81 -10.72
C ARG D 105 -18.68 2.41 -10.54
N PHE D 106 -18.94 1.70 -11.65
CA PHE D 106 -19.71 0.51 -11.61
C PHE D 106 -18.96 -0.63 -10.94
N VAL D 107 -17.61 -0.58 -10.89
CA VAL D 107 -16.85 -1.59 -10.05
C VAL D 107 -17.43 -1.70 -8.65
N ASN D 108 -17.83 -0.58 -8.04
CA ASN D 108 -18.46 -0.57 -6.74
C ASN D 108 -19.75 -1.33 -6.70
N VAL D 109 -20.56 -1.23 -7.76
CA VAL D 109 -21.79 -2.06 -7.80
C VAL D 109 -21.48 -3.56 -7.73
N ILE D 110 -20.53 -3.98 -8.53
CA ILE D 110 -20.24 -5.37 -8.66
C ILE D 110 -19.66 -5.88 -7.33
N LYS D 111 -18.75 -5.12 -6.74
CA LYS D 111 -18.16 -5.57 -5.44
C LYS D 111 -19.22 -5.72 -4.33
N GLY D 112 -20.17 -4.80 -4.30
CA GLY D 112 -21.30 -4.88 -3.36
C GLY D 112 -22.28 -5.99 -3.66
N ALA D 113 -22.32 -6.50 -4.92
CA ALA D 113 -23.21 -7.64 -5.26
C ALA D 113 -22.61 -9.05 -5.00
N LEU D 114 -21.30 -9.17 -4.84
CA LEU D 114 -20.71 -10.47 -4.78
C LEU D 114 -20.44 -10.88 -3.33
N SER D 115 -20.94 -12.04 -2.99
CA SER D 115 -20.80 -12.71 -1.66
C SER D 115 -19.89 -13.93 -1.83
N THR D 116 -18.69 -13.91 -1.24
CA THR D 116 -17.67 -14.94 -1.40
C THR D 116 -18.15 -16.24 -0.83
N CYS D 117 -17.98 -17.35 -1.51
CA CYS D 117 -18.55 -18.62 -1.07
C CYS D 117 -17.87 -19.28 0.10
N SER D 118 -16.53 -19.38 0.06
CA SER D 118 -15.76 -20.13 1.04
C SER D 118 -14.51 -19.34 1.44
N ILE D 119 -14.53 -18.84 2.66
CA ILE D 119 -13.38 -18.04 3.18
C ILE D 119 -12.73 -18.82 4.36
N PRO D 120 -11.47 -19.22 4.20
CA PRO D 120 -10.79 -20.04 5.26
C PRO D 120 -10.59 -19.25 6.51
N THR D 121 -10.52 -19.95 7.61
CA THR D 121 -10.27 -19.29 8.87
C THR D 121 -8.76 -18.98 8.91
N SER D 122 -8.37 -18.09 9.81
CA SER D 122 -6.96 -17.84 9.96
C SER D 122 -6.78 -17.39 11.41
N ASN D 123 -5.53 -17.36 11.84
CA ASN D 123 -5.25 -16.91 13.23
C ASN D 123 -3.99 -16.05 13.22
N ASN D 124 -4.01 -14.96 12.51
CA ASN D 124 -2.79 -14.19 12.38
C ASN D 124 -2.56 -13.35 13.68
N HIS D 125 -1.32 -13.32 14.14
CA HIS D 125 -0.92 -12.40 15.18
C HIS D 125 -0.83 -11.02 14.70
N ILE D 126 -1.44 -10.08 15.42
CA ILE D 126 -1.36 -8.62 15.13
C ILE D 126 -0.43 -8.01 16.16
N ALA D 127 0.79 -7.70 15.72
CA ALA D 127 1.83 -7.32 16.66
C ALA D 127 1.63 -5.97 17.36
N THR D 128 1.03 -5.02 16.68
CA THR D 128 1.01 -3.68 17.18
C THR D 128 -0.36 -3.36 17.87
N LEU D 129 -1.15 -4.35 18.28
CA LEU D 129 -2.35 -4.04 19.11
C LEU D 129 -1.95 -3.36 20.40
N ASP D 130 -2.82 -2.48 20.91
CA ASP D 130 -2.65 -1.93 22.20
C ASP D 130 -2.71 -3.18 23.14
N PRO D 131 -1.75 -3.33 24.05
CA PRO D 131 -1.70 -4.55 24.86
C PRO D 131 -2.81 -4.81 25.89
N SER D 132 -3.67 -3.83 26.14
CA SER D 132 -4.85 -4.06 26.97
C SER D 132 -6.10 -4.51 26.22
N VAL D 133 -6.09 -4.57 24.86
CA VAL D 133 -7.30 -4.90 24.16
C VAL D 133 -7.51 -6.36 23.89
N VAL D 134 -8.74 -6.70 23.49
CA VAL D 134 -9.09 -8.03 23.11
C VAL D 134 -8.15 -8.53 22.00
N SER D 135 -7.63 -9.74 22.18
CA SER D 135 -6.74 -10.33 21.22
C SER D 135 -6.96 -11.83 21.08
N ASN D 136 -6.67 -12.35 19.90
CA ASN D 136 -6.53 -13.78 19.67
C ASN D 136 -5.18 -14.25 20.26
N SER D 137 -5.05 -15.55 20.41
CA SER D 137 -3.86 -16.17 20.86
C SER D 137 -3.73 -17.52 20.14
N LEU D 138 -2.59 -18.18 20.38
CA LEU D 138 -2.36 -19.49 19.73
C LEU D 138 -3.47 -20.45 20.07
N ASP D 139 -3.84 -20.49 21.33
CA ASP D 139 -4.79 -21.49 21.82
C ASP D 139 -6.26 -21.09 21.84
N LYS D 140 -6.53 -19.80 21.73
CA LYS D 140 -7.89 -19.25 21.61
C LYS D 140 -7.96 -18.31 20.46
N PRO D 141 -8.07 -18.90 19.29
CA PRO D 141 -8.31 -18.03 18.13
C PRO D 141 -9.71 -17.37 18.14
N PHE D 142 -9.90 -16.29 17.41
CA PHE D 142 -11.25 -15.79 17.18
C PHE D 142 -12.09 -16.83 16.42
N ILE D 143 -13.41 -16.77 16.65
CA ILE D 143 -14.36 -17.60 15.95
C ILE D 143 -15.16 -16.58 15.23
N SER D 144 -14.99 -16.54 13.92
CA SER D 144 -15.42 -15.39 13.14
C SER D 144 -16.58 -15.81 12.31
N LEU D 145 -17.66 -15.08 12.46
CA LEU D 145 -18.91 -15.33 11.73
C LEU D 145 -18.54 -15.29 10.27
N GLY D 146 -18.89 -16.34 9.55
CA GLY D 146 -18.86 -16.31 8.10
C GLY D 146 -17.69 -17.11 7.59
N LYS D 147 -16.66 -17.35 8.39
CA LYS D 147 -15.52 -18.10 7.79
C LYS D 147 -15.80 -19.62 7.78
N ASN D 148 -15.13 -20.37 6.90
CA ASN D 148 -15.31 -21.80 6.81
C ASN D 148 -14.15 -22.58 7.38
N PRO D 149 -14.29 -23.16 8.57
CA PRO D 149 -13.18 -23.80 9.19
C PRO D 149 -12.76 -25.03 8.43
N ALA D 150 -13.65 -25.60 7.61
CA ALA D 150 -13.26 -26.81 6.91
C ALA D 150 -12.46 -26.56 5.63
N GLN D 151 -12.41 -25.34 5.16
CA GLN D 151 -11.73 -25.08 3.87
C GLN D 151 -10.22 -25.12 3.96
N ASN D 152 -9.59 -25.96 3.17
CA ASN D 152 -8.13 -25.93 2.98
C ASN D 152 -7.86 -24.82 1.97
N PRO D 153 -7.14 -23.75 2.38
CA PRO D 153 -6.92 -22.64 1.44
C PRO D 153 -6.16 -23.01 0.16
N PHE D 154 -5.38 -24.09 0.16
CA PHE D 154 -4.62 -24.48 -1.01
C PHE D 154 -5.39 -25.21 -2.14
N VAL D 155 -6.66 -25.57 -1.93
CA VAL D 155 -7.49 -26.33 -2.86
C VAL D 155 -8.86 -25.56 -3.00
N ASN D 156 -8.84 -24.25 -2.69
CA ASN D 156 -10.03 -23.47 -2.63
C ASN D 156 -10.25 -22.85 -4.02
N LEU D 157 -11.46 -22.41 -4.26
CA LEU D 157 -11.70 -21.40 -5.34
C LEU D 157 -12.05 -20.14 -4.58
N GLY D 158 -11.02 -19.40 -4.22
CA GLY D 158 -11.15 -18.36 -3.16
C GLY D 158 -11.92 -17.14 -3.59
N ALA D 159 -12.06 -16.93 -4.91
CA ALA D 159 -12.79 -15.78 -5.40
C ALA D 159 -14.18 -16.17 -5.92
N GLU D 160 -14.52 -17.46 -5.88
CA GLU D 160 -15.85 -17.91 -6.26
C GLU D 160 -16.86 -17.18 -5.37
N ALA D 161 -17.94 -16.67 -6.00
CA ALA D 161 -18.93 -15.85 -5.33
C ALA D 161 -20.30 -15.97 -5.96
N VAL D 162 -21.30 -15.49 -5.21
CA VAL D 162 -22.67 -15.54 -5.58
C VAL D 162 -23.32 -14.20 -5.46
N THR D 163 -24.37 -13.99 -6.22
CA THR D 163 -25.19 -12.76 -6.09
C THR D 163 -26.61 -13.19 -5.84
N ARG D 164 -27.24 -12.60 -4.82
CA ARG D 164 -28.57 -12.95 -4.46
C ARG D 164 -29.48 -11.75 -4.75
N GLY D 165 -30.48 -11.96 -5.55
CA GLY D 165 -31.41 -10.90 -5.96
C GLY D 165 -32.13 -11.33 -7.21
N VAL D 166 -33.25 -10.69 -7.49
CA VAL D 166 -33.98 -10.97 -8.73
C VAL D 166 -33.07 -10.66 -9.97
N GLY D 167 -32.95 -11.64 -10.84
CA GLY D 167 -31.97 -11.61 -11.88
C GLY D 167 -30.65 -12.20 -11.66
N GLY D 168 -30.36 -12.65 -10.41
CA GLY D 168 -29.09 -13.22 -10.15
C GLY D 168 -27.92 -12.32 -10.50
N MET D 169 -26.93 -12.94 -11.14
CA MET D 169 -25.74 -12.20 -11.54
C MET D 169 -26.03 -11.36 -12.80
N SER D 170 -27.18 -11.55 -13.46
CA SER D 170 -27.43 -10.88 -14.75
C SER D 170 -27.66 -9.40 -14.52
N THR D 171 -27.81 -8.94 -13.27
CA THR D 171 -28.02 -7.48 -13.09
C THR D 171 -26.67 -6.73 -13.09
N HIS D 172 -25.53 -7.44 -13.22
CA HIS D 172 -24.21 -6.79 -13.28
C HIS D 172 -23.27 -7.36 -14.29
N TRP D 173 -23.59 -8.53 -14.89
CA TRP D 173 -22.68 -9.19 -15.84
C TRP D 173 -22.20 -8.43 -17.07
N THR D 174 -21.15 -8.90 -17.69
CA THR D 174 -20.56 -8.19 -18.83
CA THR D 174 -20.58 -8.14 -18.80
C THR D 174 -21.26 -8.46 -20.13
N CYS D 175 -22.16 -9.40 -20.10
CA CYS D 175 -23.06 -9.77 -21.24
C CYS D 175 -22.44 -10.44 -22.43
N ALA D 176 -21.25 -10.99 -22.27
CA ALA D 176 -20.57 -11.67 -23.38
C ALA D 176 -21.23 -13.01 -23.59
N THR D 177 -21.62 -13.29 -24.83
CA THR D 177 -22.37 -14.54 -25.14
C THR D 177 -21.81 -15.28 -26.39
N PRO D 178 -20.55 -15.72 -26.32
CA PRO D 178 -20.03 -16.62 -27.37
C PRO D 178 -20.71 -18.02 -27.35
N GLU D 179 -20.64 -18.68 -28.50
CA GLU D 179 -20.94 -20.12 -28.54
C GLU D 179 -19.73 -20.90 -28.08
N PHE D 180 -19.95 -22.17 -27.62
CA PHE D 180 -18.87 -23.10 -27.33
C PHE D 180 -18.34 -23.80 -28.59
N PHE D 181 -17.03 -24.04 -28.61
CA PHE D 181 -16.38 -24.73 -29.70
C PHE D 181 -16.73 -26.22 -29.82
N ALA D 182 -17.01 -26.70 -31.06
CA ALA D 182 -17.23 -28.07 -31.35
C ALA D 182 -16.21 -28.47 -32.41
N PRO D 183 -15.37 -29.46 -32.11
CA PRO D 183 -14.42 -29.90 -33.15
C PRO D 183 -15.05 -30.56 -34.41
N ALA D 184 -14.32 -30.54 -35.54
CA ALA D 184 -14.75 -31.20 -36.80
C ALA D 184 -15.02 -32.66 -36.55
N ASP D 185 -14.19 -33.29 -35.75
CA ASP D 185 -14.35 -34.70 -35.48
C ASP D 185 -15.07 -34.89 -34.16
N PHE D 186 -16.23 -35.55 -34.25
CA PHE D 186 -17.10 -35.74 -33.13
C PHE D 186 -16.42 -36.57 -32.04
N ASN D 187 -15.36 -37.31 -32.36
CA ASN D 187 -14.65 -38.04 -31.32
C ASN D 187 -13.28 -37.44 -30.98
N ALA D 188 -13.12 -36.15 -31.23
CA ALA D 188 -11.87 -35.46 -30.84
C ALA D 188 -11.70 -35.55 -29.34
N PRO D 189 -10.44 -35.55 -28.85
CA PRO D 189 -10.19 -35.70 -27.40
C PRO D 189 -10.79 -34.57 -26.55
N HIS D 190 -11.00 -33.39 -27.09
CA HIS D 190 -11.60 -32.34 -26.31
C HIS D 190 -12.59 -31.62 -27.11
N ARG D 191 -13.63 -31.12 -26.41
CA ARG D 191 -14.61 -30.23 -26.97
C ARG D 191 -15.15 -29.28 -25.84
N GLU D 192 -15.56 -28.10 -26.20
CA GLU D 192 -16.23 -27.22 -25.23
C GLU D 192 -17.69 -27.56 -25.22
N ARG D 193 -18.29 -27.68 -26.43
CA ARG D 193 -19.74 -27.87 -26.56
C ARG D 193 -20.12 -29.30 -26.19
N PRO D 194 -20.93 -29.50 -25.14
CA PRO D 194 -21.25 -30.88 -24.79
C PRO D 194 -22.02 -31.65 -25.86
N LYS D 195 -21.97 -32.98 -25.78
CA LYS D 195 -22.80 -33.79 -26.58
C LYS D 195 -24.22 -33.95 -26.00
N LEU D 196 -25.19 -33.71 -26.88
CA LEU D 196 -26.60 -33.98 -26.57
C LEU D 196 -27.13 -35.30 -27.13
N SER D 197 -26.35 -35.96 -28.00
CA SER D 197 -26.77 -37.16 -28.70
C SER D 197 -25.47 -37.89 -29.05
N THR D 198 -25.53 -39.21 -29.24
CA THR D 198 -24.42 -39.95 -29.84
C THR D 198 -24.46 -39.81 -31.38
N ASP D 199 -25.51 -39.22 -31.93
CA ASP D 199 -25.61 -39.00 -33.36
C ASP D 199 -25.09 -37.58 -33.69
N ALA D 200 -23.90 -37.50 -34.29
CA ALA D 200 -23.17 -36.25 -34.58
C ALA D 200 -23.94 -35.26 -35.37
N ALA D 201 -24.62 -35.75 -36.42
CA ALA D 201 -25.36 -34.82 -37.32
C ALA D 201 -26.58 -34.26 -36.56
N GLU D 202 -27.27 -35.07 -35.75
CA GLU D 202 -28.40 -34.57 -34.98
C GLU D 202 -27.91 -33.57 -33.92
N ASP D 203 -26.89 -33.97 -33.16
CA ASP D 203 -26.30 -33.05 -32.18
C ASP D 203 -26.02 -31.65 -32.77
N ALA D 204 -25.42 -31.61 -33.94
CA ALA D 204 -25.02 -30.33 -34.60
C ALA D 204 -26.27 -29.49 -34.94
N ARG D 205 -27.29 -30.14 -35.50
CA ARG D 205 -28.51 -29.43 -35.88
C ARG D 205 -29.31 -28.96 -34.69
N ILE D 206 -29.38 -29.77 -33.64
CA ILE D 206 -30.03 -29.38 -32.42
C ILE D 206 -29.33 -28.16 -31.81
N TRP D 207 -28.01 -28.25 -31.61
CA TRP D 207 -27.26 -27.08 -31.07
C TRP D 207 -27.43 -25.85 -31.94
N LYS D 208 -27.43 -26.01 -33.23
CA LYS D 208 -27.55 -24.79 -34.07
C LYS D 208 -28.81 -24.04 -33.73
N ASP D 209 -29.92 -24.74 -33.66
CA ASP D 209 -31.15 -24.04 -33.44
C ASP D 209 -31.29 -23.59 -31.98
N LEU D 210 -30.87 -24.42 -31.03
CA LEU D 210 -30.80 -23.94 -29.67
C LEU D 210 -30.01 -22.66 -29.45
N TYR D 211 -28.84 -22.57 -30.01
CA TYR D 211 -28.05 -21.37 -29.91
C TYR D 211 -28.80 -20.18 -30.57
N ALA D 212 -29.46 -20.44 -31.72
CA ALA D 212 -30.25 -19.36 -32.40
C ALA D 212 -31.38 -18.85 -31.46
N GLN D 213 -32.05 -19.79 -30.78
CA GLN D 213 -33.13 -19.43 -29.85
C GLN D 213 -32.61 -18.71 -28.61
N ALA D 214 -31.47 -19.17 -28.07
CA ALA D 214 -30.92 -18.63 -26.83
C ALA D 214 -30.43 -17.22 -27.17
N LYS D 215 -29.85 -17.00 -28.35
CA LYS D 215 -29.51 -15.65 -28.81
C LYS D 215 -30.65 -14.70 -28.84
N GLU D 216 -31.80 -15.15 -29.29
CA GLU D 216 -32.98 -14.32 -29.30
C GLU D 216 -33.50 -14.04 -27.91
N ILE D 217 -33.47 -15.03 -27.03
CA ILE D 217 -33.94 -14.86 -25.65
C ILE D 217 -33.13 -13.78 -25.01
N ILE D 218 -31.79 -13.80 -25.15
CA ILE D 218 -30.95 -12.90 -24.33
C ILE D 218 -30.60 -11.65 -25.15
N GLY D 219 -30.77 -11.75 -26.46
CA GLY D 219 -30.60 -10.59 -27.39
C GLY D 219 -29.13 -10.29 -27.78
N THR D 220 -28.41 -11.37 -28.08
CA THR D 220 -27.01 -11.29 -28.54
C THR D 220 -26.87 -10.50 -29.82
N SER D 221 -25.90 -9.59 -29.85
CA SER D 221 -25.50 -8.91 -31.08
C SER D 221 -23.97 -8.84 -31.19
N THR D 222 -23.47 -8.78 -32.43
CA THR D 222 -22.02 -8.53 -32.67
C THR D 222 -21.77 -7.11 -33.33
N THR D 223 -22.79 -6.28 -33.47
CA THR D 223 -22.64 -5.02 -34.26
C THR D 223 -22.79 -3.71 -33.44
N GLU D 224 -22.94 -3.84 -32.13
CA GLU D 224 -23.32 -2.66 -31.32
C GLU D 224 -22.15 -1.71 -31.02
N PHE D 225 -20.93 -2.11 -31.38
CA PHE D 225 -19.72 -1.26 -31.29
C PHE D 225 -19.11 -0.96 -32.67
N ASP D 226 -19.87 -1.19 -33.69
CA ASP D 226 -19.34 -1.10 -35.06
C ASP D 226 -19.03 0.35 -35.49
N HIS D 227 -19.53 1.33 -34.76
CA HIS D 227 -19.15 2.73 -34.92
C HIS D 227 -18.33 3.32 -33.78
N SER D 228 -17.63 2.47 -33.03
CA SER D 228 -16.58 2.89 -32.12
C SER D 228 -15.23 2.94 -32.82
N ILE D 229 -14.56 4.08 -32.66
CA ILE D 229 -13.18 4.20 -33.05
C ILE D 229 -12.25 3.27 -32.37
N ARG D 230 -12.29 3.21 -31.05
CA ARG D 230 -11.44 2.30 -30.30
C ARG D 230 -11.66 0.86 -30.72
N HIS D 231 -12.93 0.49 -30.89
CA HIS D 231 -13.25 -0.91 -31.24
C HIS D 231 -12.70 -1.24 -32.59
N ASN D 232 -13.02 -0.38 -33.55
CA ASN D 232 -12.47 -0.62 -34.88
C ASN D 232 -10.95 -0.57 -34.98
N LEU D 233 -10.33 0.36 -34.26
CA LEU D 233 -8.88 0.46 -34.26
C LEU D 233 -8.25 -0.86 -33.82
N VAL D 234 -8.72 -1.33 -32.70
CA VAL D 234 -8.16 -2.56 -32.08
C VAL D 234 -8.45 -3.78 -32.97
N LEU D 235 -9.69 -3.98 -33.39
CA LEU D 235 -10.06 -5.09 -34.29
C LEU D 235 -9.29 -5.04 -35.59
N ARG D 236 -9.33 -3.91 -36.25
CA ARG D 236 -8.69 -3.88 -37.55
C ARG D 236 -7.15 -3.93 -37.52
N LYS D 237 -6.53 -3.24 -36.58
CA LYS D 237 -5.09 -3.34 -36.46
C LYS D 237 -4.65 -4.78 -36.11
N TYR D 238 -5.37 -5.44 -35.19
CA TYR D 238 -4.96 -6.78 -34.81
C TYR D 238 -5.06 -7.75 -35.99
N ASN D 239 -6.13 -7.60 -36.78
CA ASN D 239 -6.27 -8.49 -37.91
C ASN D 239 -5.17 -8.23 -38.92
N ASP D 240 -4.91 -6.96 -39.24
CA ASP D 240 -3.78 -6.61 -40.11
C ASP D 240 -2.45 -7.17 -39.60
N ILE D 241 -2.17 -7.04 -38.32
CA ILE D 241 -0.91 -7.54 -37.77
C ILE D 241 -0.83 -9.06 -37.89
N PHE D 242 -1.89 -9.77 -37.50
CA PHE D 242 -1.81 -11.23 -37.43
C PHE D 242 -1.96 -11.96 -38.79
N GLN D 243 -2.36 -11.23 -39.82
CA GLN D 243 -2.30 -11.76 -41.18
C GLN D 243 -0.88 -11.96 -41.68
N LYS D 244 0.06 -11.16 -41.17
CA LYS D 244 1.47 -11.19 -41.56
C LYS D 244 2.35 -12.02 -40.62
N GLU D 245 1.78 -12.50 -39.52
CA GLU D 245 2.54 -13.27 -38.53
C GLU D 245 2.62 -14.70 -39.05
N ASN D 246 3.57 -15.51 -38.58
CA ASN D 246 3.71 -16.88 -39.10
C ASN D 246 2.55 -17.81 -38.75
N VAL D 247 1.83 -17.49 -37.68
CA VAL D 247 0.63 -18.22 -37.28
C VAL D 247 -0.48 -17.16 -37.27
N ILE D 248 -1.47 -17.34 -38.14
CA ILE D 248 -2.57 -16.43 -38.28
C ILE D 248 -3.52 -16.61 -37.09
N ARG D 249 -4.06 -15.49 -36.60
CA ARG D 249 -5.04 -15.45 -35.55
C ARG D 249 -6.16 -14.52 -36.05
N GLU D 250 -7.42 -14.93 -35.83
CA GLU D 250 -8.56 -14.12 -36.30
C GLU D 250 -9.23 -13.47 -35.10
N PHE D 251 -9.36 -12.15 -35.19
CA PHE D 251 -10.03 -11.36 -34.22
C PHE D 251 -11.41 -11.03 -34.70
N SER D 252 -12.39 -10.97 -33.81
CA SER D 252 -13.75 -10.65 -34.26
C SER D 252 -14.49 -9.89 -33.14
N PRO D 253 -15.68 -9.42 -33.44
CA PRO D 253 -16.38 -8.67 -32.39
C PRO D 253 -16.87 -9.66 -31.34
N LEU D 254 -16.77 -9.29 -30.10
CA LEU D 254 -17.23 -10.12 -28.99
C LEU D 254 -18.78 -10.05 -29.09
N PRO D 255 -19.47 -11.19 -29.16
CA PRO D 255 -20.91 -11.14 -29.15
C PRO D 255 -21.45 -10.72 -27.77
N LEU D 256 -22.36 -9.75 -27.79
CA LEU D 256 -22.81 -9.16 -26.55
C LEU D 256 -24.34 -9.10 -26.50
N ALA D 257 -24.87 -9.33 -25.33
CA ALA D 257 -26.30 -9.19 -25.07
C ALA D 257 -26.57 -7.80 -24.70
N CYS D 258 -26.70 -6.96 -25.71
CA CYS D 258 -26.98 -5.56 -25.51
C CYS D 258 -27.49 -4.92 -26.80
N HIS D 259 -28.00 -3.71 -26.69
CA HIS D 259 -28.32 -2.89 -27.88
C HIS D 259 -28.09 -1.41 -27.64
N ARG D 260 -27.41 -0.80 -28.62
CA ARG D 260 -27.14 0.61 -28.59
C ARG D 260 -28.45 1.42 -28.80
N LEU D 261 -28.64 2.51 -28.05
CA LEU D 261 -29.91 3.21 -28.01
C LEU D 261 -29.89 4.27 -29.09
N THR D 262 -31.02 4.91 -29.33
CA THR D 262 -31.15 5.94 -30.41
C THR D 262 -30.19 7.12 -30.14
N ASP D 263 -29.91 7.39 -28.87
CA ASP D 263 -28.83 8.29 -28.52
C ASP D 263 -27.63 7.39 -28.31
N PRO D 264 -26.71 7.31 -29.30
CA PRO D 264 -25.66 6.32 -29.33
C PRO D 264 -24.63 6.43 -28.19
N ASP D 265 -24.63 7.49 -27.35
CA ASP D 265 -23.87 7.47 -26.05
C ASP D 265 -24.35 6.44 -25.06
N TYR D 266 -25.50 5.82 -25.32
CA TYR D 266 -26.01 4.88 -24.34
C TYR D 266 -26.30 3.54 -24.96
N VAL D 267 -26.15 2.52 -24.14
CA VAL D 267 -26.33 1.13 -24.48
C VAL D 267 -27.27 0.56 -23.41
N GLU D 268 -28.24 -0.22 -23.84
CA GLU D 268 -28.98 -1.05 -22.89
C GLU D 268 -28.38 -2.44 -22.87
N TRP D 269 -27.86 -2.82 -21.69
CA TRP D 269 -27.31 -4.15 -21.46
C TRP D 269 -28.41 -5.02 -21.01
N HIS D 270 -28.46 -6.23 -21.50
CA HIS D 270 -29.60 -7.10 -21.28
C HIS D 270 -29.43 -7.94 -20.05
N ALA D 271 -30.56 -8.29 -19.42
CA ALA D 271 -30.57 -8.98 -18.17
C ALA D 271 -31.90 -9.76 -18.11
N THR D 272 -32.18 -10.31 -16.95
CA THR D 272 -33.37 -11.06 -16.70
C THR D 272 -34.66 -10.31 -16.97
N ASP D 273 -34.66 -8.95 -16.89
CA ASP D 273 -35.89 -8.25 -17.21
C ASP D 273 -36.43 -8.52 -18.67
N ARG D 274 -35.52 -8.63 -19.63
CA ARG D 274 -35.85 -9.00 -21.01
C ARG D 274 -36.56 -10.34 -21.14
N ILE D 275 -36.19 -11.28 -20.31
CA ILE D 275 -36.73 -12.63 -20.35
C ILE D 275 -38.04 -12.64 -19.66
N LEU D 276 -38.12 -11.97 -18.52
CA LEU D 276 -39.40 -11.95 -17.76
C LEU D 276 -40.44 -10.96 -18.33
N GLU D 277 -40.07 -10.08 -19.21
CA GLU D 277 -40.90 -8.92 -19.59
C GLU D 277 -42.38 -9.22 -19.78
N GLU D 278 -42.70 -10.21 -20.60
CA GLU D 278 -44.13 -10.43 -20.93
C GLU D 278 -44.90 -11.09 -19.81
N LEU D 279 -44.16 -11.67 -18.88
CA LEU D 279 -44.83 -12.18 -17.67
C LEU D 279 -45.35 -11.09 -16.77
N PHE D 280 -44.88 -9.86 -17.01
CA PHE D 280 -45.37 -8.73 -16.26
C PHE D 280 -46.32 -7.88 -17.08
N THR D 281 -46.04 -7.74 -18.37
CA THR D 281 -46.78 -6.82 -19.23
C THR D 281 -48.02 -7.47 -19.93
N ASP D 282 -48.10 -8.80 -19.94
CA ASP D 282 -49.26 -9.48 -20.54
C ASP D 282 -50.12 -9.96 -19.41
N PRO D 283 -51.37 -9.41 -19.29
CA PRO D 283 -52.18 -9.78 -18.14
C PRO D 283 -52.49 -11.31 -18.09
N VAL D 284 -52.63 -11.96 -19.25
CA VAL D 284 -52.89 -13.39 -19.24
C VAL D 284 -51.70 -14.15 -18.68
N LYS D 285 -50.50 -13.85 -19.14
CA LYS D 285 -49.27 -14.48 -18.58
C LYS D 285 -49.01 -14.11 -17.14
N ARG D 286 -49.22 -12.85 -16.79
CA ARG D 286 -49.03 -12.39 -15.41
C ARG D 286 -49.87 -13.22 -14.43
N GLY D 287 -51.08 -13.56 -14.86
CA GLY D 287 -51.96 -14.42 -14.06
C GLY D 287 -51.49 -15.83 -13.85
N ARG D 288 -50.58 -16.32 -14.69
CA ARG D 288 -49.98 -17.65 -14.52
C ARG D 288 -48.62 -17.64 -13.78
N PHE D 289 -48.12 -16.48 -13.36
CA PHE D 289 -46.77 -16.39 -12.81
C PHE D 289 -46.83 -15.74 -11.42
N THR D 290 -46.24 -16.42 -10.45
CA THR D 290 -46.03 -15.89 -9.10
C THR D 290 -44.53 -15.83 -8.85
N LEU D 291 -44.06 -14.69 -8.39
CA LEU D 291 -42.65 -14.50 -8.00
C LEU D 291 -42.56 -14.14 -6.51
N LEU D 292 -42.06 -15.02 -5.68
CA LEU D 292 -41.95 -14.76 -4.24
C LEU D 292 -40.52 -14.31 -4.01
N THR D 293 -40.29 -13.08 -3.63
CA THR D 293 -38.94 -12.63 -3.35
C THR D 293 -38.61 -12.72 -1.82
N ASN D 294 -37.29 -12.63 -1.47
CA ASN D 294 -36.87 -12.85 -0.13
C ASN D 294 -37.42 -14.21 0.36
N HIS D 295 -37.53 -15.20 -0.54
CA HIS D 295 -37.97 -16.56 -0.13
C HIS D 295 -36.86 -17.54 -0.42
N ARG D 296 -36.46 -18.29 0.61
CA ARG D 296 -35.43 -19.29 0.46
C ARG D 296 -36.02 -20.63 0.16
N CYS D 297 -35.57 -21.25 -0.92
CA CYS D 297 -35.83 -22.68 -1.09
C CYS D 297 -34.81 -23.45 -0.25
N THR D 298 -35.30 -24.04 0.85
CA THR D 298 -34.40 -24.60 1.88
C THR D 298 -33.97 -26.03 1.46
N LYS D 299 -34.96 -26.74 0.97
CA LYS D 299 -34.74 -28.00 0.41
C LYS D 299 -35.98 -28.52 -0.32
N LEU D 300 -35.80 -29.53 -1.12
CA LEU D 300 -36.88 -30.35 -1.60
C LEU D 300 -37.12 -31.60 -0.68
N VAL D 301 -38.37 -32.01 -0.54
CA VAL D 301 -38.65 -33.19 0.21
C VAL D 301 -39.13 -34.24 -0.82
N PHE D 302 -38.61 -35.43 -0.68
CA PHE D 302 -38.82 -36.48 -1.66
C PHE D 302 -39.78 -37.54 -1.14
N LYS D 303 -40.38 -38.30 -2.05
CA LYS D 303 -41.21 -39.45 -1.67
C LYS D 303 -40.50 -40.42 -0.73
N HIS D 304 -39.23 -40.70 -0.93
CA HIS D 304 -38.47 -41.63 -0.07
C HIS D 304 -37.01 -41.28 -0.25
N TYR D 305 -36.16 -41.94 0.52
CA TYR D 305 -34.75 -41.64 0.63
C TYR D 305 -33.91 -42.86 0.34
N ARG D 306 -34.41 -43.73 -0.55
CA ARG D 306 -33.67 -44.92 -1.00
C ARG D 306 -32.91 -44.67 -2.30
N PRO D 307 -31.59 -44.80 -2.25
CA PRO D 307 -30.76 -44.55 -3.45
C PRO D 307 -31.05 -45.55 -4.53
N GLY D 308 -31.05 -45.11 -5.79
CA GLY D 308 -31.09 -46.02 -6.87
C GLY D 308 -32.45 -46.52 -7.26
N GLU D 309 -33.52 -46.06 -6.61
CA GLU D 309 -34.91 -46.38 -7.03
C GLU D 309 -35.66 -45.17 -7.49
N GLU D 310 -36.60 -45.37 -8.41
CA GLU D 310 -37.44 -44.32 -8.91
C GLU D 310 -38.06 -43.54 -7.77
N ASN D 311 -38.09 -42.20 -7.91
CA ASN D 311 -38.41 -41.30 -6.83
C ASN D 311 -39.09 -40.07 -7.42
N GLU D 312 -39.46 -39.15 -6.54
CA GLU D 312 -40.21 -37.98 -6.95
C GLU D 312 -40.08 -36.95 -5.86
N VAL D 313 -40.08 -35.69 -6.23
CA VAL D 313 -40.23 -34.62 -5.27
C VAL D 313 -41.69 -34.56 -4.80
N ASP D 314 -41.90 -34.45 -3.48
CA ASP D 314 -43.23 -34.36 -2.84
C ASP D 314 -43.65 -32.91 -2.66
N TYR D 315 -42.70 -32.08 -2.24
CA TYR D 315 -42.91 -30.65 -2.06
C TYR D 315 -41.57 -29.92 -1.87
N ALA D 316 -41.61 -28.62 -2.08
CA ALA D 316 -40.50 -27.73 -1.79
C ALA D 316 -40.77 -27.06 -0.42
N LEU D 317 -39.77 -27.05 0.44
CA LEU D 317 -39.80 -26.38 1.69
C LEU D 317 -39.18 -25.04 1.49
N VAL D 318 -40.00 -24.02 1.68
CA VAL D 318 -39.61 -22.66 1.42
C VAL D 318 -39.81 -21.78 2.66
N GLU D 319 -38.81 -20.96 2.99
CA GLU D 319 -38.91 -20.01 4.16
C GLU D 319 -39.00 -18.57 3.71
N ASP D 320 -40.03 -17.85 4.15
CA ASP D 320 -40.10 -16.44 3.91
C ASP D 320 -39.13 -15.72 4.86
N LEU D 321 -38.09 -15.09 4.35
CA LEU D 321 -37.04 -14.51 5.21
C LEU D 321 -37.40 -13.13 5.83
N LEU D 322 -38.39 -12.43 5.33
CA LEU D 322 -38.85 -11.20 6.02
C LEU D 322 -39.86 -11.48 7.16
N PRO D 323 -39.93 -10.56 8.14
CA PRO D 323 -40.88 -10.76 9.25
C PRO D 323 -42.28 -10.18 8.99
N SER D 333 -43.91 -18.70 8.60
CA SER D 333 -42.48 -18.68 8.24
C SER D 333 -42.14 -19.70 7.12
N VAL D 334 -42.28 -20.98 7.48
CA VAL D 334 -42.06 -22.15 6.58
C VAL D 334 -43.30 -22.57 5.79
N LYS D 335 -43.19 -22.68 4.46
CA LYS D 335 -44.32 -23.01 3.57
C LYS D 335 -43.91 -24.31 2.86
N LYS D 336 -44.84 -25.22 2.67
CA LYS D 336 -44.65 -26.29 1.68
C LYS D 336 -45.26 -25.83 0.37
N ILE D 337 -44.53 -25.84 -0.75
CA ILE D 337 -45.07 -25.46 -2.06
C ILE D 337 -45.06 -26.72 -2.92
N TYR D 338 -46.26 -27.09 -3.35
CA TYR D 338 -46.53 -28.24 -4.21
C TYR D 338 -46.65 -27.85 -5.69
N ALA D 339 -45.99 -28.61 -6.55
CA ALA D 339 -46.08 -28.45 -7.97
C ALA D 339 -45.95 -29.83 -8.59
N ARG D 340 -46.23 -29.89 -9.87
CA ARG D 340 -46.14 -31.14 -10.62
C ARG D 340 -44.70 -31.37 -11.05
N SER D 341 -43.94 -30.27 -11.17
CA SER D 341 -42.53 -30.37 -11.55
C SER D 341 -41.71 -29.24 -10.86
N TYR D 342 -40.42 -29.56 -10.64
CA TYR D 342 -39.54 -28.70 -9.84
C TYR D 342 -38.26 -28.51 -10.56
N VAL D 343 -37.81 -27.24 -10.56
CA VAL D 343 -36.62 -26.84 -11.21
C VAL D 343 -35.77 -26.13 -10.19
N VAL D 344 -34.51 -26.56 -10.03
CA VAL D 344 -33.58 -25.87 -9.21
C VAL D 344 -32.61 -25.17 -10.11
N ALA D 345 -32.69 -23.87 -10.10
CA ALA D 345 -31.89 -22.96 -10.93
C ALA D 345 -31.30 -21.80 -10.09
N CYS D 346 -30.50 -22.20 -9.13
CA CYS D 346 -29.94 -21.31 -8.09
C CYS D 346 -28.48 -20.93 -8.38
N GLY D 347 -27.99 -21.22 -9.56
CA GLY D 347 -26.58 -21.03 -9.96
C GLY D 347 -25.74 -22.23 -9.55
N ALA D 348 -24.46 -22.28 -9.98
CA ALA D 348 -23.69 -23.54 -9.81
C ALA D 348 -23.46 -24.00 -8.38
N VAL D 349 -23.17 -23.10 -7.44
CA VAL D 349 -22.93 -23.51 -6.07
C VAL D 349 -24.30 -23.85 -5.37
N ALA D 350 -25.22 -22.94 -5.49
CA ALA D 350 -26.46 -23.01 -4.71
C ALA D 350 -27.42 -24.07 -5.19
N THR D 351 -27.39 -24.40 -6.46
CA THR D 351 -28.23 -25.51 -6.96
C THR D 351 -27.77 -26.79 -6.26
N ALA D 352 -26.48 -27.09 -6.28
CA ALA D 352 -25.96 -28.26 -5.50
C ALA D 352 -26.22 -28.15 -4.02
N GLN D 353 -26.17 -26.96 -3.46
CA GLN D 353 -26.41 -26.75 -2.05
C GLN D 353 -27.83 -27.15 -1.64
N VAL D 354 -28.79 -26.64 -2.40
CA VAL D 354 -30.22 -27.09 -2.26
C VAL D 354 -30.40 -28.61 -2.32
N LEU D 355 -29.80 -29.22 -3.35
CA LEU D 355 -29.93 -30.68 -3.52
C LEU D 355 -29.20 -31.46 -2.42
N ALA D 356 -28.05 -30.99 -1.97
CA ALA D 356 -27.38 -31.62 -0.75
C ALA D 356 -28.24 -31.48 0.50
N ASN D 357 -28.77 -30.30 0.71
CA ASN D 357 -29.56 -30.00 1.87
C ASN D 357 -30.79 -30.93 1.83
N SER D 358 -31.24 -31.25 0.63
CA SER D 358 -32.41 -32.13 0.48
C SER D 358 -32.17 -33.59 0.91
N HIS D 359 -30.91 -34.00 1.03
CA HIS D 359 -30.61 -35.36 1.44
C HIS D 359 -30.96 -35.59 2.88
N ILE D 360 -31.08 -34.52 3.64
CA ILE D 360 -31.47 -34.57 5.06
C ILE D 360 -33.03 -34.54 5.16
N PRO D 361 -33.66 -35.69 5.43
CA PRO D 361 -35.14 -35.73 5.56
C PRO D 361 -35.68 -34.79 6.64
N PRO D 362 -36.92 -34.29 6.48
CA PRO D 362 -37.49 -33.41 7.56
C PRO D 362 -38.23 -34.14 8.67
N GLU D 380 -14.83 -34.67 11.45
CA GLU D 380 -16.01 -35.09 12.22
C GLU D 380 -16.88 -33.85 12.56
N ARG D 381 -16.30 -32.87 13.26
CA ARG D 381 -16.85 -31.51 13.12
C ARG D 381 -16.85 -31.09 11.59
N ASP D 382 -15.89 -31.59 10.83
CA ASP D 382 -15.75 -31.25 9.41
C ASP D 382 -16.51 -32.22 8.47
N ALA D 383 -17.40 -33.03 9.03
CA ALA D 383 -18.14 -34.03 8.24
C ALA D 383 -18.98 -33.33 7.16
N THR D 384 -19.07 -33.94 5.97
CA THR D 384 -19.88 -33.40 4.90
C THR D 384 -21.16 -34.21 4.68
N ILE D 385 -22.12 -33.61 4.04
CA ILE D 385 -23.40 -34.27 3.90
C ILE D 385 -23.23 -35.34 2.80
N PRO D 386 -23.51 -36.60 3.10
CA PRO D 386 -23.39 -37.50 1.94
C PRO D 386 -24.56 -37.38 0.98
N THR D 387 -24.35 -37.65 -0.29
CA THR D 387 -25.44 -37.47 -1.26
C THR D 387 -25.68 -38.70 -2.15
N PRO D 388 -25.99 -39.86 -1.57
CA PRO D 388 -26.09 -41.10 -2.34
C PRO D 388 -27.34 -41.21 -3.24
N LEU D 389 -28.34 -40.37 -3.05
CA LEU D 389 -29.44 -40.34 -3.98
C LEU D 389 -29.00 -39.69 -5.28
N MET D 390 -27.96 -38.84 -5.24
CA MET D 390 -27.41 -38.18 -6.45
C MET D 390 -25.88 -38.24 -6.30
N PRO D 391 -25.30 -39.39 -6.58
CA PRO D 391 -23.88 -39.68 -6.25
C PRO D 391 -22.87 -38.81 -6.90
N MET D 392 -23.23 -38.22 -8.02
CA MET D 392 -22.28 -37.36 -8.74
C MET D 392 -22.46 -35.86 -8.44
N LEU D 393 -23.39 -35.48 -7.58
CA LEU D 393 -23.51 -34.16 -7.11
C LEU D 393 -22.19 -33.57 -6.62
N GLY D 394 -21.82 -32.47 -7.21
CA GLY D 394 -20.64 -31.80 -6.74
C GLY D 394 -19.38 -32.39 -7.25
N LYS D 395 -19.41 -33.37 -8.14
CA LYS D 395 -18.15 -33.97 -8.60
C LYS D 395 -17.87 -33.54 -10.01
N TYR D 396 -16.57 -33.59 -10.37
CA TYR D 396 -16.11 -33.18 -11.70
C TYR D 396 -16.26 -31.69 -11.88
N ILE D 397 -16.13 -30.88 -10.81
CA ILE D 397 -16.35 -29.46 -11.03
C ILE D 397 -15.23 -28.80 -11.85
N THR D 398 -15.54 -27.76 -12.61
CA THR D 398 -14.53 -27.14 -13.42
C THR D 398 -14.61 -25.60 -13.22
N GLU D 399 -13.50 -24.92 -13.29
CA GLU D 399 -13.46 -23.44 -13.24
C GLU D 399 -12.40 -22.97 -14.22
N GLN D 400 -12.38 -21.69 -14.51
CA GLN D 400 -11.47 -21.18 -15.56
C GLN D 400 -10.27 -20.37 -14.94
N PRO D 401 -9.03 -20.80 -15.19
CA PRO D 401 -7.87 -19.94 -14.86
C PRO D 401 -7.94 -18.71 -15.69
N MET D 402 -7.51 -17.57 -15.17
CA MET D 402 -7.61 -16.32 -15.92
C MET D 402 -6.28 -15.57 -15.73
N THR D 403 -5.77 -14.98 -16.83
CA THR D 403 -4.71 -14.01 -16.84
C THR D 403 -5.29 -12.66 -17.30
N PHE D 404 -4.68 -11.61 -16.83
CA PHE D 404 -5.14 -10.26 -17.03
C PHE D 404 -3.97 -9.31 -17.19
N CYS D 405 -4.17 -8.31 -18.03
CA CYS D 405 -3.32 -7.17 -17.99
C CYS D 405 -4.10 -6.02 -18.66
N GLN D 406 -3.55 -4.79 -18.50
CA GLN D 406 -4.02 -3.63 -19.26
C GLN D 406 -2.85 -3.03 -19.96
N VAL D 407 -3.13 -2.38 -21.15
CA VAL D 407 -2.11 -1.65 -21.86
C VAL D 407 -2.58 -0.22 -22.16
N VAL D 408 -1.61 0.63 -22.32
CA VAL D 408 -1.81 1.93 -22.94
C VAL D 408 -1.41 1.79 -24.42
N LEU D 409 -2.32 2.26 -25.25
CA LEU D 409 -2.04 2.26 -26.68
C LEU D 409 -0.74 2.99 -27.06
N ASP D 410 -0.11 2.42 -28.09
CA ASP D 410 1.05 3.05 -28.71
C ASP D 410 0.75 4.42 -29.23
N SER D 411 1.68 5.33 -29.01
CA SER D 411 1.48 6.70 -29.48
CA SER D 411 1.57 6.70 -29.49
C SER D 411 1.38 6.73 -31.01
N SER D 412 2.03 5.78 -31.68
CA SER D 412 1.97 5.75 -33.15
C SER D 412 0.54 5.44 -33.67
N LEU D 413 -0.24 4.72 -32.87
CA LEU D 413 -1.65 4.49 -33.19
C LEU D 413 -2.50 5.72 -33.24
N MET D 414 -2.06 6.84 -32.63
CA MET D 414 -2.87 8.06 -32.75
C MET D 414 -2.80 8.62 -34.17
N GLU D 415 -1.69 8.38 -34.90
CA GLU D 415 -1.59 8.76 -36.29
C GLU D 415 -2.61 7.94 -37.12
N VAL D 416 -2.76 6.66 -36.78
CA VAL D 416 -3.75 5.79 -37.42
C VAL D 416 -5.15 6.28 -37.17
N VAL D 417 -5.40 6.76 -35.95
CA VAL D 417 -6.68 7.38 -35.63
C VAL D 417 -6.96 8.63 -36.52
N ARG D 418 -5.94 9.42 -36.77
CA ARG D 418 -6.06 10.55 -37.66
C ARG D 418 -6.13 10.17 -39.14
N ASN D 419 -5.47 9.09 -39.57
CA ASN D 419 -5.38 8.68 -40.99
C ASN D 419 -5.59 7.19 -41.13
N PRO D 420 -6.82 6.74 -40.98
CA PRO D 420 -6.94 5.27 -40.96
C PRO D 420 -6.89 4.77 -42.39
N PRO D 421 -6.17 3.65 -42.61
CA PRO D 421 -5.99 3.18 -43.99
C PRO D 421 -7.20 2.39 -44.55
N TRP D 422 -8.13 1.95 -43.72
CA TRP D 422 -9.21 1.11 -44.20
C TRP D 422 -10.36 1.83 -44.89
N PRO D 423 -10.96 1.22 -45.93
CA PRO D 423 -12.08 1.83 -46.67
C PRO D 423 -13.40 1.80 -45.87
N GLY D 424 -14.32 2.70 -46.19
CA GLY D 424 -15.68 2.72 -45.61
C GLY D 424 -15.72 3.47 -44.28
N LEU D 425 -14.70 4.23 -43.99
CA LEU D 425 -14.58 4.82 -42.65
C LEU D 425 -14.74 6.37 -42.63
N ASP D 426 -15.61 6.89 -43.48
CA ASP D 426 -15.91 8.31 -43.41
C ASP D 426 -16.50 8.73 -42.06
N TRP D 427 -17.32 7.85 -41.48
CA TRP D 427 -17.93 8.12 -40.20
C TRP D 427 -16.85 8.42 -39.15
N TRP D 428 -15.78 7.63 -39.20
CA TRP D 428 -14.67 7.73 -38.21
C TRP D 428 -13.94 8.99 -38.50
N LYS D 429 -13.57 9.20 -39.77
CA LYS D 429 -12.85 10.44 -40.15
C LYS D 429 -13.62 11.62 -39.66
N GLU D 430 -14.95 11.60 -39.80
CA GLU D 430 -15.72 12.82 -39.42
C GLU D 430 -15.73 13.02 -37.89
N LYS D 431 -15.85 11.94 -37.15
CA LYS D 431 -15.80 12.05 -35.65
C LYS D 431 -14.44 12.58 -35.17
N VAL D 432 -13.35 12.08 -35.77
CA VAL D 432 -11.98 12.55 -35.38
C VAL D 432 -11.74 13.98 -35.77
N ALA D 433 -12.04 14.32 -37.01
CA ALA D 433 -11.89 15.74 -37.47
C ALA D 433 -12.65 16.66 -36.53
N ARG D 434 -13.89 16.31 -36.21
CA ARG D 434 -14.69 17.14 -35.29
C ARG D 434 -14.05 17.28 -33.92
N HIS D 435 -13.64 16.16 -33.34
CA HIS D 435 -13.01 16.26 -32.03
C HIS D 435 -11.75 17.08 -32.11
N VAL D 436 -10.90 16.75 -33.09
CA VAL D 436 -9.66 17.55 -33.30
C VAL D 436 -9.90 19.03 -33.43
N GLU D 437 -10.97 19.39 -34.13
CA GLU D 437 -11.24 20.81 -34.31
C GLU D 437 -11.72 21.36 -32.98
N ALA D 438 -12.54 20.62 -32.22
CA ALA D 438 -13.05 21.23 -30.92
C ALA D 438 -11.98 21.25 -29.77
N PHE D 439 -11.04 20.29 -29.79
CA PHE D 439 -9.98 20.18 -28.76
C PHE D 439 -8.62 20.08 -29.36
N PRO D 440 -8.10 21.17 -29.91
CA PRO D 440 -6.84 21.12 -30.63
C PRO D 440 -5.65 20.76 -29.76
N ASN D 441 -5.79 21.01 -28.48
CA ASN D 441 -4.72 20.70 -27.55
C ASN D 441 -4.81 19.35 -26.85
N ASP D 442 -5.86 18.56 -27.13
CA ASP D 442 -5.93 17.22 -26.56
C ASP D 442 -4.92 16.35 -27.31
N PRO D 443 -3.96 15.74 -26.59
CA PRO D 443 -3.08 14.84 -27.32
C PRO D 443 -3.73 13.56 -27.83
N ILE D 444 -4.97 13.27 -27.48
CA ILE D 444 -5.60 12.10 -27.99
C ILE D 444 -6.73 12.55 -28.94
N PRO D 445 -6.66 12.14 -30.19
CA PRO D 445 -7.69 12.52 -31.18
C PRO D 445 -8.96 11.65 -31.21
N ILE D 446 -9.09 10.70 -30.29
CA ILE D 446 -10.31 9.84 -30.13
C ILE D 446 -11.37 10.73 -29.42
N PRO D 447 -12.63 10.79 -29.91
CA PRO D 447 -13.69 11.54 -29.21
C PRO D 447 -13.93 11.10 -27.76
N PHE D 448 -14.37 12.04 -26.92
CA PHE D 448 -14.48 11.77 -25.49
C PHE D 448 -15.27 10.57 -25.09
N ARG D 449 -16.42 10.43 -25.68
CA ARG D 449 -17.26 9.34 -25.20
C ARG D 449 -17.21 8.09 -26.14
N ASP D 450 -16.13 7.93 -26.88
CA ASP D 450 -16.05 6.86 -27.88
C ASP D 450 -16.13 5.54 -27.12
N PRO D 451 -16.94 4.57 -27.62
CA PRO D 451 -17.07 3.33 -26.83
C PRO D 451 -15.81 2.50 -26.78
N GLU D 452 -15.74 1.67 -25.75
CA GLU D 452 -14.55 0.87 -25.63
C GLU D 452 -14.57 -0.29 -26.62
N PRO D 453 -13.43 -0.89 -26.86
CA PRO D 453 -13.34 -1.98 -27.77
C PRO D 453 -14.04 -3.21 -27.18
N GLN D 454 -14.55 -4.07 -28.06
CA GLN D 454 -15.21 -5.34 -27.64
C GLN D 454 -14.84 -6.43 -28.61
N VAL D 455 -13.62 -6.92 -28.48
CA VAL D 455 -12.93 -7.85 -29.38
C VAL D 455 -12.61 -9.23 -28.66
N THR D 456 -12.69 -10.30 -29.49
CA THR D 456 -12.45 -11.64 -29.08
C THR D 456 -11.59 -12.36 -30.12
N ILE D 457 -10.97 -13.42 -29.68
CA ILE D 457 -10.50 -14.42 -30.62
C ILE D 457 -11.25 -15.69 -30.23
N LYS D 458 -12.00 -16.31 -31.15
CA LYS D 458 -12.71 -17.56 -30.78
C LYS D 458 -11.76 -18.70 -30.41
N PHE D 459 -12.15 -19.44 -29.41
CA PHE D 459 -11.40 -20.62 -28.92
C PHE D 459 -11.12 -21.56 -30.14
N THR D 460 -9.93 -22.12 -30.21
CA THR D 460 -9.56 -23.19 -31.17
C THR D 460 -8.77 -24.20 -30.46
N GLU D 461 -8.66 -25.40 -30.99
CA GLU D 461 -7.86 -26.39 -30.25
C GLU D 461 -6.39 -26.07 -30.31
N GLU D 462 -5.94 -25.30 -31.30
CA GLU D 462 -4.54 -24.91 -31.48
C GLU D 462 -4.14 -23.80 -30.42
N HIS D 463 -5.14 -23.00 -29.95
CA HIS D 463 -4.94 -21.96 -28.90
C HIS D 463 -6.14 -21.96 -27.99
N PRO D 464 -6.23 -23.00 -27.15
CA PRO D 464 -7.41 -23.40 -26.49
C PRO D 464 -7.72 -22.60 -25.22
N TRP D 465 -7.94 -21.33 -25.45
CA TRP D 465 -8.42 -20.46 -24.43
C TRP D 465 -9.30 -19.47 -25.07
N HIS D 466 -10.03 -18.74 -24.23
CA HIS D 466 -10.95 -17.69 -24.65
C HIS D 466 -10.35 -16.31 -24.36
N VAL D 467 -10.30 -15.47 -25.37
CA VAL D 467 -9.64 -14.13 -25.32
C VAL D 467 -10.70 -13.00 -25.42
N GLN D 468 -10.60 -12.06 -24.49
CA GLN D 468 -11.40 -10.86 -24.50
C GLN D 468 -10.43 -9.68 -24.50
N ILE D 469 -10.65 -8.72 -25.43
CA ILE D 469 -9.79 -7.58 -25.51
C ILE D 469 -10.76 -6.44 -25.57
N HIS D 470 -10.84 -5.73 -24.45
CA HIS D 470 -11.98 -4.92 -24.16
C HIS D 470 -11.76 -3.93 -23.07
N ARG D 471 -12.85 -3.33 -22.57
CA ARG D 471 -12.82 -2.71 -21.29
C ARG D 471 -14.06 -3.25 -20.54
N ASP D 472 -13.81 -3.76 -19.34
CA ASP D 472 -14.77 -4.44 -18.46
C ASP D 472 -15.02 -3.47 -17.34
N ALA D 473 -16.25 -3.45 -16.82
CA ALA D 473 -16.55 -2.68 -15.64
C ALA D 473 -15.91 -3.26 -14.35
N PHE D 474 -15.57 -4.56 -14.31
CA PHE D 474 -15.00 -5.16 -13.11
C PHE D 474 -13.46 -4.87 -13.09
N SER D 475 -13.07 -3.74 -12.51
CA SER D 475 -11.67 -3.45 -12.40
C SER D 475 -11.10 -4.26 -11.22
N TYR D 476 -9.76 -4.37 -11.18
CA TYR D 476 -9.11 -5.19 -10.12
C TYR D 476 -8.15 -4.44 -9.15
N GLY D 477 -7.83 -3.20 -9.47
CA GLY D 477 -7.15 -2.33 -8.50
C GLY D 477 -7.53 -0.91 -8.80
N ALA D 478 -6.89 0.02 -8.08
CA ALA D 478 -7.20 1.45 -8.21
C ALA D 478 -7.21 1.92 -9.67
N VAL D 479 -8.22 2.70 -10.05
CA VAL D 479 -8.20 3.40 -11.33
C VAL D 479 -6.79 3.97 -11.46
N ALA D 480 -6.27 4.09 -12.68
CA ALA D 480 -5.04 4.87 -12.88
C ALA D 480 -5.53 6.30 -12.88
N GLU D 481 -5.16 7.06 -11.87
CA GLU D 481 -5.58 8.45 -11.81
C GLU D 481 -4.96 9.23 -12.99
N ASN D 482 -3.75 8.85 -13.43
CA ASN D 482 -2.96 9.73 -14.28
C ASN D 482 -3.02 9.48 -15.78
N MET D 483 -3.52 8.31 -16.19
CA MET D 483 -3.64 7.98 -17.57
C MET D 483 -5.09 8.26 -18.09
N ASP D 484 -5.18 8.74 -19.30
CA ASP D 484 -6.50 8.92 -19.97
C ASP D 484 -7.15 7.61 -20.37
N THR D 485 -8.43 7.47 -20.08
CA THR D 485 -9.08 6.16 -20.20
C THR D 485 -9.28 5.70 -21.68
N ARG D 486 -9.37 6.67 -22.60
CA ARG D 486 -9.52 6.34 -24.01
C ARG D 486 -8.40 5.48 -24.57
N VAL D 487 -7.21 5.54 -23.93
CA VAL D 487 -6.06 4.83 -24.51
C VAL D 487 -5.71 3.56 -23.73
N ILE D 488 -6.59 3.16 -22.84
CA ILE D 488 -6.37 1.88 -22.05
C ILE D 488 -7.15 0.74 -22.69
N VAL D 489 -6.57 -0.44 -22.77
CA VAL D 489 -7.23 -1.62 -23.30
C VAL D 489 -6.97 -2.79 -22.29
N ASP D 490 -8.01 -3.58 -21.96
CA ASP D 490 -7.91 -4.71 -21.07
C ASP D 490 -7.75 -5.99 -21.86
N TYR D 491 -7.11 -7.01 -21.27
CA TYR D 491 -6.98 -8.33 -21.86
C TYR D 491 -7.37 -9.29 -20.73
N ARG D 492 -8.39 -10.14 -20.96
CA ARG D 492 -8.67 -11.24 -20.03
C ARG D 492 -8.61 -12.46 -20.88
N PHE D 493 -7.78 -13.44 -20.46
CA PHE D 493 -7.67 -14.69 -21.17
C PHE D 493 -8.14 -15.80 -20.19
N PHE D 494 -9.13 -16.58 -20.62
CA PHE D 494 -9.71 -17.60 -19.72
C PHE D 494 -9.32 -18.93 -20.29
N GLY D 495 -8.84 -19.83 -19.42
CA GLY D 495 -8.47 -21.22 -19.77
C GLY D 495 -9.57 -22.23 -19.38
N TYR D 496 -9.38 -23.49 -19.66
CA TYR D 496 -10.36 -24.45 -19.16
C TYR D 496 -9.62 -25.42 -18.25
N THR D 497 -10.41 -26.12 -17.49
CA THR D 497 -9.86 -27.23 -16.63
C THR D 497 -10.60 -28.49 -17.03
N GLU D 498 -9.90 -29.61 -17.04
CA GLU D 498 -10.54 -30.86 -17.42
C GLU D 498 -11.42 -31.30 -16.27
N PRO D 499 -12.59 -31.84 -16.60
CA PRO D 499 -13.35 -32.45 -15.52
C PRO D 499 -12.70 -33.71 -14.88
N GLN D 500 -12.53 -33.69 -13.57
CA GLN D 500 -11.97 -34.79 -12.85
C GLN D 500 -12.82 -35.10 -11.63
N GLU D 501 -13.06 -36.38 -11.40
CA GLU D 501 -13.94 -36.87 -10.34
C GLU D 501 -13.55 -36.33 -8.97
N ALA D 502 -12.26 -36.30 -8.68
CA ALA D 502 -11.77 -35.81 -7.39
C ALA D 502 -11.87 -34.31 -7.16
N ASN D 503 -12.14 -33.51 -8.20
CA ASN D 503 -12.41 -32.13 -8.03
C ASN D 503 -13.86 -31.90 -7.64
N GLU D 504 -14.06 -31.33 -6.45
CA GLU D 504 -15.40 -31.42 -5.80
C GLU D 504 -15.84 -30.23 -5.07
N LEU D 505 -17.16 -30.12 -4.96
CA LEU D 505 -17.86 -29.12 -4.11
C LEU D 505 -18.66 -29.98 -3.20
N VAL D 506 -18.40 -29.84 -1.89
CA VAL D 506 -19.06 -30.61 -0.84
C VAL D 506 -19.66 -29.61 0.14
N PHE D 507 -20.63 -30.06 0.92
CA PHE D 507 -21.39 -29.22 1.81
C PHE D 507 -21.28 -29.72 3.22
N GLN D 508 -20.99 -28.78 4.13
CA GLN D 508 -20.75 -29.12 5.52
C GLN D 508 -21.97 -29.47 6.33
N GLN D 509 -21.90 -30.52 7.17
CA GLN D 509 -23.01 -30.88 8.04
C GLN D 509 -23.15 -29.92 9.22
N HIS D 510 -22.04 -29.31 9.67
CA HIS D 510 -22.04 -28.54 10.92
C HIS D 510 -21.68 -27.10 10.80
N TYR D 511 -21.41 -26.61 9.61
CA TYR D 511 -21.23 -25.17 9.40
C TYR D 511 -22.25 -24.76 8.38
N ARG D 512 -22.80 -23.56 8.56
CA ARG D 512 -23.81 -23.03 7.67
C ARG D 512 -23.42 -21.64 7.20
N ASP D 513 -23.89 -21.24 6.05
CA ASP D 513 -23.69 -19.84 5.56
C ASP D 513 -24.65 -18.83 6.26
N ALA D 514 -24.66 -17.56 5.83
CA ALA D 514 -25.47 -16.55 6.49
C ALA D 514 -26.97 -16.75 6.31
N TYR D 515 -27.35 -17.58 5.31
CA TYR D 515 -28.75 -17.89 5.04
C TYR D 515 -29.14 -19.29 5.57
N ASP D 516 -28.34 -19.78 6.52
CA ASP D 516 -28.53 -21.04 7.20
C ASP D 516 -28.58 -22.27 6.27
N MET D 517 -27.89 -22.20 5.14
CA MET D 517 -27.71 -23.33 4.24
C MET D 517 -26.34 -23.95 4.47
N PRO D 518 -26.18 -25.23 4.11
CA PRO D 518 -24.89 -25.91 4.43
C PRO D 518 -23.74 -25.19 3.67
N GLN D 519 -22.69 -24.95 4.42
CA GLN D 519 -21.51 -24.23 3.96
C GLN D 519 -20.86 -25.03 2.88
N PRO D 520 -20.61 -24.40 1.76
CA PRO D 520 -19.83 -25.02 0.71
C PRO D 520 -18.36 -25.03 0.98
N THR D 521 -17.73 -26.12 0.56
CA THR D 521 -16.30 -26.25 0.64
C THR D 521 -15.78 -26.81 -0.69
N PHE D 522 -14.68 -26.25 -1.18
CA PHE D 522 -14.13 -26.63 -2.50
C PHE D 522 -12.90 -27.49 -2.25
N LYS D 523 -12.74 -28.49 -3.10
CA LYS D 523 -11.54 -29.32 -3.14
C LYS D 523 -11.17 -29.35 -4.62
N PHE D 524 -10.39 -28.35 -5.07
CA PHE D 524 -10.07 -28.19 -6.45
C PHE D 524 -8.56 -28.14 -6.64
N THR D 525 -8.09 -29.05 -7.48
CA THR D 525 -6.66 -29.04 -7.94
C THR D 525 -6.65 -29.28 -9.46
N MET D 526 -6.18 -28.31 -10.24
CA MET D 526 -6.11 -28.45 -11.71
C MET D 526 -5.05 -29.53 -12.11
N SER D 527 -5.21 -30.10 -13.29
CA SER D 527 -4.33 -31.12 -13.77
C SER D 527 -3.01 -30.59 -14.35
N GLN D 528 -2.07 -31.52 -14.62
CA GLN D 528 -0.79 -31.10 -15.24
C GLN D 528 -1.05 -30.50 -16.59
N ASP D 529 -1.96 -31.09 -17.36
CA ASP D 529 -2.28 -30.54 -18.68
C ASP D 529 -2.91 -29.15 -18.57
N ASP D 530 -3.75 -28.93 -17.56
CA ASP D 530 -4.40 -27.63 -17.37
C ASP D 530 -3.31 -26.54 -17.11
N ARG D 531 -2.30 -26.90 -16.29
CA ARG D 531 -1.20 -25.97 -15.96
C ARG D 531 -0.34 -25.68 -17.18
N ALA D 532 -0.09 -26.72 -17.99
CA ALA D 532 0.71 -26.55 -19.20
C ALA D 532 -0.05 -25.53 -20.14
N ARG D 533 -1.38 -25.68 -20.29
CA ARG D 533 -2.14 -24.71 -21.11
C ARG D 533 -2.13 -23.34 -20.51
N ALA D 534 -2.19 -23.25 -19.19
CA ALA D 534 -2.22 -21.93 -18.54
C ALA D 534 -0.91 -21.18 -18.80
N ARG D 535 0.24 -21.90 -18.78
CA ARG D 535 1.48 -21.23 -19.15
C ARG D 535 1.43 -20.70 -20.60
N ARG D 536 1.03 -21.56 -21.55
CA ARG D 536 0.86 -21.07 -22.91
C ARG D 536 -0.09 -19.84 -23.06
N MET D 537 -1.20 -19.86 -22.34
CA MET D 537 -2.11 -18.73 -22.37
C MET D 537 -1.49 -17.42 -21.89
N MET D 538 -0.71 -17.49 -20.80
CA MET D 538 -0.02 -16.27 -20.29
C MET D 538 0.97 -15.80 -21.28
N ASP D 539 1.76 -16.72 -21.84
CA ASP D 539 2.71 -16.34 -22.94
C ASP D 539 1.94 -15.67 -24.11
N ASP D 540 0.80 -16.26 -24.48
CA ASP D 540 -0.03 -15.69 -25.61
C ASP D 540 -0.51 -14.27 -25.25
N MET D 541 -0.95 -14.05 -24.01
CA MET D 541 -1.44 -12.76 -23.64
C MET D 541 -0.32 -11.68 -23.74
N CYS D 542 0.84 -11.98 -23.23
CA CYS D 542 1.96 -11.01 -23.31
C CYS D 542 2.30 -10.63 -24.76
N ASN D 543 2.35 -11.64 -25.64
CA ASN D 543 2.70 -11.48 -27.01
C ASN D 543 1.65 -10.64 -27.72
N ILE D 544 0.38 -10.97 -27.49
CA ILE D 544 -0.72 -10.24 -28.12
C ILE D 544 -0.80 -8.79 -27.61
N ALA D 545 -0.71 -8.59 -26.30
CA ALA D 545 -0.88 -7.28 -25.72
C ALA D 545 0.17 -6.29 -26.21
N LEU D 546 1.40 -6.78 -26.33
CA LEU D 546 2.53 -5.90 -26.69
C LEU D 546 2.53 -5.50 -28.16
N LYS D 547 1.63 -6.06 -28.96
CA LYS D 547 1.54 -5.65 -30.39
C LYS D 547 0.99 -4.27 -30.53
N ILE D 548 0.14 -3.80 -29.61
CA ILE D 548 -0.51 -2.51 -29.77
C ILE D 548 -0.28 -1.52 -28.61
N GLY D 549 0.37 -1.93 -27.54
CA GLY D 549 0.52 -1.00 -26.46
C GLY D 549 1.46 -1.59 -25.44
N GLY D 550 1.70 -0.87 -24.34
CA GLY D 550 2.62 -1.39 -23.27
C GLY D 550 1.96 -1.38 -21.98
N TYR D 551 2.37 -2.31 -21.10
CA TYR D 551 1.65 -2.53 -19.85
C TYR D 551 1.47 -1.27 -19.02
N LEU D 552 0.26 -1.11 -18.52
CA LEU D 552 -0.08 0.00 -17.62
C LEU D 552 0.47 -0.37 -16.23
N PRO D 553 1.19 0.53 -15.57
CA PRO D 553 1.67 0.15 -14.20
C PRO D 553 0.57 -0.22 -13.24
N GLY D 554 0.81 -1.28 -12.49
CA GLY D 554 -0.19 -1.84 -11.69
C GLY D 554 -1.06 -2.90 -12.34
N SER D 555 -1.11 -3.00 -13.68
CA SER D 555 -1.87 -4.04 -14.37
C SER D 555 -1.00 -4.82 -15.34
N GLU D 556 0.18 -5.20 -14.88
CA GLU D 556 1.10 -5.99 -15.68
C GLU D 556 0.52 -7.41 -15.70
N PRO D 557 1.05 -8.29 -16.56
CA PRO D 557 0.51 -9.56 -16.77
C PRO D 557 0.50 -10.41 -15.45
N GLN D 558 -0.62 -10.99 -15.16
CA GLN D 558 -0.80 -11.69 -13.89
C GLN D 558 -1.91 -12.72 -13.97
N PHE D 559 -1.81 -13.79 -13.17
CA PHE D 559 -2.92 -14.66 -12.93
C PHE D 559 -3.86 -14.04 -11.84
N MET D 560 -5.16 -14.25 -11.98
CA MET D 560 -6.08 -13.80 -10.95
C MET D 560 -6.41 -14.91 -9.96
N THR D 561 -7.09 -14.58 -8.87
CA THR D 561 -7.41 -15.60 -7.86
C THR D 561 -8.36 -16.68 -8.44
N PRO D 562 -8.08 -17.98 -8.19
CA PRO D 562 -9.01 -19.00 -8.68
C PRO D 562 -10.47 -18.71 -8.27
N GLY D 563 -11.40 -18.92 -9.21
CA GLY D 563 -12.82 -18.64 -8.96
C GLY D 563 -13.26 -17.25 -9.48
N LEU D 564 -12.33 -16.35 -9.70
CA LEU D 564 -12.70 -14.98 -10.04
C LEU D 564 -13.50 -14.86 -11.34
N ALA D 565 -13.38 -15.83 -12.25
CA ALA D 565 -14.20 -15.84 -13.51
C ALA D 565 -15.67 -16.09 -13.25
N LEU D 566 -16.00 -16.75 -12.11
CA LEU D 566 -17.36 -17.04 -11.71
C LEU D 566 -18.00 -18.00 -12.70
N HIS D 567 -17.16 -18.74 -13.41
CA HIS D 567 -17.67 -19.66 -14.43
C HIS D 567 -17.66 -21.10 -13.97
N LEU D 568 -17.70 -21.32 -12.66
CA LEU D 568 -17.78 -22.65 -12.08
C LEU D 568 -18.83 -23.49 -12.77
N ALA D 569 -18.46 -24.71 -13.14
CA ALA D 569 -19.41 -25.54 -13.86
C ALA D 569 -19.28 -26.94 -13.41
N GLY D 570 -20.20 -27.77 -13.90
CA GLY D 570 -20.13 -29.15 -13.50
C GLY D 570 -20.56 -29.63 -12.14
N THR D 571 -21.21 -28.82 -11.33
CA THR D 571 -21.59 -29.18 -10.00
C THR D 571 -22.94 -30.03 -10.02
N THR D 572 -23.69 -29.97 -11.14
CA THR D 572 -24.91 -30.79 -11.30
C THR D 572 -24.84 -31.30 -12.73
N ARG D 573 -23.75 -31.95 -13.08
CA ARG D 573 -23.44 -32.20 -14.51
C ARG D 573 -24.47 -33.08 -15.22
N CYS D 574 -24.87 -32.65 -16.43
CA CYS D 574 -25.90 -33.33 -17.23
C CYS D 574 -25.33 -33.85 -18.54
N GLY D 575 -25.59 -35.10 -18.84
CA GLY D 575 -25.12 -35.65 -20.10
C GLY D 575 -25.63 -37.02 -20.38
N LEU D 576 -24.97 -37.65 -21.35
CA LEU D 576 -25.38 -39.01 -21.81
C LEU D 576 -24.90 -40.10 -20.89
N ASP D 577 -23.82 -39.88 -20.12
CA ASP D 577 -23.22 -40.98 -19.37
C ASP D 577 -23.78 -41.03 -17.93
N THR D 578 -24.81 -41.83 -17.78
CA THR D 578 -25.65 -41.76 -16.58
C THR D 578 -24.88 -42.01 -15.33
N GLN D 579 -23.88 -42.89 -15.38
CA GLN D 579 -23.19 -43.16 -14.11
C GLN D 579 -22.23 -42.02 -13.68
N LYS D 580 -21.95 -41.06 -14.56
CA LYS D 580 -21.05 -39.99 -14.21
C LYS D 580 -21.71 -38.64 -14.25
N THR D 581 -23.05 -38.63 -14.31
CA THR D 581 -23.73 -37.39 -14.30
C THR D 581 -24.83 -37.37 -13.22
N VAL D 582 -25.25 -36.16 -12.90
CA VAL D 582 -26.42 -35.90 -12.08
C VAL D 582 -27.76 -35.97 -12.82
N GLY D 583 -27.79 -35.43 -14.03
CA GLY D 583 -28.96 -35.53 -14.86
C GLY D 583 -28.69 -35.92 -16.33
N ASN D 584 -29.78 -36.15 -17.06
CA ASN D 584 -29.70 -36.54 -18.48
C ASN D 584 -29.53 -35.30 -19.36
N THR D 585 -29.63 -35.45 -20.70
CA THR D 585 -29.40 -34.26 -21.57
C THR D 585 -30.52 -33.22 -21.56
N HIS D 586 -31.64 -33.58 -20.93
CA HIS D 586 -32.74 -32.69 -20.66
C HIS D 586 -32.70 -32.10 -19.29
N CYS D 587 -31.63 -32.41 -18.56
CA CYS D 587 -31.42 -31.87 -17.23
C CYS D 587 -32.34 -32.43 -16.18
N LYS D 588 -32.94 -33.58 -16.48
CA LYS D 588 -33.78 -34.25 -15.54
C LYS D 588 -32.86 -35.05 -14.59
N VAL D 589 -32.98 -34.89 -13.27
CA VAL D 589 -32.12 -35.60 -12.33
C VAL D 589 -32.47 -37.11 -12.35
N HIS D 590 -31.42 -37.94 -12.42
CA HIS D 590 -31.59 -39.39 -12.50
C HIS D 590 -32.43 -39.93 -11.35
N ASN D 591 -33.36 -40.79 -11.74
CA ASN D 591 -34.28 -41.46 -10.83
C ASN D 591 -35.36 -40.57 -10.28
N PHE D 592 -35.46 -39.28 -10.69
CA PHE D 592 -36.52 -38.43 -10.21
C PHE D 592 -37.41 -38.06 -11.38
N ASN D 593 -38.69 -38.37 -11.35
CA ASN D 593 -39.47 -38.11 -12.53
CA ASN D 593 -39.49 -38.12 -12.53
C ASN D 593 -39.82 -36.66 -12.77
N ASN D 594 -39.65 -35.84 -11.73
CA ASN D 594 -40.16 -34.47 -11.85
C ASN D 594 -39.20 -33.43 -11.28
N LEU D 595 -37.88 -33.71 -11.32
CA LEU D 595 -36.87 -32.79 -10.81
C LEU D 595 -35.87 -32.49 -11.90
N TYR D 596 -35.68 -31.18 -12.16
CA TYR D 596 -34.78 -30.65 -13.17
C TYR D 596 -33.78 -29.62 -12.56
N VAL D 597 -32.58 -29.56 -13.13
CA VAL D 597 -31.59 -28.58 -12.75
C VAL D 597 -31.28 -27.63 -13.92
N GLY D 598 -30.78 -26.44 -13.58
CA GLY D 598 -30.36 -25.48 -14.55
C GLY D 598 -29.17 -24.67 -14.08
N GLY D 599 -28.46 -24.07 -15.03
CA GLY D 599 -27.34 -23.19 -14.73
C GLY D 599 -26.08 -23.78 -15.26
N ASN D 600 -24.98 -23.09 -15.00
CA ASN D 600 -23.64 -23.53 -15.47
C ASN D 600 -23.26 -24.84 -14.89
N GLY D 601 -23.84 -25.14 -13.74
CA GLY D 601 -23.60 -26.44 -13.11
C GLY D 601 -23.94 -27.65 -13.95
N VAL D 602 -24.87 -27.49 -14.92
CA VAL D 602 -25.20 -28.62 -15.80
C VAL D 602 -24.16 -28.93 -16.86
N ILE D 603 -23.28 -27.98 -17.18
CA ILE D 603 -22.31 -28.15 -18.23
C ILE D 603 -21.21 -29.11 -17.82
N GLU D 604 -20.99 -30.20 -18.60
CA GLU D 604 -20.17 -31.36 -18.11
C GLU D 604 -18.70 -31.34 -18.68
N THR D 605 -18.44 -30.40 -19.59
CA THR D 605 -17.16 -30.37 -20.32
C THR D 605 -16.27 -29.33 -19.65
N GLY D 606 -15.02 -29.33 -20.08
CA GLY D 606 -14.07 -28.29 -19.70
C GLY D 606 -14.09 -27.24 -20.78
N PHE D 607 -14.54 -26.05 -20.48
CA PHE D 607 -14.67 -25.01 -21.47
C PHE D 607 -14.05 -23.76 -20.94
N ALA D 608 -13.74 -22.88 -21.90
CA ALA D 608 -13.04 -21.63 -21.61
C ALA D 608 -13.89 -20.39 -21.88
N ALA D 609 -14.90 -20.54 -22.67
CA ALA D 609 -15.75 -19.39 -23.08
C ALA D 609 -16.79 -19.08 -21.99
N ASN D 610 -17.43 -17.92 -22.11
CA ASN D 610 -18.43 -17.53 -21.10
C ASN D 610 -19.66 -18.43 -21.24
N PRO D 611 -20.18 -18.95 -20.11
CA PRO D 611 -21.11 -20.05 -20.29
C PRO D 611 -22.59 -19.71 -20.41
N THR D 612 -22.99 -18.46 -20.17
CA THR D 612 -24.43 -18.28 -19.87
C THR D 612 -25.30 -18.65 -21.15
N LEU D 613 -24.81 -18.41 -22.34
CA LEU D 613 -25.66 -18.67 -23.53
C LEU D 613 -25.89 -20.18 -23.64
N THR D 614 -24.82 -20.95 -23.40
CA THR D 614 -24.90 -22.41 -23.47
C THR D 614 -25.85 -22.94 -22.35
N SER D 615 -25.77 -22.33 -21.15
CA SER D 615 -26.70 -22.66 -20.05
C SER D 615 -28.17 -22.38 -20.42
N ILE D 616 -28.43 -21.29 -21.18
CA ILE D 616 -29.74 -21.01 -21.60
C ILE D 616 -30.24 -22.09 -22.60
N CYS D 617 -29.37 -22.55 -23.52
CA CYS D 617 -29.72 -23.72 -24.34
C CYS D 617 -30.26 -24.87 -23.52
N TYR D 618 -29.53 -25.23 -22.45
CA TYR D 618 -30.01 -26.28 -21.63
C TYR D 618 -31.38 -26.04 -20.95
N ALA D 619 -31.57 -24.81 -20.55
CA ALA D 619 -32.85 -24.39 -19.97
C ALA D 619 -34.02 -24.56 -20.94
N ILE D 620 -33.78 -24.21 -22.20
CA ILE D 620 -34.73 -24.48 -23.26
C ILE D 620 -35.08 -25.96 -23.35
N ARG D 621 -34.03 -26.76 -23.43
CA ARG D 621 -34.22 -28.21 -23.57
C ARG D 621 -35.04 -28.75 -22.44
N ALA D 622 -34.62 -28.35 -21.22
CA ALA D 622 -35.26 -28.90 -20.01
C ALA D 622 -36.76 -28.41 -20.00
N SER D 623 -36.95 -27.14 -20.33
CA SER D 623 -38.35 -26.60 -20.37
C SER D 623 -39.20 -27.39 -21.37
N ASN D 624 -38.62 -27.82 -22.48
CA ASN D 624 -39.43 -28.51 -23.48
C ASN D 624 -39.71 -29.90 -22.99
N ASP D 625 -38.82 -30.50 -22.22
CA ASP D 625 -39.14 -31.80 -21.66
C ASP D 625 -40.32 -31.66 -20.68
N ILE D 626 -40.25 -30.63 -19.87
CA ILE D 626 -41.31 -30.33 -18.84
C ILE D 626 -42.61 -30.13 -19.56
N ILE D 627 -42.61 -29.28 -20.59
CA ILE D 627 -43.83 -29.02 -21.37
C ILE D 627 -44.35 -30.34 -21.96
N ALA D 628 -43.44 -31.15 -22.49
CA ALA D 628 -43.85 -32.39 -23.14
C ALA D 628 -44.46 -33.31 -22.11
N LYS D 629 -43.87 -33.42 -20.92
CA LYS D 629 -44.36 -34.35 -19.93
C LYS D 629 -45.50 -33.87 -19.11
N PHE D 630 -45.57 -32.57 -18.84
CA PHE D 630 -46.45 -32.07 -17.80
C PHE D 630 -47.48 -31.10 -18.38
N GLY D 631 -47.37 -30.72 -19.64
CA GLY D 631 -48.52 -30.13 -20.34
C GLY D 631 -49.42 -31.29 -20.80
PA FDA E . 26.24 -4.69 21.66
O1A FDA E . 25.06 -5.47 21.16
O2A FDA E . 26.35 -3.26 21.27
O5B FDA E . 27.60 -5.36 21.25
C5B FDA E . 27.86 -6.69 21.53
C4B FDA E . 28.71 -7.37 20.47
O4B FDA E . 29.08 -8.67 20.76
C3B FDA E . 28.44 -7.22 19.03
O3B FDA E . 29.24 -6.37 18.25
C2B FDA E . 28.37 -8.56 18.54
O2B FDA E . 28.53 -8.76 17.19
C1B FDA E . 29.12 -9.39 19.56
N9A FDA E . 28.94 -10.80 19.59
C8A FDA E . 27.74 -11.32 19.70
N7A FDA E . 27.87 -12.70 19.81
C5A FDA E . 29.20 -12.99 19.79
C6A FDA E . 29.89 -14.15 19.83
N6A FDA E . 29.38 -15.42 19.96
N1A FDA E . 31.19 -14.02 19.77
C2A FDA E . 31.88 -12.87 19.65
N3A FDA E . 31.20 -11.70 19.60
C4A FDA E . 29.89 -11.78 19.62
N1 FDA E . 20.72 2.55 23.80
C2 FDA E . 20.76 3.62 24.61
O2 FDA E . 21.02 3.55 25.83
N3 FDA E . 20.53 4.87 24.11
C4 FDA E . 20.03 5.05 22.87
O4 FDA E . 19.79 6.18 22.37
C4X FDA E . 19.93 3.90 21.94
N5 FDA E . 19.52 4.00 20.68
C5X FDA E . 19.58 2.94 19.83
C6 FDA E . 19.08 3.08 18.45
C7 FDA E . 19.13 1.95 17.61
C7M FDA E . 18.43 2.04 16.26
C8 FDA E . 19.98 0.88 17.97
C8M FDA E . 20.36 -0.17 16.91
C9 FDA E . 20.47 0.74 19.33
C9A FDA E . 20.21 1.75 20.28
N10 FDA E . 20.47 1.62 21.66
C10 FDA E . 20.23 2.63 22.51
C1' FDA E . 21.02 0.36 22.28
C2' FDA E . 22.56 0.35 22.45
O2' FDA E . 23.17 0.50 21.18
C3' FDA E . 22.97 -0.87 23.30
O3' FDA E . 22.34 -0.70 24.58
C4' FDA E . 24.48 -1.03 23.46
O4' FDA E . 25.16 -1.01 22.20
C5' FDA E . 24.71 -2.36 24.12
O5' FDA E . 26.14 -2.47 24.22
P FDA E . 26.75 -3.94 24.47
O1P FDA E . 28.24 -3.75 24.31
O2P FDA E . 26.21 -4.66 25.72
O3P FDA E . 26.24 -4.89 23.29
C1 G3F F . 15.93 2.70 21.23
O1 G3F F . 16.84 1.62 21.01
C2 G3F F . 16.70 3.99 21.70
O2 G3F F . 17.08 3.92 23.05
C3 G3F F . 15.92 5.30 21.41
F3 G3F F . 16.62 6.51 21.67
C4 G3F F . 15.48 5.30 19.94
O4 G3F F . 14.76 6.52 19.69
C5 G3F F . 14.69 4.05 19.52
O5 G3F F . 15.39 2.84 19.90
C6 G3F F . 14.47 3.94 18.00
O6 G3F F . 13.64 2.75 17.75
MN MN G . 33.81 -3.34 43.90
MN MN H . 32.17 0.50 42.50
MN MN I . 6.96 -5.64 25.07
PA FDA J . 32.35 6.48 -9.28
O1A FDA J . 31.03 7.07 -9.30
O2A FDA J . 32.41 5.06 -8.85
O5B FDA J . 33.43 7.23 -8.35
C5B FDA J . 33.48 8.63 -8.61
C4B FDA J . 33.92 9.26 -7.32
O4B FDA J . 34.39 10.59 -7.38
C3B FDA J . 33.16 9.06 -6.04
O3B FDA J . 33.58 8.30 -4.99
C2B FDA J . 32.83 10.45 -5.67
O2B FDA J . 32.44 10.82 -4.44
C1B FDA J . 33.86 11.28 -6.32
N9A FDA J . 33.61 12.70 -6.48
C8A FDA J . 32.48 13.12 -7.08
N7A FDA J . 32.58 14.49 -7.08
C5A FDA J . 33.77 14.85 -6.48
C6A FDA J . 34.42 16.07 -6.28
N6A FDA J . 33.89 17.26 -6.63
N1A FDA J . 35.57 16.04 -5.60
C2A FDA J . 36.25 14.90 -5.24
N3A FDA J . 35.63 13.71 -5.47
C4A FDA J . 34.46 13.69 -6.11
N1 FDA J . 28.69 -1.21 -13.20
C2 FDA J . 29.06 -2.24 -14.02
O2 FDA J . 29.80 -2.04 -15.03
N3 FDA J . 28.53 -3.44 -13.68
C4 FDA J . 27.81 -3.80 -12.52
O4 FDA J . 27.35 -4.96 -12.36
C4X FDA J . 27.26 -2.61 -11.86
N5 FDA J . 26.29 -2.66 -10.91
C5X FDA J . 25.85 -1.59 -10.22
C6 FDA J . 24.94 -1.79 -9.09
C7 FDA J . 24.68 -0.72 -8.26
C7M FDA J . 23.42 -0.74 -7.46
C8 FDA J . 25.49 0.46 -8.33
C8M FDA J . 25.32 1.62 -7.33
C9 FDA J . 26.31 0.65 -9.47
C9A FDA J . 26.64 -0.41 -10.29
N10 FDA J . 27.50 -0.24 -11.43
C10 FDA J . 27.68 -1.31 -12.32
C1' FDA J . 28.17 1.08 -11.75
C2' FDA J . 29.66 1.15 -11.41
O2' FDA J . 29.80 0.96 -9.98
C3' FDA J . 30.25 2.45 -11.86
O3' FDA J . 30.15 2.50 -13.31
C4' FDA J . 31.69 2.63 -11.43
O4' FDA J . 31.79 2.70 -10.03
C5' FDA J . 32.18 3.96 -12.07
O5' FDA J . 33.49 4.22 -11.68
P FDA J . 34.06 5.71 -11.56
O1P FDA J . 35.37 5.53 -10.92
O2P FDA J . 33.97 6.40 -12.93
O3P FDA J . 32.97 6.58 -10.76
C1 G3F K . 23.22 -1.44 -12.75
O1 G3F K . 23.96 -0.35 -12.11
C2 G3F K . 24.12 -2.68 -12.92
O2 G3F K . 24.92 -2.49 -14.05
C3 G3F K . 23.33 -3.98 -13.11
F3 G3F K . 24.19 -5.05 -13.28
C4 G3F K . 22.47 -4.18 -11.85
O4 G3F K . 21.74 -5.43 -11.90
C5 G3F K . 21.48 -3.05 -11.70
O5 G3F K . 22.06 -1.73 -11.95
C6 G3F K . 20.84 -3.08 -10.30
O6 G3F K . 19.75 -2.09 -10.37
MN MN L . 16.21 6.25 -20.43
PA FDA M . -30.44 15.19 -1.56
O1A FDA M . -29.06 15.50 -1.98
O2A FDA M . -30.63 13.95 -0.65
O5B FDA M . -31.43 14.92 -2.74
C5B FDA M . -31.44 16.00 -3.65
C4B FDA M . -31.80 15.50 -5.02
O4B FDA M . -32.06 16.42 -6.05
C3B FDA M . -31.09 14.24 -5.58
O3B FDA M . -31.80 13.08 -5.65
C2B FDA M . -30.69 14.72 -6.91
O2B FDA M . -30.26 13.85 -7.92
C1B FDA M . -31.55 15.86 -7.21
N9A FDA M . -31.12 16.82 -8.20
C8A FDA M . -29.93 17.38 -8.16
N7A FDA M . -29.89 18.26 -9.24
C5A FDA M . -31.02 18.14 -9.94
C6A FDA M . -31.52 18.85 -11.11
N6A FDA M . -30.80 19.71 -11.79
N1A FDA M . -32.76 18.50 -11.53
C2A FDA M . -33.55 17.55 -10.86
N3A FDA M . -33.03 16.93 -9.72
C4A FDA M . -31.84 17.27 -9.28
N1 FDA M . -27.52 13.19 7.24
C2 FDA M . -27.87 13.30 8.49
O2 FDA M . -28.67 14.22 8.79
N3 FDA M . -27.64 12.18 9.25
C4 FDA M . -26.84 11.13 8.88
O4 FDA M . -26.75 10.06 9.57
C4X FDA M . -26.26 11.10 7.56
N5 FDA M . -25.42 10.14 7.06
C5X FDA M . -25.01 10.25 5.79
C6 FDA M . -24.11 9.28 5.28
C7 FDA M . -23.80 9.17 3.94
C7M FDA M . -22.62 8.30 3.55
C8 FDA M . -24.33 10.10 3.03
C8M FDA M . -24.19 9.79 1.53
C9 FDA M . -25.27 11.02 3.49
C9A FDA M . -25.53 11.21 4.88
N10 FDA M . -26.32 12.25 5.41
C10 FDA M . -26.63 12.25 6.76
C1' FDA M . -26.74 13.38 4.50
C2' FDA M . -28.22 13.36 4.11
O2' FDA M . -28.40 12.18 3.36
C3' FDA M . -28.66 14.63 3.40
O3' FDA M . -28.57 15.65 4.40
C4' FDA M . -30.09 14.58 2.85
O4' FDA M . -30.28 13.52 1.88
C5' FDA M . -30.44 15.89 2.14
O5' FDA M . -31.72 15.79 1.64
P FDA M . -32.04 16.74 0.35
O1P FDA M . -33.37 16.26 -0.04
O2P FDA M . -31.71 18.18 0.70
O3P FDA M . -30.92 16.50 -0.80
C1 G3F N . -22.16 11.94 7.74
O1 G3F N . -22.85 12.31 6.52
C2 G3F N . -23.20 11.36 8.72
O2 G3F N . -23.99 12.36 9.28
C3 G3F N . -22.63 10.55 9.87
F3 G3F N . -23.59 10.04 10.79
C4 G3F N . -21.75 9.44 9.25
O4 G3F N . -21.13 8.73 10.36
C5 G3F N . -20.71 9.98 8.27
O5 G3F N . -21.15 10.99 7.36
C6 G3F N . -20.02 8.96 7.34
O6 G3F N . -19.01 9.76 6.62
MN MN O . -13.83 21.82 6.40
PA FDA P . -27.56 -16.82 -11.13
O1A FDA P . -26.50 -16.98 -10.17
O2A FDA P . -27.48 -15.60 -12.04
O5B FDA P . -28.92 -16.73 -10.41
C5B FDA P . -29.32 -17.71 -9.53
C4B FDA P . -30.23 -17.22 -8.42
O4B FDA P . -30.85 -18.17 -7.56
C3B FDA P . -29.90 -15.96 -7.66
O3B FDA P . -30.64 -14.80 -7.98
C2B FDA P . -29.93 -16.42 -6.27
O2B FDA P . -30.16 -15.45 -5.31
C1B FDA P . -30.90 -17.60 -6.24
N9A FDA P . -30.84 -18.56 -5.17
C8A FDA P . -29.68 -19.03 -4.69
N7A FDA P . -30.00 -19.93 -3.67
C5A FDA P . -31.36 -19.92 -3.54
C6A FDA P . -32.23 -20.55 -2.73
N6A FDA P . -31.82 -21.50 -1.78
N1A FDA P . -33.53 -20.29 -2.92
C2A FDA P . -34.05 -19.39 -3.83
N3A FDA P . -33.18 -18.76 -4.61
C4A FDA P . -31.88 -19.02 -4.47
N1 FDA P . -21.37 -14.78 -17.83
C2 FDA P . -21.35 -14.78 -19.14
O2 FDA P . -21.63 -15.83 -19.76
N3 FDA P . -20.88 -13.65 -19.79
C4 FDA P . -20.50 -12.49 -19.18
O4 FDA P . -19.89 -11.67 -19.94
C4X FDA P . -20.29 -12.61 -17.70
N5 FDA P . -19.75 -11.66 -16.95
C5X FDA P . -20.02 -11.53 -15.67
C6 FDA P . -19.30 -10.57 -14.88
C7 FDA P . -19.61 -10.38 -13.54
C7M FDA P . -18.72 -9.52 -12.69
C8 FDA P . -20.48 -11.28 -12.92
C8M FDA P . -20.96 -11.07 -11.50
C9 FDA P . -21.02 -12.37 -13.68
C9A FDA P . -20.79 -12.52 -15.04
N10 FDA P . -21.18 -13.65 -15.77
C10 FDA P . -20.88 -13.74 -17.09
C1' FDA P . -21.90 -14.80 -15.19
C2' FDA P . -23.39 -14.79 -15.44
O2' FDA P . -23.97 -13.68 -14.78
C3' FDA P . -23.94 -16.12 -14.91
O3' FDA P . -23.38 -17.19 -15.73
C4' FDA P . -25.46 -16.18 -14.99
O4' FDA P . -26.08 -15.17 -14.24
C5' FDA P . -25.85 -17.56 -14.50
O5' FDA P . -27.27 -17.57 -14.39
P FDA P . -28.16 -18.53 -13.45
O1P FDA P . -29.58 -18.11 -13.48
O2P FDA P . -27.80 -20.03 -13.61
O3P FDA P . -27.63 -18.16 -12.00
C1 G3F Q . -16.40 -13.14 -16.15
O1 G3F Q . -17.45 -13.67 -15.32
C2 G3F Q . -17.03 -12.64 -17.47
O2 G3F Q . -17.59 -13.70 -18.20
C3 G3F Q . -16.12 -11.81 -18.37
F3 G3F Q . -16.79 -11.33 -19.54
C4 G3F Q . -15.61 -10.66 -17.49
O4 G3F Q . -14.60 -9.92 -18.18
C5 G3F Q . -15.06 -11.09 -16.13
O5 G3F Q . -15.95 -12.00 -15.47
C6 G3F Q . -14.83 -9.89 -15.24
O6 G3F Q . -14.05 -10.34 -14.11
MN MN R . -36.32 -32.88 -26.02
MN MN S . -34.15 -29.63 -28.11
MN MN T . -8.87 -22.50 -11.33
#